data_3ULX
# 
_entry.id   3ULX 
# 
_audit_conform.dict_name       mmcif_pdbx.dic 
_audit_conform.dict_version    5.380 
_audit_conform.dict_location   http://mmcif.pdb.org/dictionaries/ascii/mmcif_pdbx.dic 
# 
loop_
_database_2.database_id 
_database_2.database_code 
_database_2.pdbx_database_accession 
_database_2.pdbx_DOI 
PDB   3ULX         pdb_00003ulx 10.2210/pdb3ulx/pdb 
RCSB  RCSB068918   ?            ?                   
WWPDB D_1000068918 ?            ?                   
# 
_pdbx_database_status.status_code                     REL 
_pdbx_database_status.entry_id                        3ULX 
_pdbx_database_status.recvd_initial_deposition_date   2011-11-11 
_pdbx_database_status.deposit_site                    RCSB 
_pdbx_database_status.process_site                    PDBJ 
_pdbx_database_status.status_code_sf                  REL 
_pdbx_database_status.status_code_mr                  ? 
_pdbx_database_status.SG_entry                        ? 
_pdbx_database_status.status_code_cs                  ? 
_pdbx_database_status.pdb_format_compatible           Y 
_pdbx_database_status.status_code_nmr_data            ? 
_pdbx_database_status.methods_development_category    ? 
# 
loop_
_audit_author.name 
_audit_author.pdbx_ordinal 
'Lou, Z.Y.'   1 
'Chen, Q.F.'  2 
'Wang, Q.'    3 
'Xiong, L.Z.' 4 
# 
_citation.id                        primary 
_citation.title                     'A structural view of the conserved domain of Rice Stress-responsive NAC1' 
_citation.journal_abbrev            'To be Published' 
_citation.journal_volume            ? 
_citation.page_first                ? 
_citation.page_last                 ? 
_citation.year                      ? 
_citation.journal_id_ASTM           ? 
_citation.country                   ? 
_citation.journal_id_ISSN           ? 
_citation.journal_id_CSD            0353 
_citation.book_publisher            ? 
_citation.pdbx_database_id_PubMed   ? 
_citation.pdbx_database_id_DOI      ? 
# 
loop_
_citation_author.citation_id 
_citation_author.name 
_citation_author.ordinal 
_citation_author.identifier_ORCID 
primary 'Lou, Z.Y.'   1 ? 
primary 'Chen, Q.F.'  2 ? 
primary 'Wang, Q.'    3 ? 
primary 'Xiong, L.Z.' 4 ? 
# 
_cell.entry_id           3ULX 
_cell.length_a           45.972 
_cell.length_b           45.972 
_cell.length_c           176.494 
_cell.angle_alpha        90.00 
_cell.angle_beta         90.00 
_cell.angle_gamma        90.00 
_cell.Z_PDB              8 
_cell.pdbx_unique_axis   ? 
_cell.length_a_esd       ? 
_cell.length_b_esd       ? 
_cell.length_c_esd       ? 
_cell.angle_alpha_esd    ? 
_cell.angle_beta_esd     ? 
_cell.angle_gamma_esd    ? 
# 
_symmetry.entry_id                         3ULX 
_symmetry.space_group_name_H-M             'P 41 21 2' 
_symmetry.pdbx_full_space_group_name_H-M   ? 
_symmetry.cell_setting                     ? 
_symmetry.Int_Tables_number                92 
_symmetry.space_group_name_Hall            ? 
# 
loop_
_entity.id 
_entity.type 
_entity.src_method 
_entity.pdbx_description 
_entity.formula_weight 
_entity.pdbx_number_of_molecules 
_entity.pdbx_ec 
_entity.pdbx_mutation 
_entity.pdbx_fragment 
_entity.details 
1 polymer man 'Stress-induced transcription factor NAC1' 20028.951 1  ? ? 'UNP residues 1-174' ? 
2 water   nat water                                      18.015    50 ? ? ?                    ? 
# 
_entity_poly.entity_id                      1 
_entity_poly.type                           'polypeptide(L)' 
_entity_poly.nstd_linkage                   no 
_entity_poly.nstd_monomer                   no 
_entity_poly.pdbx_seq_one_letter_code       
;MGMRRERDAEAELNLPPGFRFHPTDDELVEHYLCRKAAGQRLPVPIIAEVDLYKFDPWDLPERALFGAREWYFFTPRDRK
YPNGSRPNRAAGNGYWKATGADKPVAPRGRTLGIKKALVFYAGKAPRGVKTDWIMHEYRLADAGRAAAGAKKGSLRLDDW
VLCRLYNKKNEWEK
;
_entity_poly.pdbx_seq_one_letter_code_can   
;MGMRRERDAEAELNLPPGFRFHPTDDELVEHYLCRKAAGQRLPVPIIAEVDLYKFDPWDLPERALFGAREWYFFTPRDRK
YPNGSRPNRAAGNGYWKATGADKPVAPRGRTLGIKKALVFYAGKAPRGVKTDWIMHEYRLADAGRAAAGAKKGSLRLDDW
VLCRLYNKKNEWEK
;
_entity_poly.pdbx_strand_id                 A 
_entity_poly.pdbx_target_identifier         ? 
# 
loop_
_entity_poly_seq.entity_id 
_entity_poly_seq.num 
_entity_poly_seq.mon_id 
_entity_poly_seq.hetero 
1 1   MET n 
1 2   GLY n 
1 3   MET n 
1 4   ARG n 
1 5   ARG n 
1 6   GLU n 
1 7   ARG n 
1 8   ASP n 
1 9   ALA n 
1 10  GLU n 
1 11  ALA n 
1 12  GLU n 
1 13  LEU n 
1 14  ASN n 
1 15  LEU n 
1 16  PRO n 
1 17  PRO n 
1 18  GLY n 
1 19  PHE n 
1 20  ARG n 
1 21  PHE n 
1 22  HIS n 
1 23  PRO n 
1 24  THR n 
1 25  ASP n 
1 26  ASP n 
1 27  GLU n 
1 28  LEU n 
1 29  VAL n 
1 30  GLU n 
1 31  HIS n 
1 32  TYR n 
1 33  LEU n 
1 34  CYS n 
1 35  ARG n 
1 36  LYS n 
1 37  ALA n 
1 38  ALA n 
1 39  GLY n 
1 40  GLN n 
1 41  ARG n 
1 42  LEU n 
1 43  PRO n 
1 44  VAL n 
1 45  PRO n 
1 46  ILE n 
1 47  ILE n 
1 48  ALA n 
1 49  GLU n 
1 50  VAL n 
1 51  ASP n 
1 52  LEU n 
1 53  TYR n 
1 54  LYS n 
1 55  PHE n 
1 56  ASP n 
1 57  PRO n 
1 58  TRP n 
1 59  ASP n 
1 60  LEU n 
1 61  PRO n 
1 62  GLU n 
1 63  ARG n 
1 64  ALA n 
1 65  LEU n 
1 66  PHE n 
1 67  GLY n 
1 68  ALA n 
1 69  ARG n 
1 70  GLU n 
1 71  TRP n 
1 72  TYR n 
1 73  PHE n 
1 74  PHE n 
1 75  THR n 
1 76  PRO n 
1 77  ARG n 
1 78  ASP n 
1 79  ARG n 
1 80  LYS n 
1 81  TYR n 
1 82  PRO n 
1 83  ASN n 
1 84  GLY n 
1 85  SER n 
1 86  ARG n 
1 87  PRO n 
1 88  ASN n 
1 89  ARG n 
1 90  ALA n 
1 91  ALA n 
1 92  GLY n 
1 93  ASN n 
1 94  GLY n 
1 95  TYR n 
1 96  TRP n 
1 97  LYS n 
1 98  ALA n 
1 99  THR n 
1 100 GLY n 
1 101 ALA n 
1 102 ASP n 
1 103 LYS n 
1 104 PRO n 
1 105 VAL n 
1 106 ALA n 
1 107 PRO n 
1 108 ARG n 
1 109 GLY n 
1 110 ARG n 
1 111 THR n 
1 112 LEU n 
1 113 GLY n 
1 114 ILE n 
1 115 LYS n 
1 116 LYS n 
1 117 ALA n 
1 118 LEU n 
1 119 VAL n 
1 120 PHE n 
1 121 TYR n 
1 122 ALA n 
1 123 GLY n 
1 124 LYS n 
1 125 ALA n 
1 126 PRO n 
1 127 ARG n 
1 128 GLY n 
1 129 VAL n 
1 130 LYS n 
1 131 THR n 
1 132 ASP n 
1 133 TRP n 
1 134 ILE n 
1 135 MET n 
1 136 HIS n 
1 137 GLU n 
1 138 TYR n 
1 139 ARG n 
1 140 LEU n 
1 141 ALA n 
1 142 ASP n 
1 143 ALA n 
1 144 GLY n 
1 145 ARG n 
1 146 ALA n 
1 147 ALA n 
1 148 ALA n 
1 149 GLY n 
1 150 ALA n 
1 151 LYS n 
1 152 LYS n 
1 153 GLY n 
1 154 SER n 
1 155 LEU n 
1 156 ARG n 
1 157 LEU n 
1 158 ASP n 
1 159 ASP n 
1 160 TRP n 
1 161 VAL n 
1 162 LEU n 
1 163 CYS n 
1 164 ARG n 
1 165 LEU n 
1 166 TYR n 
1 167 ASN n 
1 168 LYS n 
1 169 LYS n 
1 170 ASN n 
1 171 GLU n 
1 172 TRP n 
1 173 GLU n 
1 174 LYS n 
# 
_entity_src_gen.entity_id                          1 
_entity_src_gen.pdbx_src_id                        1 
_entity_src_gen.pdbx_alt_source_flag               sample 
_entity_src_gen.pdbx_seq_type                      ? 
_entity_src_gen.pdbx_beg_seq_num                   ? 
_entity_src_gen.pdbx_end_seq_num                   ? 
_entity_src_gen.gene_src_common_name               Rice 
_entity_src_gen.gene_src_genus                     ? 
_entity_src_gen.pdbx_gene_src_gene                 snac1 
_entity_src_gen.gene_src_species                   ? 
_entity_src_gen.gene_src_strain                    ? 
_entity_src_gen.gene_src_tissue                    ? 
_entity_src_gen.gene_src_tissue_fraction           ? 
_entity_src_gen.gene_src_details                   ? 
_entity_src_gen.pdbx_gene_src_fragment             ? 
_entity_src_gen.pdbx_gene_src_scientific_name      'Oryza sativa subsp. japonica' 
_entity_src_gen.pdbx_gene_src_ncbi_taxonomy_id     39947 
_entity_src_gen.pdbx_gene_src_variant              ? 
_entity_src_gen.pdbx_gene_src_cell_line            ? 
_entity_src_gen.pdbx_gene_src_atcc                 ? 
_entity_src_gen.pdbx_gene_src_organ                ? 
_entity_src_gen.pdbx_gene_src_organelle            ? 
_entity_src_gen.pdbx_gene_src_cell                 ? 
_entity_src_gen.pdbx_gene_src_cellular_location    ? 
_entity_src_gen.host_org_common_name               ? 
_entity_src_gen.pdbx_host_org_scientific_name      'Escherichia coli' 
_entity_src_gen.pdbx_host_org_ncbi_taxonomy_id     562 
_entity_src_gen.host_org_genus                     ? 
_entity_src_gen.pdbx_host_org_gene                 ? 
_entity_src_gen.pdbx_host_org_organ                ? 
_entity_src_gen.host_org_species                   ? 
_entity_src_gen.pdbx_host_org_tissue               ? 
_entity_src_gen.pdbx_host_org_tissue_fraction      ? 
_entity_src_gen.pdbx_host_org_strain               ? 
_entity_src_gen.pdbx_host_org_variant              ? 
_entity_src_gen.pdbx_host_org_cell_line            ? 
_entity_src_gen.pdbx_host_org_atcc                 ? 
_entity_src_gen.pdbx_host_org_culture_collection   ? 
_entity_src_gen.pdbx_host_org_cell                 ? 
_entity_src_gen.pdbx_host_org_organelle            ? 
_entity_src_gen.pdbx_host_org_cellular_location    ? 
_entity_src_gen.pdbx_host_org_vector_type          plasmid 
_entity_src_gen.pdbx_host_org_vector               ? 
_entity_src_gen.host_org_details                   ? 
_entity_src_gen.expression_system_id               ? 
_entity_src_gen.plasmid_name                       ? 
_entity_src_gen.plasmid_details                    ? 
_entity_src_gen.pdbx_description                   ? 
# 
_struct_ref.id                         1 
_struct_ref.db_name                    UNP 
_struct_ref.db_code                    Q27JE5_ORYSJ 
_struct_ref.pdbx_db_accession          Q27JE5 
_struct_ref.entity_id                  1 
_struct_ref.pdbx_seq_one_letter_code   
;MGMRRERDAEAELNLPPGFRFHPTDDELVEHYLCRKAAGQRLPVPIIAEVDLYKFDPWDLPERALFGAREWYFFTPRDRK
YPNGSRPNRAAGNGYWKATGADKPVAPRGRTLGIKKALVFYAGKAPRGVKTDWIMHEYRLADAGRAAAGAKKGSLRLDDW
VLCRLYNKKNEWEK
;
_struct_ref.pdbx_align_begin           1 
_struct_ref.pdbx_db_isoform            ? 
# 
_struct_ref_seq.align_id                      1 
_struct_ref_seq.ref_id                        1 
_struct_ref_seq.pdbx_PDB_id_code              3ULX 
_struct_ref_seq.pdbx_strand_id                A 
_struct_ref_seq.seq_align_beg                 1 
_struct_ref_seq.pdbx_seq_align_beg_ins_code   ? 
_struct_ref_seq.seq_align_end                 174 
_struct_ref_seq.pdbx_seq_align_end_ins_code   ? 
_struct_ref_seq.pdbx_db_accession             Q27JE5 
_struct_ref_seq.db_align_beg                  1 
_struct_ref_seq.pdbx_db_align_beg_ins_code    ? 
_struct_ref_seq.db_align_end                  174 
_struct_ref_seq.pdbx_db_align_end_ins_code    ? 
_struct_ref_seq.pdbx_auth_seq_align_beg       0 
_struct_ref_seq.pdbx_auth_seq_align_end       173 
# 
loop_
_chem_comp.id 
_chem_comp.type 
_chem_comp.mon_nstd_flag 
_chem_comp.name 
_chem_comp.pdbx_synonyms 
_chem_comp.formula 
_chem_comp.formula_weight 
ALA 'L-peptide linking' y ALANINE         ? 'C3 H7 N O2'     89.093  
ARG 'L-peptide linking' y ARGININE        ? 'C6 H15 N4 O2 1' 175.209 
ASN 'L-peptide linking' y ASPARAGINE      ? 'C4 H8 N2 O3'    132.118 
ASP 'L-peptide linking' y 'ASPARTIC ACID' ? 'C4 H7 N O4'     133.103 
CYS 'L-peptide linking' y CYSTEINE        ? 'C3 H7 N O2 S'   121.158 
GLN 'L-peptide linking' y GLUTAMINE       ? 'C5 H10 N2 O3'   146.144 
GLU 'L-peptide linking' y 'GLUTAMIC ACID' ? 'C5 H9 N O4'     147.129 
GLY 'peptide linking'   y GLYCINE         ? 'C2 H5 N O2'     75.067  
HIS 'L-peptide linking' y HISTIDINE       ? 'C6 H10 N3 O2 1' 156.162 
HOH non-polymer         . WATER           ? 'H2 O'           18.015  
ILE 'L-peptide linking' y ISOLEUCINE      ? 'C6 H13 N O2'    131.173 
LEU 'L-peptide linking' y LEUCINE         ? 'C6 H13 N O2'    131.173 
LYS 'L-peptide linking' y LYSINE          ? 'C6 H15 N2 O2 1' 147.195 
MET 'L-peptide linking' y METHIONINE      ? 'C5 H11 N O2 S'  149.211 
PHE 'L-peptide linking' y PHENYLALANINE   ? 'C9 H11 N O2'    165.189 
PRO 'L-peptide linking' y PROLINE         ? 'C5 H9 N O2'     115.130 
SER 'L-peptide linking' y SERINE          ? 'C3 H7 N O3'     105.093 
THR 'L-peptide linking' y THREONINE       ? 'C4 H9 N O3'     119.119 
TRP 'L-peptide linking' y TRYPTOPHAN      ? 'C11 H12 N2 O2'  204.225 
TYR 'L-peptide linking' y TYROSINE        ? 'C9 H11 N O3'    181.189 
VAL 'L-peptide linking' y VALINE          ? 'C5 H11 N O2'    117.146 
# 
_exptl.entry_id          3ULX 
_exptl.method            'X-RAY DIFFRACTION' 
_exptl.crystals_number   1 
# 
_exptl_crystal.id                    1 
_exptl_crystal.density_meas          ? 
_exptl_crystal.density_Matthews      2.33 
_exptl_crystal.density_percent_sol   47.16 
_exptl_crystal.description           ? 
_exptl_crystal.F_000                 ? 
_exptl_crystal.preparation           ? 
# 
_exptl_crystal_grow.crystal_id      1 
_exptl_crystal_grow.method          'VAPOR DIFFUSION, HANGING DROP' 
_exptl_crystal_grow.temp            291 
_exptl_crystal_grow.temp_details    ? 
_exptl_crystal_grow.pH              7.5 
_exptl_crystal_grow.pdbx_details    '0.1M HEPES, 1.5M ammonium sulfate, pH 7.5, VAPOR DIFFUSION, HANGING DROP, temperature 291K' 
_exptl_crystal_grow.pdbx_pH_range   . 
# 
_diffrn.id                     1 
_diffrn.ambient_temp           100 
_diffrn.ambient_temp_details   ? 
_diffrn.crystal_id             1 
# 
_diffrn_detector.diffrn_id              1 
_diffrn_detector.detector               CCD 
_diffrn_detector.type                   'ADSC QUANTUM 315' 
_diffrn_detector.pdbx_collection_date   2010-11-07 
_diffrn_detector.details                ? 
# 
_diffrn_radiation.diffrn_id                        1 
_diffrn_radiation.wavelength_id                    1 
_diffrn_radiation.pdbx_monochromatic_or_laue_m_l   M 
_diffrn_radiation.monochromator                    ? 
_diffrn_radiation.pdbx_diffrn_protocol             'SINGLE WAVELENGTH' 
_diffrn_radiation.pdbx_scattering_type             x-ray 
# 
_diffrn_radiation_wavelength.id           1 
_diffrn_radiation_wavelength.wavelength   1.0000 
_diffrn_radiation_wavelength.wt           1.0 
# 
_diffrn_source.diffrn_id                   1 
_diffrn_source.source                      SYNCHROTRON 
_diffrn_source.type                        'PHOTON FACTORY BEAMLINE BL-17A' 
_diffrn_source.pdbx_synchrotron_site       'Photon Factory' 
_diffrn_source.pdbx_synchrotron_beamline   BL-17A 
_diffrn_source.pdbx_wavelength             ? 
_diffrn_source.pdbx_wavelength_list        1.0000 
# 
_reflns.entry_id                     3ULX 
_reflns.observed_criterion_sigma_I   0 
_reflns.observed_criterion_sigma_F   0 
_reflns.d_resolution_low             50.0 
_reflns.d_resolution_high            2.6 
_reflns.number_obs                   6435 
_reflns.number_all                   6433 
_reflns.percent_possible_obs         100.0 
_reflns.pdbx_Rmerge_I_obs            ? 
_reflns.pdbx_Rsym_value              ? 
_reflns.pdbx_netI_over_sigmaI        ? 
_reflns.B_iso_Wilson_estimate        57.30 
_reflns.pdbx_redundancy              ? 
_reflns.R_free_details               ? 
_reflns.limit_h_max                  ? 
_reflns.limit_h_min                  ? 
_reflns.limit_k_max                  ? 
_reflns.limit_k_min                  ? 
_reflns.limit_l_max                  ? 
_reflns.limit_l_min                  ? 
_reflns.observed_criterion_F_max     ? 
_reflns.observed_criterion_F_min     ? 
_reflns.pdbx_chi_squared             ? 
_reflns.pdbx_scaling_rejects         ? 
_reflns.pdbx_ordinal                 1 
_reflns.pdbx_diffrn_id               1 
# 
_refine.entry_id                                 3ULX 
_refine.ls_number_reflns_obs                     6368 
_refine.ls_number_reflns_all                     ? 
_refine.pdbx_ls_sigma_I                          ? 
_refine.pdbx_ls_sigma_F                          1.35 
_refine.pdbx_data_cutoff_high_absF               ? 
_refine.pdbx_data_cutoff_low_absF                ? 
_refine.pdbx_data_cutoff_high_rms_absF           ? 
_refine.ls_d_res_low                             32.507 
_refine.ls_d_res_high                            2.600 
_refine.ls_percent_reflns_obs                    99.77 
_refine.ls_R_factor_obs                          0.2286 
_refine.ls_R_factor_all                          ? 
_refine.ls_R_factor_R_work                       0.2268 
_refine.ls_R_factor_R_free                       0.2760 
_refine.ls_R_factor_R_free_error                 ? 
_refine.ls_R_factor_R_free_error_details         ? 
_refine.ls_percent_reflns_R_free                 3.77 
_refine.ls_number_reflns_R_free                  240 
_refine.ls_number_parameters                     ? 
_refine.ls_number_restraints                     ? 
_refine.B_iso_max                                104.280 
_refine.B_iso_min                                20.000 
_refine.occupancy_max                            1.000 
_refine.occupancy_min                            1.000 
_refine.correlation_coeff_Fo_to_Fc               ? 
_refine.correlation_coeff_Fo_to_Fc_free          ? 
_refine.B_iso_mean                               55.8857 
_refine.aniso_B[1][1]                            5.2763 
_refine.aniso_B[2][2]                            5.2763 
_refine.aniso_B[3][3]                            -10.5526 
_refine.aniso_B[1][2]                            0.0000 
_refine.aniso_B[1][3]                            0.0000 
_refine.aniso_B[2][3]                            -0.0000 
_refine.solvent_model_details                    'FLAT BULK SOLVENT MODEL' 
_refine.solvent_model_param_ksol                 0.373 
_refine.solvent_model_param_bsol                 63.391 
_refine.pdbx_solvent_vdw_probe_radii             1.11 
_refine.pdbx_solvent_ion_probe_radii             ? 
_refine.pdbx_solvent_shrinkage_radii             0.90 
_refine.pdbx_ls_cross_valid_method               ? 
_refine.details                                  ? 
_refine.pdbx_starting_model                      'PDB ENTRY 1UT4' 
_refine.pdbx_method_to_determine_struct          'MOLECULAR REPLACEMENT' 
_refine.pdbx_isotropic_thermal_model             ? 
_refine.pdbx_stereochemistry_target_values       ML 
_refine.pdbx_stereochem_target_val_spec_case     ? 
_refine.pdbx_R_Free_selection_details            random 
_refine.pdbx_overall_ESU_R_Free                  ? 
_refine.overall_SU_ML                            0.59 
_refine.pdbx_overall_phase_error                 26.50 
_refine.overall_SU_B                             ? 
_refine.overall_SU_R_Cruickshank_DPI             ? 
_refine.ls_redundancy_reflns_obs                 ? 
_refine.overall_SU_R_free                        ? 
_refine.pdbx_overall_ESU_R                       ? 
_refine.ls_wR_factor_R_free                      ? 
_refine.ls_wR_factor_R_work                      ? 
_refine.overall_FOM_free_R_set                   ? 
_refine.overall_FOM_work_R_set                   0.7813 
_refine.pdbx_diffrn_id                           1 
_refine.pdbx_refine_id                           'X-RAY DIFFRACTION' 
_refine.pdbx_TLS_residual_ADP_flag               ? 
_refine.pdbx_overall_SU_R_free_Cruickshank_DPI   ? 
_refine.pdbx_overall_SU_R_Blow_DPI               ? 
_refine.pdbx_overall_SU_R_free_Blow_DPI          ? 
# 
_refine_hist.pdbx_refine_id                   'X-RAY DIFFRACTION' 
_refine_hist.cycle_id                         LAST 
_refine_hist.pdbx_number_atoms_protein        1191 
_refine_hist.pdbx_number_atoms_nucleic_acid   0 
_refine_hist.pdbx_number_atoms_ligand         0 
_refine_hist.number_atoms_solvent             50 
_refine_hist.number_atoms_total               1241 
_refine_hist.d_res_high                       2.600 
_refine_hist.d_res_low                        32.507 
# 
loop_
_refine_ls_restr.type 
_refine_ls_restr.dev_ideal 
_refine_ls_restr.dev_ideal_target 
_refine_ls_restr.weight 
_refine_ls_restr.number 
_refine_ls_restr.pdbx_restraint_function 
_refine_ls_restr.pdbx_refine_id 
f_bond_d           0.011  ? ? 1231 ? 'X-RAY DIFFRACTION' 
f_angle_d          1.547  ? ? 1668 ? 'X-RAY DIFFRACTION' 
f_dihedral_angle_d 19.178 ? ? 457  ? 'X-RAY DIFFRACTION' 
f_chiral_restr     0.118  ? ? 167  ? 'X-RAY DIFFRACTION' 
f_plane_restr      0.007  ? ? 217  ? 'X-RAY DIFFRACTION' 
# 
loop_
_refine_ls_shell.pdbx_refine_id 
_refine_ls_shell.pdbx_total_number_of_bins_used 
_refine_ls_shell.d_res_high 
_refine_ls_shell.d_res_low 
_refine_ls_shell.number_reflns_R_work 
_refine_ls_shell.R_factor_R_work 
_refine_ls_shell.percent_reflns_obs 
_refine_ls_shell.R_factor_R_free 
_refine_ls_shell.R_factor_R_free_error 
_refine_ls_shell.percent_reflns_R_free 
_refine_ls_shell.number_reflns_R_free 
_refine_ls_shell.number_reflns_all 
_refine_ls_shell.R_factor_all 
_refine_ls_shell.number_reflns_obs 
_refine_ls_shell.redundancy_reflns_obs 
'X-RAY DIFFRACTION' 2 2.6003 3.2756  2957 0.2462 100.00 0.3339 . . 122 . . . . 
'X-RAY DIFFRACTION' 2 3.2756 32.5096 3171 0.2209 100.00 0.2571 . . 118 . . . . 
# 
_struct.entry_id                  3ULX 
_struct.title                     'Crystal structural of the conserved domain of Rice Stress-responsive NAC1' 
_struct.pdbx_model_details        ? 
_struct.pdbx_CASP_flag            ? 
_struct.pdbx_model_type_details   ? 
# 
_struct_keywords.entry_id        3ULX 
_struct_keywords.pdbx_keywords   'DNA BINDING PROTEIN' 
_struct_keywords.text            'NAC family, Stress-responsive, DNA BINDING PROTEIN' 
# 
loop_
_struct_asym.id 
_struct_asym.pdbx_blank_PDB_chainid_flag 
_struct_asym.pdbx_modified 
_struct_asym.entity_id 
_struct_asym.details 
A N N 1 ? 
B N N 2 ? 
# 
_struct_biol.id        1 
_struct_biol.details   ? 
# 
loop_
_struct_conf.conf_type_id 
_struct_conf.id 
_struct_conf.pdbx_PDB_helix_id 
_struct_conf.beg_label_comp_id 
_struct_conf.beg_label_asym_id 
_struct_conf.beg_label_seq_id 
_struct_conf.pdbx_beg_PDB_ins_code 
_struct_conf.end_label_comp_id 
_struct_conf.end_label_asym_id 
_struct_conf.end_label_seq_id 
_struct_conf.pdbx_end_PDB_ins_code 
_struct_conf.beg_auth_comp_id 
_struct_conf.beg_auth_asym_id 
_struct_conf.beg_auth_seq_id 
_struct_conf.end_auth_comp_id 
_struct_conf.end_auth_asym_id 
_struct_conf.end_auth_seq_id 
_struct_conf.pdbx_PDB_helix_class 
_struct_conf.details 
_struct_conf.pdbx_PDB_helix_length 
HELX_P HELX_P1 1 THR A 24 ? TYR A 32 ? THR A 23 TYR A 31 1 ? 9 
HELX_P HELX_P2 2 TYR A 32 ? ALA A 38 ? TYR A 31 ALA A 37 1 ? 7 
HELX_P HELX_P3 3 ASP A 51 ? PHE A 55 ? ASP A 50 PHE A 54 5 ? 5 
HELX_P HELX_P4 4 ASP A 56 ? ALA A 64 ? ASP A 55 ALA A 63 5 ? 9 
# 
_struct_conf_type.id          HELX_P 
_struct_conf_type.criteria    ? 
_struct_conf_type.reference   ? 
# 
loop_
_struct_mon_prot_cis.pdbx_id 
_struct_mon_prot_cis.label_comp_id 
_struct_mon_prot_cis.label_seq_id 
_struct_mon_prot_cis.label_asym_id 
_struct_mon_prot_cis.label_alt_id 
_struct_mon_prot_cis.pdbx_PDB_ins_code 
_struct_mon_prot_cis.auth_comp_id 
_struct_mon_prot_cis.auth_seq_id 
_struct_mon_prot_cis.auth_asym_id 
_struct_mon_prot_cis.pdbx_label_comp_id_2 
_struct_mon_prot_cis.pdbx_label_seq_id_2 
_struct_mon_prot_cis.pdbx_label_asym_id_2 
_struct_mon_prot_cis.pdbx_PDB_ins_code_2 
_struct_mon_prot_cis.pdbx_auth_comp_id_2 
_struct_mon_prot_cis.pdbx_auth_seq_id_2 
_struct_mon_prot_cis.pdbx_auth_asym_id_2 
_struct_mon_prot_cis.pdbx_PDB_model_num 
_struct_mon_prot_cis.pdbx_omega_angle 
1 GLU 62  A . ? GLU 61  A ARG 63  A ? ARG 62  A 1 -8.14 
2 ALA 125 A . ? ALA 124 A PRO 126 A ? PRO 125 A 1 -8.63 
3 ASP 158 A . ? ASP 157 A ASP 159 A ? ASP 158 A 1 7.85  
# 
loop_
_struct_sheet.id 
_struct_sheet.type 
_struct_sheet.number_strands 
_struct_sheet.details 
A ? 7 ? 
B ? 6 ? 
# 
loop_
_struct_sheet_order.sheet_id 
_struct_sheet_order.range_id_1 
_struct_sheet_order.range_id_2 
_struct_sheet_order.offset 
_struct_sheet_order.sense 
A 1 2 ? parallel      
A 2 3 ? anti-parallel 
A 3 4 ? anti-parallel 
A 4 5 ? anti-parallel 
A 5 6 ? anti-parallel 
A 6 7 ? anti-parallel 
B 1 2 ? parallel      
B 2 3 ? anti-parallel 
B 3 4 ? anti-parallel 
B 4 5 ? anti-parallel 
B 5 6 ? anti-parallel 
# 
loop_
_struct_sheet_range.sheet_id 
_struct_sheet_range.id 
_struct_sheet_range.beg_label_comp_id 
_struct_sheet_range.beg_label_asym_id 
_struct_sheet_range.beg_label_seq_id 
_struct_sheet_range.pdbx_beg_PDB_ins_code 
_struct_sheet_range.end_label_comp_id 
_struct_sheet_range.end_label_asym_id 
_struct_sheet_range.end_label_seq_id 
_struct_sheet_range.pdbx_end_PDB_ins_code 
_struct_sheet_range.beg_auth_comp_id 
_struct_sheet_range.beg_auth_asym_id 
_struct_sheet_range.beg_auth_seq_id 
_struct_sheet_range.end_auth_comp_id 
_struct_sheet_range.end_auth_asym_id 
_struct_sheet_range.end_auth_seq_id 
A 1 ALA A 48  ? GLU A 49  ? ALA A 47  GLU A 48  
A 2 GLU A 70  ? PRO A 76  ? GLU A 69  PRO A 75  
A 3 TRP A 160 ? ASN A 167 ? TRP A 159 ASN A 166 
A 4 VAL A 129 ? LEU A 140 ? VAL A 128 LEU A 139 
A 5 GLY A 113 ? ALA A 122 ? GLY A 112 ALA A 121 
A 6 GLY A 94  ? ALA A 98  ? GLY A 93  ALA A 97  
A 7 ARG A 89  ? ALA A 91  ? ARG A 88  ALA A 90  
B 1 ALA A 48  ? GLU A 49  ? ALA A 47  GLU A 48  
B 2 GLU A 70  ? PRO A 76  ? GLU A 69  PRO A 75  
B 3 TRP A 160 ? ASN A 167 ? TRP A 159 ASN A 166 
B 4 VAL A 129 ? LEU A 140 ? VAL A 128 LEU A 139 
B 5 GLY A 113 ? ALA A 122 ? GLY A 112 ALA A 121 
B 6 LYS A 103 ? VAL A 105 ? LYS A 102 VAL A 104 
# 
loop_
_pdbx_struct_sheet_hbond.sheet_id 
_pdbx_struct_sheet_hbond.range_id_1 
_pdbx_struct_sheet_hbond.range_id_2 
_pdbx_struct_sheet_hbond.range_1_label_atom_id 
_pdbx_struct_sheet_hbond.range_1_label_comp_id 
_pdbx_struct_sheet_hbond.range_1_label_asym_id 
_pdbx_struct_sheet_hbond.range_1_label_seq_id 
_pdbx_struct_sheet_hbond.range_1_PDB_ins_code 
_pdbx_struct_sheet_hbond.range_1_auth_atom_id 
_pdbx_struct_sheet_hbond.range_1_auth_comp_id 
_pdbx_struct_sheet_hbond.range_1_auth_asym_id 
_pdbx_struct_sheet_hbond.range_1_auth_seq_id 
_pdbx_struct_sheet_hbond.range_2_label_atom_id 
_pdbx_struct_sheet_hbond.range_2_label_comp_id 
_pdbx_struct_sheet_hbond.range_2_label_asym_id 
_pdbx_struct_sheet_hbond.range_2_label_seq_id 
_pdbx_struct_sheet_hbond.range_2_PDB_ins_code 
_pdbx_struct_sheet_hbond.range_2_auth_atom_id 
_pdbx_struct_sheet_hbond.range_2_auth_comp_id 
_pdbx_struct_sheet_hbond.range_2_auth_asym_id 
_pdbx_struct_sheet_hbond.range_2_auth_seq_id 
A 1 2 N ALA A 48  ? N ALA A 47  O PHE A 74  ? O PHE A 73  
A 2 3 N TRP A 71  ? N TRP A 70  O LEU A 165 ? O LEU A 164 
A 3 4 O TYR A 166 ? O TYR A 165 N ILE A 134 ? N ILE A 133 
A 4 5 O MET A 135 ? O MET A 134 N LEU A 118 ? N LEU A 117 
A 5 6 O TYR A 121 ? O TYR A 120 N TYR A 95  ? N TYR A 94  
A 6 7 O TRP A 96  ? O TRP A 95  N ARG A 89  ? N ARG A 88  
B 1 2 N ALA A 48  ? N ALA A 47  O PHE A 74  ? O PHE A 73  
B 2 3 N TRP A 71  ? N TRP A 70  O LEU A 165 ? O LEU A 164 
B 3 4 O TYR A 166 ? O TYR A 165 N ILE A 134 ? N ILE A 133 
B 4 5 O MET A 135 ? O MET A 134 N LEU A 118 ? N LEU A 117 
B 5 6 O GLY A 113 ? O GLY A 112 N VAL A 105 ? N VAL A 104 
# 
_atom_sites.entry_id                    3ULX 
_atom_sites.fract_transf_matrix[1][1]   -0.01356160 
_atom_sites.fract_transf_matrix[1][2]   0.01084312 
_atom_sites.fract_transf_matrix[1][3]   -0.01310189 
_atom_sites.fract_transf_matrix[2][1]   0.00980137 
_atom_sites.fract_transf_matrix[2][2]   0.01867780 
_atom_sites.fract_transf_matrix[2][3]   0.00531247 
_atom_sites.fract_transf_matrix[3][1]   0.00362028 
_atom_sites.fract_transf_matrix[3][2]   -0.00067504 
_atom_sites.fract_transf_matrix[3][3]   -0.00430598 
_atom_sites.fract_transf_vector[1]      0.329822 
_atom_sites.fract_transf_vector[2]      0.107282 
_atom_sites.fract_transf_vector[3]      0.079065 
# 
loop_
_atom_type.symbol 
C 
N 
O 
S 
# 
loop_
_atom_site.group_PDB 
_atom_site.id 
_atom_site.type_symbol 
_atom_site.label_atom_id 
_atom_site.label_alt_id 
_atom_site.label_comp_id 
_atom_site.label_asym_id 
_atom_site.label_entity_id 
_atom_site.label_seq_id 
_atom_site.pdbx_PDB_ins_code 
_atom_site.Cartn_x 
_atom_site.Cartn_y 
_atom_site.Cartn_z 
_atom_site.occupancy 
_atom_site.B_iso_or_equiv 
_atom_site.pdbx_formal_charge 
_atom_site.auth_seq_id 
_atom_site.auth_comp_id 
_atom_site.auth_asym_id 
_atom_site.auth_atom_id 
_atom_site.pdbx_PDB_model_num 
ATOM   1    N N   . ALA A 1 9   ? -10.491 -9.181  9.886   1.00 62.62  ? 8   ALA A N   1 
ATOM   2    C CA  . ALA A 1 9   ? -11.382 -10.088 9.173   1.00 69.68  ? 8   ALA A CA  1 
ATOM   3    C C   . ALA A 1 9   ? -10.717 -11.458 9.015   1.00 78.60  ? 8   ALA A C   1 
ATOM   4    O O   . ALA A 1 9   ? -11.189 -12.316 8.254   1.00 82.65  ? 8   ALA A O   1 
ATOM   5    C CB  . ALA A 1 9   ? -11.760 -9.497  7.803   1.00 68.47  ? 8   ALA A CB  1 
ATOM   6    N N   . GLU A 1 10  ? -9.621  -11.643 9.749   1.00 76.36  ? 9   GLU A N   1 
ATOM   7    C CA  . GLU A 1 10  ? -8.722  -12.801 9.629   1.00 76.05  ? 9   GLU A CA  1 
ATOM   8    C C   . GLU A 1 10  ? -7.328  -12.387 10.150  1.00 77.33  ? 9   GLU A C   1 
ATOM   9    O O   . GLU A 1 10  ? -6.382  -13.186 10.200  1.00 71.31  ? 9   GLU A O   1 
ATOM   10   C CB  . GLU A 1 10  ? -8.645  -13.317 8.195   1.00 75.86  ? 9   GLU A CB  1 
ATOM   11   C CG  . GLU A 1 10  ? -7.802  -12.453 7.283   1.00 72.59  ? 9   GLU A CG  1 
ATOM   12   C CD  . GLU A 1 10  ? -6.316  -12.798 7.337   1.00 71.59  ? 9   GLU A CD  1 
ATOM   13   O OE1 . GLU A 1 10  ? -5.506  -12.012 6.801   1.00 72.55  ? 9   GLU A OE1 1 
ATOM   14   O OE2 . GLU A 1 10  ? -5.953  -13.854 7.899   1.00 77.04  ? 9   GLU A OE2 1 
ATOM   15   N N   . ALA A 1 11  ? -7.215  -11.107 10.503  1.00 77.08  ? 10  ALA A N   1 
ATOM   16   C CA  . ALA A 1 11  ? -6.403  -10.715 11.639  1.00 74.15  ? 10  ALA A CA  1 
ATOM   17   C C   . ALA A 1 11  ? -7.226  -11.233 12.830  1.00 77.57  ? 10  ALA A C   1 
ATOM   18   O O   . ALA A 1 11  ? -6.787  -11.192 13.983  1.00 81.73  ? 10  ALA A O   1 
ATOM   19   C CB  . ALA A 1 11  ? -6.241  -9.197  11.704  1.00 66.85  ? 10  ALA A CB  1 
ATOM   20   N N   . GLU A 1 12  ? -8.426  -11.729 12.511  1.00 76.06  ? 11  GLU A N   1 
ATOM   21   C CA  . GLU A 1 12  ? -9.347  -12.360 13.458  1.00 79.95  ? 11  GLU A CA  1 
ATOM   22   C C   . GLU A 1 12  ? -8.919  -13.768 13.893  1.00 82.82  ? 11  GLU A C   1 
ATOM   23   O O   . GLU A 1 12  ? -9.439  -14.309 14.877  1.00 85.26  ? 11  GLU A O   1 
ATOM   24   C CB  . GLU A 1 12  ? -10.762 -12.421 12.861  1.00 76.33  ? 11  GLU A CB  1 
ATOM   25   C CG  . GLU A 1 12  ? -11.703 -11.322 13.346  1.00 86.90  ? 11  GLU A CG  1 
ATOM   26   C CD  . GLU A 1 12  ? -12.867 -11.855 14.190  1.00 101.89 ? 11  GLU A CD  1 
ATOM   27   O OE1 . GLU A 1 12  ? -12.635 -12.318 15.339  1.00 93.57  ? 11  GLU A OE1 1 
ATOM   28   O OE2 . GLU A 1 12  ? -14.021 -11.804 13.698  1.00 104.28 ? 11  GLU A OE2 1 
ATOM   29   N N   . LEU A 1 13  ? -7.969  -14.358 13.172  1.00 79.72  ? 12  LEU A N   1 
ATOM   30   C CA  . LEU A 1 13  ? -7.537  -15.723 13.466  1.00 80.08  ? 12  LEU A CA  1 
ATOM   31   C C   . LEU A 1 13  ? -6.492  -15.857 14.591  1.00 82.07  ? 12  LEU A C   1 
ATOM   32   O O   . LEU A 1 13  ? -5.566  -16.663 14.442  1.00 76.98  ? 12  LEU A O   1 
ATOM   33   C CB  . LEU A 1 13  ? -7.004  -16.402 12.197  1.00 78.14  ? 12  LEU A CB  1 
ATOM   34   C CG  . LEU A 1 13  ? -7.766  -16.146 10.891  1.00 84.35  ? 12  LEU A CG  1 
ATOM   35   C CD1 . LEU A 1 13  ? -7.171  -16.943 9.712   1.00 73.39  ? 12  LEU A CD1 1 
ATOM   36   C CD2 . LEU A 1 13  ? -9.258  -16.435 11.069  1.00 82.06  ? 12  LEU A CD2 1 
ATOM   37   N N   . ASN A 1 14  ? -6.637  -15.108 15.703  1.00 84.37  ? 13  ASN A N   1 
ATOM   38   C CA  . ASN A 1 14  ? -5.675  -15.197 16.834  1.00 78.67  ? 13  ASN A CA  1 
ATOM   39   C C   . ASN A 1 14  ? -5.864  -14.375 18.143  1.00 73.32  ? 13  ASN A C   1 
ATOM   40   O O   . ASN A 1 14  ? -5.576  -14.877 19.235  1.00 72.51  ? 13  ASN A O   1 
ATOM   41   C CB  . ASN A 1 14  ? -4.231  -14.973 16.338  1.00 72.08  ? 13  ASN A CB  1 
ATOM   42   C CG  . ASN A 1 14  ? -4.159  -14.561 14.870  1.00 76.83  ? 13  ASN A CG  1 
ATOM   43   O OD1 . ASN A 1 14  ? -3.534  -15.241 14.058  1.00 81.17  ? 13  ASN A OD1 1 
ATOM   44   N ND2 . ASN A 1 14  ? -4.811  -13.456 14.523  1.00 76.89  ? 13  ASN A ND2 1 
ATOM   45   N N   . LEU A 1 15  ? -6.310  -13.126 18.038  1.00 69.35  ? 14  LEU A N   1 
ATOM   46   C CA  . LEU A 1 15  ? -5.895  -12.101 19.006  1.00 61.34  ? 14  LEU A CA  1 
ATOM   47   C C   . LEU A 1 15  ? -6.870  -11.669 20.117  1.00 63.59  ? 14  LEU A C   1 
ATOM   48   O O   . LEU A 1 15  ? -8.079  -11.867 20.022  1.00 61.78  ? 14  LEU A O   1 
ATOM   49   C CB  . LEU A 1 15  ? -5.472  -10.854 18.237  1.00 61.14  ? 14  LEU A CB  1 
ATOM   50   C CG  . LEU A 1 15  ? -4.400  -11.040 17.164  1.00 70.67  ? 14  LEU A CG  1 
ATOM   51   C CD1 . LEU A 1 15  ? -4.545  -9.971  16.081  1.00 66.82  ? 14  LEU A CD1 1 
ATOM   52   C CD2 . LEU A 1 15  ? -3.002  -11.018 17.785  1.00 63.73  ? 14  LEU A CD2 1 
ATOM   53   N N   . PRO A 1 16  ? -6.320  -11.051 21.175  1.00 53.15  ? 15  PRO A N   1 
ATOM   54   C CA  . PRO A 1 16  ? -7.057  -10.450 22.286  1.00 54.11  ? 15  PRO A CA  1 
ATOM   55   C C   . PRO A 1 16  ? -7.548  -9.052  21.904  1.00 52.49  ? 15  PRO A C   1 
ATOM   56   O O   . PRO A 1 16  ? -6.864  -8.373  21.138  1.00 45.97  ? 15  PRO A O   1 
ATOM   57   C CB  . PRO A 1 16  ? -6.003  -10.365 23.394  1.00 50.05  ? 15  PRO A CB  1 
ATOM   58   C CG  . PRO A 1 16  ? -4.722  -10.214 22.659  1.00 52.68  ? 15  PRO A CG  1 
ATOM   59   C CD  . PRO A 1 16  ? -4.864  -10.966 21.370  1.00 57.56  ? 15  PRO A CD  1 
ATOM   60   N N   . PRO A 1 17  ? -8.697  -8.628  22.463  1.00 47.70  ? 16  PRO A N   1 
ATOM   61   C CA  . PRO A 1 17  ? -9.473  -7.485  21.976  1.00 47.25  ? 16  PRO A CA  1 
ATOM   62   C C   . PRO A 1 17  ? -8.620  -6.245  21.974  1.00 42.14  ? 16  PRO A C   1 
ATOM   63   O O   . PRO A 1 17  ? -7.815  -6.095  22.884  1.00 48.02  ? 16  PRO A O   1 
ATOM   64   C CB  . PRO A 1 17  ? -10.590 -7.337  23.018  1.00 44.46  ? 16  PRO A CB  1 
ATOM   65   C CG  . PRO A 1 17  ? -10.570 -8.604  23.802  1.00 47.65  ? 16  PRO A CG  1 
ATOM   66   C CD  . PRO A 1 17  ? -9.175  -9.095  23.773  1.00 43.30  ? 16  PRO A CD  1 
ATOM   67   N N   . GLY A 1 18  ? -8.787  -5.375  20.984  1.00 41.08  ? 17  GLY A N   1 
ATOM   68   C CA  . GLY A 1 18  ? -8.016  -4.148  20.931  1.00 39.67  ? 17  GLY A CA  1 
ATOM   69   C C   . GLY A 1 18  ? -6.643  -4.320  20.312  1.00 39.57  ? 17  GLY A C   1 
ATOM   70   O O   . GLY A 1 18  ? -5.929  -3.351  20.088  1.00 42.61  ? 17  GLY A O   1 
ATOM   71   N N   . PHE A 1 19  ? -6.280  -5.567  20.038  1.00 41.61  ? 18  PHE A N   1 
ATOM   72   C CA  . PHE A 1 19  ? -5.060  -5.892  19.319  1.00 42.98  ? 18  PHE A CA  1 
ATOM   73   C C   . PHE A 1 19  ? -5.379  -6.138  17.852  1.00 44.24  ? 18  PHE A C   1 
ATOM   74   O O   . PHE A 1 19  ? -6.377  -6.780  17.530  1.00 46.88  ? 18  PHE A O   1 
ATOM   75   C CB  . PHE A 1 19  ? -4.392  -7.108  19.943  1.00 44.89  ? 18  PHE A CB  1 
ATOM   76   C CG  . PHE A 1 19  ? -3.678  -6.801  21.220  1.00 45.24  ? 18  PHE A CG  1 
ATOM   77   C CD1 . PHE A 1 19  ? -2.310  -6.521  21.223  1.00 41.78  ? 18  PHE A CD1 1 
ATOM   78   C CD2 . PHE A 1 19  ? -4.373  -6.773  22.419  1.00 42.58  ? 18  PHE A CD2 1 
ATOM   79   C CE1 . PHE A 1 19  ? -1.641  -6.230  22.413  1.00 45.26  ? 18  PHE A CE1 1 
ATOM   80   C CE2 . PHE A 1 19  ? -3.726  -6.498  23.602  1.00 44.37  ? 18  PHE A CE2 1 
ATOM   81   C CZ  . PHE A 1 19  ? -2.349  -6.216  23.605  1.00 48.07  ? 18  PHE A CZ  1 
ATOM   82   N N   . ARG A 1 20  ? -4.541  -5.600  16.969  1.00 41.47  ? 19  ARG A N   1 
ATOM   83   C CA  . ARG A 1 20  ? -4.809  -5.619  15.534  1.00 39.60  ? 19  ARG A CA  1 
ATOM   84   C C   . ARG A 1 20  ? -3.553  -5.196  14.786  1.00 39.69  ? 19  ARG A C   1 
ATOM   85   O O   . ARG A 1 20  ? -2.547  -4.825  15.396  1.00 39.15  ? 19  ARG A O   1 
ATOM   86   C CB  . ARG A 1 20  ? -5.985  -4.693  15.185  1.00 37.22  ? 19  ARG A CB  1 
ATOM   87   C CG  . ARG A 1 20  ? -5.783  -3.242  15.626  1.00 40.43  ? 19  ARG A CG  1 
ATOM   88   C CD  . ARG A 1 20  ? -6.873  -2.311  15.124  1.00 40.23  ? 19  ARG A CD  1 
ATOM   89   N NE  . ARG A 1 20  ? -8.195  -2.941  15.137  1.00 48.08  ? 19  ARG A NE  1 
ATOM   90   C CZ  . ARG A 1 20  ? -8.964  -3.073  16.220  1.00 47.68  ? 19  ARG A CZ  1 
ATOM   91   N NH1 . ARG A 1 20  ? -8.542  -2.629  17.399  1.00 46.18  ? 19  ARG A NH1 1 
ATOM   92   N NH2 . ARG A 1 20  ? -10.146 -3.671  16.132  1.00 39.64  ? 19  ARG A NH2 1 
ATOM   93   N N   . PHE A 1 21  ? -3.604  -5.268  13.461  1.00 42.86  ? 20  PHE A N   1 
ATOM   94   C CA  . PHE A 1 21  ? -2.476  -4.854  12.630  1.00 39.80  ? 20  PHE A CA  1 
ATOM   95   C C   . PHE A 1 21  ? -2.426  -3.322  12.536  1.00 41.58  ? 20  PHE A C   1 
ATOM   96   O O   . PHE A 1 21  ? -3.348  -2.661  12.038  1.00 46.31  ? 20  PHE A O   1 
ATOM   97   C CB  . PHE A 1 21  ? -2.575  -5.514  11.248  1.00 44.84  ? 20  PHE A CB  1 
ATOM   98   C CG  . PHE A 1 21  ? -1.346  -5.366  10.405  1.00 41.82  ? 20  PHE A CG  1 
ATOM   99   C CD1 . PHE A 1 21  ? -0.154  -5.936  10.793  1.00 42.58  ? 20  PHE A CD1 1 
ATOM   100  C CD2 . PHE A 1 21  ? -1.390  -4.673  9.201   1.00 42.41  ? 20  PHE A CD2 1 
ATOM   101  C CE1 . PHE A 1 21  ? 0.987   -5.801  10.011  1.00 39.09  ? 20  PHE A CE1 1 
ATOM   102  C CE2 . PHE A 1 21  ? -0.252  -4.547  8.405   1.00 40.73  ? 20  PHE A CE2 1 
ATOM   103  C CZ  . PHE A 1 21  ? 0.935   -5.105  8.816   1.00 36.91  ? 20  PHE A CZ  1 
ATOM   104  N N   . HIS A 1 22  ? -1.338  -2.764  13.040  1.00 40.81  ? 21  HIS A N   1 
ATOM   105  C CA  . HIS A 1 22  ? -1.150  -1.329  13.118  1.00 38.61  ? 21  HIS A CA  1 
ATOM   106  C C   . HIS A 1 22  ? 0.361   -1.192  13.163  1.00 44.31  ? 21  HIS A C   1 
ATOM   107  O O   . HIS A 1 22  ? 0.944   -0.906  14.231  1.00 45.40  ? 21  HIS A O   1 
ATOM   108  C CB  . HIS A 1 22  ? -1.791  -0.799  14.405  1.00 45.05  ? 21  HIS A CB  1 
ATOM   109  C CG  . HIS A 1 22  ? -1.623  0.675   14.627  1.00 46.16  ? 21  HIS A CG  1 
ATOM   110  N ND1 . HIS A 1 22  ? -2.107  1.628   13.750  1.00 45.50  ? 21  HIS A ND1 1 
ATOM   111  C CD2 . HIS A 1 22  ? -1.055  1.361   15.649  1.00 42.41  ? 21  HIS A CD2 1 
ATOM   112  C CE1 . HIS A 1 22  ? -1.820  2.834   14.214  1.00 46.53  ? 21  HIS A CE1 1 
ATOM   113  N NE2 . HIS A 1 22  ? -1.182  2.699   15.363  1.00 44.68  ? 21  HIS A NE2 1 
ATOM   114  N N   . PRO A 1 23  ? 1.017   -1.442  12.005  1.00 41.92  ? 22  PRO A N   1 
ATOM   115  C CA  . PRO A 1 23  ? 2.477   -1.440  11.908  1.00 37.96  ? 22  PRO A CA  1 
ATOM   116  C C   . PRO A 1 23  ? 3.043   -0.046  11.790  1.00 36.28  ? 22  PRO A C   1 
ATOM   117  O O   . PRO A 1 23  ? 2.357   0.869   11.363  1.00 39.54  ? 22  PRO A O   1 
ATOM   118  C CB  . PRO A 1 23  ? 2.723   -2.163  10.591  1.00 36.26  ? 22  PRO A CB  1 
ATOM   119  C CG  . PRO A 1 23  ? 1.569   -1.751  9.768   1.00 39.59  ? 22  PRO A CG  1 
ATOM   120  C CD  . PRO A 1 23  ? 0.401   -1.765  10.708  1.00 39.20  ? 22  PRO A CD  1 
ATOM   121  N N   . THR A 1 24  ? 4.306   0.108   12.132  1.00 36.80  ? 23  THR A N   1 
ATOM   122  C CA  . THR A 1 24  ? 4.979   1.350   11.846  1.00 35.58  ? 23  THR A CA  1 
ATOM   123  C C   . THR A 1 24  ? 5.484   1.316   10.408  1.00 39.51  ? 23  THR A C   1 
ATOM   124  O O   . THR A 1 24  ? 5.441   0.284   9.734   1.00 40.16  ? 23  THR A O   1 
ATOM   125  C CB  . THR A 1 24  ? 6.154   1.516   12.777  1.00 37.40  ? 23  THR A CB  1 
ATOM   126  O OG1 . THR A 1 24  ? 7.040   0.401   12.607  1.00 40.11  ? 23  THR A OG1 1 
ATOM   127  C CG2 . THR A 1 24  ? 5.672   1.574   14.234  1.00 33.65  ? 23  THR A CG2 1 
ATOM   128  N N   . ASP A 1 25  ? 5.967   2.451   9.924   1.00 43.85  ? 24  ASP A N   1 
ATOM   129  C CA  . ASP A 1 25  ? 6.632   2.475   8.626   1.00 39.63  ? 24  ASP A CA  1 
ATOM   130  C C   . ASP A 1 25  ? 7.851   1.564   8.568   1.00 39.92  ? 24  ASP A C   1 
ATOM   131  O O   . ASP A 1 25  ? 8.049   0.881   7.572   1.00 39.31  ? 24  ASP A O   1 
ATOM   132  C CB  . ASP A 1 25  ? 6.984   3.897   8.238   1.00 42.35  ? 24  ASP A CB  1 
ATOM   133  C CG  . ASP A 1 25  ? 5.773   4.664   7.817   1.00 40.37  ? 24  ASP A CG  1 
ATOM   134  O OD1 . ASP A 1 25  ? 4.672   4.121   7.976   1.00 38.40  ? 24  ASP A OD1 1 
ATOM   135  O OD2 . ASP A 1 25  ? 5.907   5.791   7.318   1.00 50.11  ? 24  ASP A OD2 1 
ATOM   136  N N   . ASP A 1 26  ? 8.641   1.532   9.633   1.00 43.64  ? 25  ASP A N   1 
ATOM   137  C CA  . ASP A 1 26  ? 9.809   0.663   9.677   1.00 38.47  ? 25  ASP A CA  1 
ATOM   138  C C   . ASP A 1 26  ? 9.412   -0.810  9.616   1.00 41.12  ? 25  ASP A C   1 
ATOM   139  O O   . ASP A 1 26  ? 10.099  -1.619  8.995   1.00 44.77  ? 25  ASP A O   1 
ATOM   140  C CB  . ASP A 1 26  ? 10.641  0.939   10.931  1.00 20.00  ? 25  ASP A CB  1 
ATOM   141  C CG  . ASP A 1 26  ? 11.633  2.068   10.733  1.00 20.00  ? 25  ASP A CG  1 
ATOM   142  O OD1 . ASP A 1 26  ? 11.452  2.863   9.789   1.00 20.00  ? 25  ASP A OD1 1 
ATOM   143  O OD2 . ASP A 1 26  ? 12.596  2.161   11.522  1.00 20.00  ? 25  ASP A OD2 1 
ATOM   144  N N   . GLU A 1 27  ? 8.300   -1.152  10.260  1.00 40.72  ? 26  GLU A N   1 
ATOM   145  C CA  . GLU A 1 27  ? 7.814   -2.526  10.278  1.00 42.31  ? 26  GLU A CA  1 
ATOM   146  C C   . GLU A 1 27  ? 7.219   -2.987  8.935   1.00 40.88  ? 26  GLU A C   1 
ATOM   147  O O   . GLU A 1 27  ? 7.506   -4.096  8.471   1.00 41.43  ? 26  GLU A O   1 
ATOM   148  C CB  . GLU A 1 27  ? 6.852   -2.727  11.453  1.00 39.41  ? 26  GLU A CB  1 
ATOM   149  C CG  . GLU A 1 27  ? 7.561   -2.742  12.802  1.00 40.06  ? 26  GLU A CG  1 
ATOM   150  C CD  . GLU A 1 27  ? 6.623   -2.526  13.992  1.00 44.51  ? 26  GLU A CD  1 
ATOM   151  O OE1 . GLU A 1 27  ? 5.398   -2.273  13.787  1.00 38.56  ? 26  GLU A OE1 1 
ATOM   152  O OE2 . GLU A 1 27  ? 7.140   -2.599  15.132  1.00 41.13  ? 26  GLU A OE2 1 
ATOM   153  N N   . LEU A 1 28  ? 6.402   -2.145  8.317   1.00 32.43  ? 27  LEU A N   1 
ATOM   154  C CA  . LEU A 1 28  ? 5.858   -2.474  7.017   1.00 33.16  ? 27  LEU A CA  1 
ATOM   155  C C   . LEU A 1 28  ? 6.982   -2.799  6.037   1.00 42.15  ? 27  LEU A C   1 
ATOM   156  O O   . LEU A 1 28  ? 6.965   -3.831  5.364   1.00 43.46  ? 27  LEU A O   1 
ATOM   157  C CB  . LEU A 1 28  ? 5.052   -1.309  6.477   1.00 36.31  ? 27  LEU A CB  1 
ATOM   158  C CG  . LEU A 1 28  ? 3.567   -1.389  6.751   1.00 40.48  ? 27  LEU A CG  1 
ATOM   159  C CD1 . LEU A 1 28  ? 2.906   -0.266  6.003   1.00 38.40  ? 27  LEU A CD1 1 
ATOM   160  C CD2 . LEU A 1 28  ? 3.029   -2.757  6.317   1.00 32.52  ? 27  LEU A CD2 1 
ATOM   161  N N   . VAL A 1 29  ? 7.961   -1.905  5.955   1.00 43.36  ? 28  VAL A N   1 
ATOM   162  C CA  . VAL A 1 29  ? 9.090   -2.077  5.050   1.00 40.77  ? 28  VAL A CA  1 
ATOM   163  C C   . VAL A 1 29  ? 9.982   -3.261  5.410   1.00 40.84  ? 28  VAL A C   1 
ATOM   164  O O   . VAL A 1 29  ? 10.294  -4.081  4.564   1.00 45.45  ? 28  VAL A O   1 
ATOM   165  C CB  . VAL A 1 29  ? 9.957   -0.814  5.011   1.00 44.94  ? 28  VAL A CB  1 
ATOM   166  C CG1 . VAL A 1 29  ? 11.236  -1.055  4.187   1.00 38.16  ? 28  VAL A CG1 1 
ATOM   167  C CG2 . VAL A 1 29  ? 9.135   0.357   4.490   1.00 41.54  ? 28  VAL A CG2 1 
ATOM   168  N N   . GLU A 1 30  ? 10.381  -3.341  6.669   1.00 38.59  ? 29  GLU A N   1 
ATOM   169  C CA  . GLU A 1 30  ? 11.349  -4.326  7.123   1.00 41.26  ? 29  GLU A CA  1 
ATOM   170  C C   . GLU A 1 30  ? 10.841  -5.779  7.058   1.00 49.64  ? 29  GLU A C   1 
ATOM   171  O O   . GLU A 1 30  ? 11.480  -6.621  6.423   1.00 58.01  ? 29  GLU A O   1 
ATOM   172  C CB  . GLU A 1 30  ? 11.798  -3.971  8.537   1.00 50.26  ? 29  GLU A CB  1 
ATOM   173  C CG  . GLU A 1 30  ? 13.104  -4.596  8.966   1.00 58.25  ? 29  GLU A CG  1 
ATOM   174  C CD  . GLU A 1 30  ? 13.421  -4.335  10.431  1.00 60.52  ? 29  GLU A CD  1 
ATOM   175  O OE1 . GLU A 1 30  ? 13.136  -3.218  10.925  1.00 59.39  ? 29  GLU A OE1 1 
ATOM   176  O OE2 . GLU A 1 30  ? 13.942  -5.255  11.092  1.00 65.30  ? 29  GLU A OE2 1 
ATOM   177  N N   . HIS A 1 31  ? 9.699   -6.071  7.692   1.00 49.87  ? 30  HIS A N   1 
ATOM   178  C CA  . HIS A 1 31  ? 9.179   -7.443  7.784   1.00 42.31  ? 30  HIS A CA  1 
ATOM   179  C C   . HIS A 1 31  ? 8.093   -7.813  6.780   1.00 43.40  ? 30  HIS A C   1 
ATOM   180  O O   . HIS A 1 31  ? 7.655   -8.955  6.794   1.00 42.74  ? 30  HIS A O   1 
ATOM   181  C CB  . HIS A 1 31  ? 8.605   -7.744  9.173   1.00 43.88  ? 30  HIS A CB  1 
ATOM   182  C CG  . HIS A 1 31  ? 9.416   -7.201  10.303  1.00 47.54  ? 30  HIS A CG  1 
ATOM   183  N ND1 . HIS A 1 31  ? 9.113   -6.013  10.926  1.00 54.12  ? 30  HIS A ND1 1 
ATOM   184  C CD2 . HIS A 1 31  ? 10.517  -7.689  10.921  1.00 44.73  ? 30  HIS A CD2 1 
ATOM   185  C CE1 . HIS A 1 31  ? 9.995   -5.789  11.892  1.00 50.96  ? 30  HIS A CE1 1 
ATOM   186  N NE2 . HIS A 1 31  ? 10.856  -6.787  11.901  1.00 49.17  ? 30  HIS A NE2 1 
ATOM   187  N N   . TYR A 1 32  ? 7.616   -6.874  5.953   1.00 41.72  ? 31  TYR A N   1 
ATOM   188  C CA  . TYR A 1 32  ? 6.633   -7.226  4.916   1.00 38.96  ? 31  TYR A CA  1 
ATOM   189  C C   . TYR A 1 32  ? 7.130   -6.985  3.474   1.00 42.84  ? 31  TYR A C   1 
ATOM   190  O O   . TYR A 1 32  ? 7.383   -7.951  2.730   1.00 45.84  ? 31  TYR A O   1 
ATOM   191  C CB  . TYR A 1 32  ? 5.238   -6.618  5.198   1.00 37.69  ? 31  TYR A CB  1 
ATOM   192  C CG  . TYR A 1 32  ? 4.635   -7.149  6.499   1.00 42.55  ? 31  TYR A CG  1 
ATOM   193  C CD1 . TYR A 1 32  ? 3.796   -8.281  6.506   1.00 44.87  ? 31  TYR A CD1 1 
ATOM   194  C CD2 . TYR A 1 32  ? 4.950   -6.560  7.723   1.00 40.56  ? 31  TYR A CD2 1 
ATOM   195  C CE1 . TYR A 1 32  ? 3.279   -8.789  7.687   1.00 40.45  ? 31  TYR A CE1 1 
ATOM   196  C CE2 . TYR A 1 32  ? 4.448   -7.067  8.923   1.00 41.66  ? 31  TYR A CE2 1 
ATOM   197  C CZ  . TYR A 1 32  ? 3.612   -8.178  8.903   1.00 46.09  ? 31  TYR A CZ  1 
ATOM   198  O OH  . TYR A 1 32  ? 3.113   -8.649  10.098  1.00 41.44  ? 31  TYR A OH  1 
ATOM   199  N N   . LEU A 1 33  ? 7.300   -5.724  3.080   1.00 40.12  ? 32  LEU A N   1 
ATOM   200  C CA  . LEU A 1 33  ? 7.773   -5.427  1.724   1.00 39.82  ? 32  LEU A CA  1 
ATOM   201  C C   . LEU A 1 33  ? 9.150   -6.086  1.452   1.00 46.14  ? 32  LEU A C   1 
ATOM   202  O O   . LEU A 1 33  ? 9.354   -6.786  0.467   1.00 45.53  ? 32  LEU A O   1 
ATOM   203  C CB  . LEU A 1 33  ? 7.845   -3.921  1.500   1.00 39.75  ? 32  LEU A CB  1 
ATOM   204  C CG  . LEU A 1 33  ? 8.244   -3.430  0.098   1.00 50.38  ? 32  LEU A CG  1 
ATOM   205  C CD1 . LEU A 1 33  ? 7.334   -3.989  -0.992  1.00 46.29  ? 32  LEU A CD1 1 
ATOM   206  C CD2 . LEU A 1 33  ? 8.239   -1.920  0.035   1.00 41.91  ? 32  LEU A CD2 1 
ATOM   207  N N   . CYS A 1 34  ? 10.085  -5.871  2.354   1.00 46.45  ? 33  CYS A N   1 
ATOM   208  C CA  . CYS A 1 34  ? 11.397  -6.450  2.231   1.00 46.13  ? 33  CYS A CA  1 
ATOM   209  C C   . CYS A 1 34  ? 11.348  -7.954  1.967   1.00 44.77  ? 33  CYS A C   1 
ATOM   210  O O   . CYS A 1 34  ? 11.919  -8.423  0.994   1.00 43.08  ? 33  CYS A O   1 
ATOM   211  C CB  . CYS A 1 34  ? 12.200  -6.162  3.498   1.00 48.28  ? 33  CYS A CB  1 
ATOM   212  S SG  . CYS A 1 34  ? 13.775  -5.412  3.147   1.00 55.26  ? 33  CYS A SG  1 
ATOM   213  N N   . ARG A 1 35  ? 10.679  -8.702  2.839   1.00 48.45  ? 34  ARG A N   1 
ATOM   214  C CA  . ARG A 1 35  ? 10.573  -10.160 2.710   1.00 46.89  ? 34  ARG A CA  1 
ATOM   215  C C   . ARG A 1 35  ? 9.930   -10.607 1.398   1.00 44.72  ? 34  ARG A C   1 
ATOM   216  O O   . ARG A 1 35  ? 10.416  -11.512 0.749   1.00 44.57  ? 34  ARG A O   1 
ATOM   217  C CB  . ARG A 1 35  ? 9.773   -10.713 3.878   1.00 47.64  ? 34  ARG A CB  1 
ATOM   218  C CG  . ARG A 1 35  ? 10.244  -10.171 5.181   1.00 45.34  ? 34  ARG A CG  1 
ATOM   219  C CD  . ARG A 1 35  ? 10.897  -11.226 6.005   1.00 48.86  ? 34  ARG A CD  1 
ATOM   220  N NE  . ARG A 1 35  ? 10.116  -11.451 7.212   1.00 54.80  ? 34  ARG A NE  1 
ATOM   221  C CZ  . ARG A 1 35  ? 10.487  -12.257 8.198   1.00 60.63  ? 34  ARG A CZ  1 
ATOM   222  N NH1 . ARG A 1 35  ? 11.643  -12.922 8.119   1.00 60.74  ? 34  ARG A NH1 1 
ATOM   223  N NH2 . ARG A 1 35  ? 9.700   -12.398 9.259   1.00 57.73  ? 34  ARG A NH2 1 
ATOM   224  N N   . LYS A 1 36  ? 8.837   -9.974  1.001   1.00 42.40  ? 35  LYS A N   1 
ATOM   225  C CA  . LYS A 1 36  ? 8.237   -10.307 -0.288  1.00 45.52  ? 35  LYS A CA  1 
ATOM   226  C C   . LYS A 1 36  ? 9.198   -10.113 -1.488  1.00 44.85  ? 35  LYS A C   1 
ATOM   227  O O   . LYS A 1 36  ? 9.172   -10.885 -2.455  1.00 46.93  ? 35  LYS A O   1 
ATOM   228  C CB  . LYS A 1 36  ? 6.956   -9.504  -0.493  1.00 43.66  ? 35  LYS A CB  1 
ATOM   229  C CG  . LYS A 1 36  ? 6.213   -9.840  -1.755  1.00 41.84  ? 35  LYS A CG  1 
ATOM   230  C CD  . LYS A 1 36  ? 5.598   -11.219 -1.657  1.00 44.57  ? 35  LYS A CD  1 
ATOM   231  C CE  . LYS A 1 36  ? 4.469   -11.372 -2.678  1.00 43.80  ? 35  LYS A CE  1 
ATOM   232  N NZ  . LYS A 1 36  ? 3.540   -12.459 -2.251  1.00 48.28  ? 35  LYS A NZ  1 
ATOM   233  N N   . ALA A 1 37  ? 10.040  -9.086  -1.428  1.00 46.39  ? 36  ALA A N   1 
ATOM   234  C CA  . ALA A 1 37  ? 10.979  -8.806  -2.521  1.00 49.05  ? 36  ALA A CA  1 
ATOM   235  C C   . ALA A 1 37  ? 12.270  -9.628  -2.414  1.00 48.49  ? 36  ALA A C   1 
ATOM   236  O O   . ALA A 1 37  ? 13.078  -9.677  -3.352  1.00 49.03  ? 36  ALA A O   1 
ATOM   237  C CB  . ALA A 1 37  ? 11.285  -7.320  -2.607  1.00 52.35  ? 36  ALA A CB  1 
ATOM   238  N N   . ALA A 1 38  ? 12.443  -10.285 -1.272  1.00 43.02  ? 37  ALA A N   1 
ATOM   239  C CA  . ALA A 1 38  ? 13.548  -11.206 -1.072  1.00 40.02  ? 37  ALA A CA  1 
ATOM   240  C C   . ALA A 1 38  ? 13.085  -12.664 -1.157  1.00 50.12  ? 37  ALA A C   1 
ATOM   241  O O   . ALA A 1 38  ? 13.894  -13.581 -0.983  1.00 55.84  ? 37  ALA A O   1 
ATOM   242  C CB  . ALA A 1 38  ? 14.225  -10.948 0.270   1.00 36.04  ? 37  ALA A CB  1 
ATOM   243  N N   . GLY A 1 39  ? 11.797  -12.880 -1.434  1.00 48.45  ? 38  GLY A N   1 
ATOM   244  C CA  . GLY A 1 39  ? 11.234  -14.223 -1.423  1.00 49.28  ? 38  GLY A CA  1 
ATOM   245  C C   . GLY A 1 39  ? 11.381  -14.912 -0.075  1.00 44.06  ? 38  GLY A C   1 
ATOM   246  O O   . GLY A 1 39  ? 11.720  -16.082 0.013   1.00 44.42  ? 38  GLY A O   1 
ATOM   247  N N   . GLN A 1 40  ? 11.134  -14.160 0.989   1.00 54.71  ? 39  GLN A N   1 
ATOM   248  C CA  . GLN A 1 40  ? 11.094  -14.698 2.343   1.00 51.98  ? 39  GLN A CA  1 
ATOM   249  C C   . GLN A 1 40  ? 9.655   -14.880 2.783   1.00 50.96  ? 39  GLN A C   1 
ATOM   250  O O   . GLN A 1 40  ? 8.781   -14.073 2.427   1.00 48.91  ? 39  GLN A O   1 
ATOM   251  C CB  . GLN A 1 40  ? 11.755  -13.717 3.290   1.00 53.16  ? 39  GLN A CB  1 
ATOM   252  C CG  . GLN A 1 40  ? 12.780  -14.333 4.180   1.00 55.32  ? 39  GLN A CG  1 
ATOM   253  C CD  . GLN A 1 40  ? 14.056  -13.534 4.161   1.00 63.44  ? 39  GLN A CD  1 
ATOM   254  O OE1 . GLN A 1 40  ? 14.029  -12.319 3.962   1.00 63.36  ? 39  GLN A OE1 1 
ATOM   255  N NE2 . GLN A 1 40  ? 15.189  -14.207 4.348   1.00 67.55  ? 39  GLN A NE2 1 
ATOM   256  N N   . ARG A 1 41  ? 9.411   -15.936 3.558   1.00 54.38  ? 40  ARG A N   1 
ATOM   257  C CA  . ARG A 1 41  ? 8.108   -16.139 4.190   1.00 58.64  ? 40  ARG A CA  1 
ATOM   258  C C   . ARG A 1 41  ? 7.694   -14.896 4.999   1.00 56.68  ? 40  ARG A C   1 
ATOM   259  O O   . ARG A 1 41  ? 8.498   -14.344 5.750   1.00 54.74  ? 40  ARG A O   1 
ATOM   260  C CB  . ARG A 1 41  ? 8.149   -17.377 5.097   1.00 60.56  ? 40  ARG A CB  1 
ATOM   261  C CG  . ARG A 1 41  ? 6.836   -17.692 5.846   1.00 64.55  ? 40  ARG A CG  1 
ATOM   262  C CD  . ARG A 1 41  ? 5.731   -18.255 4.920   1.00 74.02  ? 40  ARG A CD  1 
ATOM   263  N NE  . ARG A 1 41  ? 5.480   -17.399 3.749   1.00 76.21  ? 40  ARG A NE  1 
ATOM   264  C CZ  . ARG A 1 41  ? 4.382   -16.665 3.550   1.00 73.30  ? 40  ARG A CZ  1 
ATOM   265  N NH1 . ARG A 1 41  ? 3.387   -16.667 4.434   1.00 75.70  ? 40  ARG A NH1 1 
ATOM   266  N NH2 . ARG A 1 41  ? 4.280   -15.927 2.451   1.00 70.17  ? 40  ARG A NH2 1 
ATOM   267  N N   . LEU A 1 42  ? 6.448   -14.447 4.827   1.00 60.13  ? 41  LEU A N   1 
ATOM   268  C CA  . LEU A 1 42  ? 5.922   -13.298 5.575   1.00 52.37  ? 41  LEU A CA  1 
ATOM   269  C C   . LEU A 1 42  ? 5.663   -13.703 7.017   1.00 50.41  ? 41  LEU A C   1 
ATOM   270  O O   . LEU A 1 42  ? 5.426   -14.876 7.304   1.00 54.13  ? 41  LEU A O   1 
ATOM   271  C CB  . LEU A 1 42  ? 4.654   -12.745 4.921   1.00 48.28  ? 41  LEU A CB  1 
ATOM   272  C CG  . LEU A 1 42  ? 4.835   -12.065 3.546   1.00 51.49  ? 41  LEU A CG  1 
ATOM   273  C CD1 . LEU A 1 42  ? 4.243   -10.666 3.574   1.00 51.27  ? 41  LEU A CD1 1 
ATOM   274  C CD2 . LEU A 1 42  ? 6.284   -11.981 3.121   1.00 44.08  ? 41  LEU A CD2 1 
ATOM   275  N N   . PRO A 1 43  ? 5.748   -12.751 7.948   1.00 50.88  ? 42  PRO A N   1 
ATOM   276  C CA  . PRO A 1 43  ? 5.502   -13.189 9.326   1.00 51.39  ? 42  PRO A CA  1 
ATOM   277  C C   . PRO A 1 43  ? 4.094   -13.749 9.492   1.00 47.12  ? 42  PRO A C   1 
ATOM   278  O O   . PRO A 1 43  ? 3.925   -14.689 10.271  1.00 45.41  ? 42  PRO A O   1 
ATOM   279  C CB  . PRO A 1 43  ? 5.729   -11.920 10.156  1.00 43.98  ? 42  PRO A CB  1 
ATOM   280  C CG  . PRO A 1 43  ? 5.758   -10.807 9.188   1.00 45.09  ? 42  PRO A CG  1 
ATOM   281  C CD  . PRO A 1 43  ? 6.202   -11.357 7.879   1.00 47.93  ? 42  PRO A CD  1 
ATOM   282  N N   . VAL A 1 44  ? 3.119   -13.180 8.778   1.00 44.76  ? 43  VAL A N   1 
ATOM   283  C CA  . VAL A 1 44  ? 1.794   -13.789 8.619   1.00 47.71  ? 43  VAL A CA  1 
ATOM   284  C C   . VAL A 1 44  ? 1.263   -13.457 7.227   1.00 50.86  ? 43  VAL A C   1 
ATOM   285  O O   . VAL A 1 44  ? 1.621   -12.431 6.665   1.00 50.08  ? 43  VAL A O   1 
ATOM   286  C CB  . VAL A 1 44  ? 0.754   -13.341 9.701   1.00 46.32  ? 43  VAL A CB  1 
ATOM   287  C CG1 . VAL A 1 44  ? 0.916   -14.138 10.969  1.00 45.99  ? 43  VAL A CG1 1 
ATOM   288  C CG2 . VAL A 1 44  ? 0.842   -11.834 9.982   1.00 47.20  ? 43  VAL A CG2 1 
ATOM   289  N N   . PRO A 1 45  ? 0.415   -14.333 6.661   1.00 53.21  ? 44  PRO A N   1 
ATOM   290  C CA  . PRO A 1 45  ? -0.096  -14.168 5.296   1.00 54.03  ? 44  PRO A CA  1 
ATOM   291  C C   . PRO A 1 45  ? -1.414  -13.375 5.291   1.00 49.89  ? 44  PRO A C   1 
ATOM   292  O O   . PRO A 1 45  ? -2.499  -13.912 5.094   1.00 45.85  ? 44  PRO A O   1 
ATOM   293  C CB  . PRO A 1 45  ? -0.335  -15.612 4.868   1.00 59.23  ? 44  PRO A CB  1 
ATOM   294  C CG  . PRO A 1 45  ? -0.831  -16.250 6.134   1.00 50.01  ? 44  PRO A CG  1 
ATOM   295  C CD  . PRO A 1 45  ? -0.112  -15.560 7.285   1.00 51.89  ? 44  PRO A CD  1 
ATOM   296  N N   . ILE A 1 46  ? -1.290  -12.073 5.499   1.00 53.73  ? 45  ILE A N   1 
ATOM   297  C CA  . ILE A 1 46  ? -2.432  -11.195 5.673   1.00 48.03  ? 45  ILE A CA  1 
ATOM   298  C C   . ILE A 1 46  ? -2.539  -10.114 4.600   1.00 48.25  ? 45  ILE A C   1 
ATOM   299  O O   . ILE A 1 46  ? -3.564  -9.441  4.520   1.00 48.76  ? 45  ILE A O   1 
ATOM   300  C CB  . ILE A 1 46  ? -2.375  -10.529 7.066   1.00 54.30  ? 45  ILE A CB  1 
ATOM   301  C CG1 . ILE A 1 46  ? -1.008  -9.875  7.296   1.00 47.90  ? 45  ILE A CG1 1 
ATOM   302  C CG2 . ILE A 1 46  ? -2.647  -11.562 8.169   1.00 50.15  ? 45  ILE A CG2 1 
ATOM   303  C CD1 . ILE A 1 46  ? -0.949  -9.010  8.564   1.00 42.33  ? 45  ILE A CD1 1 
ATOM   304  N N   . ILE A 1 47  ? -1.491  -9.942  3.784   1.00 49.03  ? 46  ILE A N   1 
ATOM   305  C CA  . ILE A 1 47  ? -1.489  -8.936  2.707   1.00 44.32  ? 46  ILE A CA  1 
ATOM   306  C C   . ILE A 1 47  ? -1.963  -9.525  1.370   1.00 44.73  ? 46  ILE A C   1 
ATOM   307  O O   . ILE A 1 47  ? -1.265  -10.350 0.770   1.00 48.98  ? 46  ILE A O   1 
ATOM   308  C CB  . ILE A 1 47  ? -0.074  -8.331  2.494   1.00 44.86  ? 46  ILE A CB  1 
ATOM   309  C CG1 . ILE A 1 47  ? 0.662   -8.144  3.821   1.00 49.59  ? 46  ILE A CG1 1 
ATOM   310  C CG2 . ILE A 1 47  ? -0.137  -7.010  1.743   1.00 42.71  ? 46  ILE A CG2 1 
ATOM   311  C CD1 . ILE A 1 47  ? 0.206   -7.004  4.642   1.00 37.45  ? 46  ILE A CD1 1 
ATOM   312  N N   . ALA A 1 48  ? -3.135  -9.101  0.902   1.00 44.64  ? 47  ALA A N   1 
ATOM   313  C CA  . ALA A 1 48  ? -3.680  -9.574  -0.382  1.00 48.71  ? 47  ALA A CA  1 
ATOM   314  C C   . ALA A 1 48  ? -2.871  -9.089  -1.586  1.00 43.12  ? 47  ALA A C   1 
ATOM   315  O O   . ALA A 1 48  ? -2.356  -7.987  -1.582  1.00 41.96  ? 47  ALA A O   1 
ATOM   316  C CB  . ALA A 1 48  ? -5.158  -9.180  -0.542  1.00 43.86  ? 47  ALA A CB  1 
ATOM   317  N N   . GLU A 1 49  ? -2.781  -9.930  -2.612  1.00 51.79  ? 48  GLU A N   1 
ATOM   318  C CA  . GLU A 1 49  ? -2.038  -9.641  -3.847  1.00 42.63  ? 48  GLU A CA  1 
ATOM   319  C C   . GLU A 1 49  ? -3.014  -9.307  -4.955  1.00 43.38  ? 48  GLU A C   1 
ATOM   320  O O   . GLU A 1 49  ? -3.883  -10.105 -5.285  1.00 51.02  ? 48  GLU A O   1 
ATOM   321  C CB  . GLU A 1 49  ? -1.229  -10.868 -4.268  1.00 41.75  ? 48  GLU A CB  1 
ATOM   322  C CG  . GLU A 1 49  ? -0.308  -11.390 -3.188  1.00 45.77  ? 48  GLU A CG  1 
ATOM   323  C CD  . GLU A 1 49  ? -0.025  -12.880 -3.291  1.00 56.42  ? 48  GLU A CD  1 
ATOM   324  O OE1 . GLU A 1 49  ? -0.978  -13.681 -3.445  1.00 57.65  ? 48  GLU A OE1 1 
ATOM   325  O OE2 . GLU A 1 49  ? 1.171   -13.248 -3.215  1.00 59.07  ? 48  GLU A OE2 1 
ATOM   326  N N   . VAL A 1 50  ? -2.897  -8.135  -5.544  1.00 40.83  ? 49  VAL A N   1 
ATOM   327  C CA  . VAL A 1 50  ? -3.857  -7.769  -6.572  1.00 43.67  ? 49  VAL A CA  1 
ATOM   328  C C   . VAL A 1 50  ? -3.173  -6.881  -7.578  1.00 43.85  ? 49  VAL A C   1 
ATOM   329  O O   . VAL A 1 50  ? -2.141  -6.274  -7.288  1.00 49.43  ? 49  VAL A O   1 
ATOM   330  C CB  . VAL A 1 50  ? -5.079  -7.023  -5.970  1.00 44.59  ? 49  VAL A CB  1 
ATOM   331  C CG1 . VAL A 1 50  ? -4.653  -5.687  -5.416  1.00 46.45  ? 49  VAL A CG1 1 
ATOM   332  C CG2 . VAL A 1 50  ? -6.145  -6.818  -7.011  1.00 50.06  ? 49  VAL A CG2 1 
ATOM   333  N N   . ASP A 1 51  ? -3.722  -6.811  -8.773  1.00 42.70  ? 50  ASP A N   1 
ATOM   334  C CA  . ASP A 1 51  ? -3.205  -5.884  -9.752  1.00 40.03  ? 50  ASP A CA  1 
ATOM   335  C C   . ASP A 1 51  ? -3.907  -4.560  -9.470  1.00 42.69  ? 50  ASP A C   1 
ATOM   336  O O   . ASP A 1 51  ? -4.816  -4.177  -10.209 1.00 40.60  ? 50  ASP A O   1 
ATOM   337  C CB  . ASP A 1 51  ? -3.519  -6.398  -11.154 1.00 45.24  ? 50  ASP A CB  1 
ATOM   338  C CG  . ASP A 1 51  ? -2.680  -5.731  -12.240 1.00 50.23  ? 50  ASP A CG  1 
ATOM   339  O OD1 . ASP A 1 51  ? -1.997  -4.723  -11.954 1.00 46.12  ? 50  ASP A OD1 1 
ATOM   340  O OD2 . ASP A 1 51  ? -2.725  -6.218  -13.396 1.00 50.34  ? 50  ASP A OD2 1 
ATOM   341  N N   . LEU A 1 52  ? -3.454  -3.870  -8.413  1.00 43.54  ? 51  LEU A N   1 
ATOM   342  C CA  . LEU A 1 52  ? -4.145  -2.719  -7.795  1.00 42.73  ? 51  LEU A CA  1 
ATOM   343  C C   . LEU A 1 52  ? -4.464  -1.539  -8.693  1.00 47.43  ? 51  LEU A C   1 
ATOM   344  O O   . LEU A 1 52  ? -5.572  -0.991  -8.633  1.00 47.98  ? 51  LEU A O   1 
ATOM   345  C CB  . LEU A 1 52  ? -3.359  -2.202  -6.589  1.00 48.03  ? 51  LEU A CB  1 
ATOM   346  C CG  . LEU A 1 52  ? -4.066  -1.238  -5.611  1.00 45.19  ? 51  LEU A CG  1 
ATOM   347  C CD1 . LEU A 1 52  ? -3.633  -1.546  -4.184  1.00 36.95  ? 51  LEU A CD1 1 
ATOM   348  C CD2 . LEU A 1 52  ? -3.799  0.228   -5.942  1.00 42.29  ? 51  LEU A CD2 1 
ATOM   349  N N   . TYR A 1 53  ? -3.494  -1.139  -9.510  1.00 48.15  ? 52  TYR A N   1 
ATOM   350  C CA  . TYR A 1 53  ? -3.678  -0.012  -10.415 1.00 49.80  ? 52  TYR A CA  1 
ATOM   351  C C   . TYR A 1 53  ? -4.620  -0.307  -11.577 1.00 52.10  ? 52  TYR A C   1 
ATOM   352  O O   . TYR A 1 53  ? -4.808  0.536   -12.447 1.00 54.84  ? 52  TYR A O   1 
ATOM   353  C CB  . TYR A 1 53  ? -2.331  0.501   -10.916 1.00 50.29  ? 52  TYR A CB  1 
ATOM   354  C CG  . TYR A 1 53  ? -1.503  1.055   -9.789  1.00 50.05  ? 52  TYR A CG  1 
ATOM   355  C CD1 . TYR A 1 53  ? -0.501  0.301   -9.204  1.00 51.15  ? 52  TYR A CD1 1 
ATOM   356  C CD2 . TYR A 1 53  ? -1.759  2.318   -9.275  1.00 54.23  ? 52  TYR A CD2 1 
ATOM   357  C CE1 . TYR A 1 53  ? 0.244   0.796   -8.153  1.00 55.33  ? 52  TYR A CE1 1 
ATOM   358  C CE2 . TYR A 1 53  ? -1.020  2.823   -8.215  1.00 53.33  ? 52  TYR A CE2 1 
ATOM   359  C CZ  . TYR A 1 53  ? -0.022  2.060   -7.664  1.00 49.42  ? 52  TYR A CZ  1 
ATOM   360  O OH  . TYR A 1 53  ? 0.719   2.550   -6.619  1.00 50.69  ? 52  TYR A OH  1 
ATOM   361  N N   . LYS A 1 54  ? -5.202  -1.503  -11.592 1.00 48.92  ? 53  LYS A N   1 
ATOM   362  C CA  . LYS A 1 54  ? -6.239  -1.818  -12.555 1.00 50.00  ? 53  LYS A CA  1 
ATOM   363  C C   . LYS A 1 54  ? -7.604  -1.506  -11.944 1.00 52.80  ? 53  LYS A C   1 
ATOM   364  O O   . LYS A 1 54  ? -8.622  -1.628  -12.618 1.00 56.67  ? 53  LYS A O   1 
ATOM   365  C CB  . LYS A 1 54  ? -6.199  -3.297  -12.939 1.00 49.54  ? 53  LYS A CB  1 
ATOM   366  C CG  . LYS A 1 54  ? -4.834  -3.811  -13.323 1.00 53.79  ? 53  LYS A CG  1 
ATOM   367  C CD  . LYS A 1 54  ? -4.500  -3.560  -14.793 1.00 54.20  ? 53  LYS A CD  1 
ATOM   368  C CE  . LYS A 1 54  ? -3.002  -3.697  -15.033 1.00 54.17  ? 53  LYS A CE  1 
ATOM   369  N NZ  . LYS A 1 54  ? -2.661  -4.412  -16.312 1.00 59.40  ? 53  LYS A NZ  1 
ATOM   370  N N   . PHE A 1 55  ? -7.629  -1.119  -10.670 1.00 47.57  ? 54  PHE A N   1 
ATOM   371  C CA  . PHE A 1 55  ? -8.888  -0.961  -9.943  1.00 47.50  ? 54  PHE A CA  1 
ATOM   372  C C   . PHE A 1 55  ? -9.300  0.486   -9.629  1.00 52.62  ? 54  PHE A C   1 
ATOM   373  O O   . PHE A 1 55  ? -8.453  1.385   -9.521  1.00 49.16  ? 54  PHE A O   1 
ATOM   374  C CB  . PHE A 1 55  ? -8.825  -1.731  -8.608  1.00 51.43  ? 54  PHE A CB  1 
ATOM   375  C CG  . PHE A 1 55  ? -8.973  -3.216  -8.749  1.00 49.56  ? 54  PHE A CG  1 
ATOM   376  C CD1 . PHE A 1 55  ? -10.210 -3.817  -8.595  1.00 47.55  ? 54  PHE A CD1 1 
ATOM   377  C CD2 . PHE A 1 55  ? -7.869  -4.011  -9.045  1.00 46.12  ? 54  PHE A CD2 1 
ATOM   378  C CE1 . PHE A 1 55  ? -10.344 -5.183  -8.746  1.00 58.39  ? 54  PHE A CE1 1 
ATOM   379  C CE2 . PHE A 1 55  ? -7.989  -5.365  -9.193  1.00 46.86  ? 54  PHE A CE2 1 
ATOM   380  C CZ  . PHE A 1 55  ? -9.227  -5.965  -9.042  1.00 57.05  ? 54  PHE A CZ  1 
ATOM   381  N N   . ASP A 1 56  ? -10.615 0.678   -9.469  1.00 53.68  ? 55  ASP A N   1 
ATOM   382  C CA  . ASP A 1 56  ? -11.186 1.805   -8.722  1.00 52.22  ? 55  ASP A CA  1 
ATOM   383  C C   . ASP A 1 56  ? -11.156 1.463   -7.209  1.00 55.68  ? 55  ASP A C   1 
ATOM   384  O O   . ASP A 1 56  ? -11.547 0.357   -6.811  1.00 50.04  ? 55  ASP A O   1 
ATOM   385  C CB  . ASP A 1 56  ? -12.638 2.061   -9.153  1.00 56.42  ? 55  ASP A CB  1 
ATOM   386  C CG  . ASP A 1 56  ? -12.749 2.848   -10.450 1.00 64.08  ? 55  ASP A CG  1 
ATOM   387  O OD1 . ASP A 1 56  ? -13.720 2.619   -11.210 1.00 63.78  ? 55  ASP A OD1 1 
ATOM   388  O OD2 . ASP A 1 56  ? -11.881 3.711   -10.708 1.00 66.76  ? 55  ASP A OD2 1 
ATOM   389  N N   . PRO A 1 57  ? -10.704 2.413   -6.360  1.00 56.38  ? 56  PRO A N   1 
ATOM   390  C CA  . PRO A 1 57  ? -10.458 2.153   -4.925  1.00 50.17  ? 56  PRO A CA  1 
ATOM   391  C C   . PRO A 1 57  ? -11.633 1.537   -4.167  1.00 51.97  ? 56  PRO A C   1 
ATOM   392  O O   . PRO A 1 57  ? -11.403 0.759   -3.232  1.00 46.84  ? 56  PRO A O   1 
ATOM   393  C CB  . PRO A 1 57  ? -10.139 3.545   -4.356  1.00 49.63  ? 56  PRO A CB  1 
ATOM   394  C CG  . PRO A 1 57  ? -10.625 4.534   -5.400  1.00 52.90  ? 56  PRO A CG  1 
ATOM   395  C CD  . PRO A 1 57  ? -10.430 3.818   -6.714  1.00 52.30  ? 56  PRO A CD  1 
ATOM   396  N N   . TRP A 1 58  ? -12.865 1.878   -4.549  1.00 51.41  ? 57  TRP A N   1 
ATOM   397  C CA  . TRP A 1 58  ? -14.036 1.357   -3.850  1.00 50.16  ? 57  TRP A CA  1 
ATOM   398  C C   . TRP A 1 58  ? -14.287 -0.126  -4.174  1.00 51.05  ? 57  TRP A C   1 
ATOM   399  O O   . TRP A 1 58  ? -15.018 -0.822  -3.453  1.00 50.89  ? 57  TRP A O   1 
ATOM   400  C CB  . TRP A 1 58  ? -15.275 2.228   -4.121  1.00 52.94  ? 57  TRP A CB  1 
ATOM   401  C CG  . TRP A 1 58  ? -15.515 2.504   -5.582  1.00 52.76  ? 57  TRP A CG  1 
ATOM   402  C CD1 . TRP A 1 58  ? -16.165 1.697   -6.475  1.00 55.79  ? 57  TRP A CD1 1 
ATOM   403  C CD2 . TRP A 1 58  ? -15.101 3.661   -6.319  1.00 52.74  ? 57  TRP A CD2 1 
ATOM   404  N NE1 . TRP A 1 58  ? -16.172 2.278   -7.725  1.00 57.68  ? 57  TRP A NE1 1 
ATOM   405  C CE2 . TRP A 1 58  ? -15.528 3.485   -7.652  1.00 59.49  ? 57  TRP A CE2 1 
ATOM   406  C CE3 . TRP A 1 58  ? -14.405 4.824   -5.981  1.00 55.16  ? 57  TRP A CE3 1 
ATOM   407  C CZ2 . TRP A 1 58  ? -15.280 4.433   -8.646  1.00 63.59  ? 57  TRP A CZ2 1 
ATOM   408  C CZ3 . TRP A 1 58  ? -14.161 5.761   -6.964  1.00 56.47  ? 57  TRP A CZ3 1 
ATOM   409  C CH2 . TRP A 1 58  ? -14.596 5.562   -8.282  1.00 63.28  ? 57  TRP A CH2 1 
ATOM   410  N N   . ASP A 1 59  ? -13.675 -0.616  -5.250  1.00 49.77  ? 58  ASP A N   1 
ATOM   411  C CA  . ASP A 1 59  ? -13.714 -2.043  -5.532  1.00 44.96  ? 58  ASP A CA  1 
ATOM   412  C C   . ASP A 1 59  ? -12.551 -2.778  -4.870  1.00 49.27  ? 58  ASP A C   1 
ATOM   413  O O   . ASP A 1 59  ? -12.400 -3.980  -5.047  1.00 55.89  ? 58  ASP A O   1 
ATOM   414  C CB  . ASP A 1 59  ? -13.691 -2.329  -7.030  1.00 50.15  ? 58  ASP A CB  1 
ATOM   415  C CG  . ASP A 1 59  ? -14.896 -1.777  -7.766  1.00 50.09  ? 58  ASP A CG  1 
ATOM   416  O OD1 . ASP A 1 59  ? -16.036 -1.913  -7.276  1.00 55.01  ? 58  ASP A OD1 1 
ATOM   417  O OD2 . ASP A 1 59  ? -14.695 -1.209  -8.859  1.00 53.14  ? 58  ASP A OD2 1 
ATOM   418  N N   . LEU A 1 60  ? -11.729 -2.080  -4.095  1.00 48.79  ? 59  LEU A N   1 
ATOM   419  C CA  . LEU A 1 60  ? -10.551 -2.729  -3.503  1.00 46.50  ? 59  LEU A CA  1 
ATOM   420  C C   . LEU A 1 60  ? -10.737 -3.497  -2.185  1.00 48.20  ? 59  LEU A C   1 
ATOM   421  O O   . LEU A 1 60  ? -10.190 -4.586  -2.045  1.00 49.75  ? 59  LEU A O   1 
ATOM   422  C CB  . LEU A 1 60  ? -9.371  -1.752  -3.394  1.00 47.22  ? 59  LEU A CB  1 
ATOM   423  C CG  . LEU A 1 60  ? -8.528  -1.696  -4.667  1.00 47.85  ? 59  LEU A CG  1 
ATOM   424  C CD1 . LEU A 1 60  ? -7.475  -0.620  -4.583  1.00 45.49  ? 59  LEU A CD1 1 
ATOM   425  C CD2 . LEU A 1 60  ? -7.921  -3.084  -4.954  1.00 47.53  ? 59  LEU A CD2 1 
ATOM   426  N N   . PRO A 1 61  ? -11.477 -2.930  -1.204  1.00 50.28  ? 60  PRO A N   1 
ATOM   427  C CA  . PRO A 1 61  ? -11.643 -3.659  0.067   1.00 50.29  ? 60  PRO A CA  1 
ATOM   428  C C   . PRO A 1 61  ? -12.163 -5.086  -0.149  1.00 53.19  ? 60  PRO A C   1 
ATOM   429  O O   . PRO A 1 61  ? -12.114 -5.930  0.753   1.00 47.56  ? 60  PRO A O   1 
ATOM   430  C CB  . PRO A 1 61  ? -12.676 -2.815  0.808   1.00 46.63  ? 60  PRO A CB  1 
ATOM   431  C CG  . PRO A 1 61  ? -12.451 -1.434  0.306   1.00 40.79  ? 60  PRO A CG  1 
ATOM   432  C CD  . PRO A 1 61  ? -12.094 -1.592  -1.148  1.00 44.66  ? 60  PRO A CD  1 
ATOM   433  N N   . GLU A 1 62  ? -12.587 -5.342  -1.386  1.00 58.33  ? 61  GLU A N   1 
ATOM   434  C CA  . GLU A 1 62  ? -13.318 -6.554  -1.771  1.00 64.56  ? 61  GLU A CA  1 
ATOM   435  C C   . GLU A 1 62  ? -12.997 -7.865  -1.036  1.00 63.16  ? 61  GLU A C   1 
ATOM   436  O O   . GLU A 1 62  ? -13.901 -8.346  -0.355  1.00 72.63  ? 61  GLU A O   1 
ATOM   437  C CB  . GLU A 1 62  ? -13.402 -6.739  -3.305  1.00 67.84  ? 61  GLU A CB  1 
ATOM   438  C CG  . GLU A 1 62  ? -14.832 -6.946  -3.842  1.00 68.94  ? 61  GLU A CG  1 
ATOM   439  C CD  . GLU A 1 62  ? -15.646 -5.664  -3.866  1.00 72.70  ? 61  GLU A CD  1 
ATOM   440  O OE1 . GLU A 1 62  ? -16.403 -5.470  -4.845  1.00 78.41  ? 61  GLU A OE1 1 
ATOM   441  O OE2 . GLU A 1 62  ? -15.529 -4.852  -2.912  1.00 71.48  ? 61  GLU A OE2 1 
ATOM   442  N N   . ARG A 1 63  ? -11.817 -8.505  -1.123  1.00 58.22  ? 62  ARG A N   1 
ATOM   443  C CA  . ARG A 1 63  ? -10.601 -8.324  -1.968  1.00 58.67  ? 62  ARG A CA  1 
ATOM   444  C C   . ARG A 1 63  ? -9.313  -8.219  -1.150  1.00 54.20  ? 62  ARG A C   1 
ATOM   445  O O   . ARG A 1 63  ? -8.345  -8.935  -1.416  1.00 50.51  ? 62  ARG A O   1 
ATOM   446  C CB  . ARG A 1 63  ? -10.666 -7.310  -3.102  1.00 57.90  ? 62  ARG A CB  1 
ATOM   447  C CG  . ARG A 1 63  ? -10.294 -7.988  -4.412  1.00 57.90  ? 62  ARG A CG  1 
ATOM   448  C CD  . ARG A 1 63  ? -10.376 -7.079  -5.611  1.00 56.58  ? 62  ARG A CD  1 
ATOM   449  N NE  . ARG A 1 63  ? -11.199 -7.662  -6.668  1.00 67.38  ? 62  ARG A NE  1 
ATOM   450  C CZ  . ARG A 1 63  ? -10.798 -8.612  -7.509  1.00 67.15  ? 62  ARG A CZ  1 
ATOM   451  N NH1 . ARG A 1 63  ? -9.566  -9.109  -7.426  1.00 72.68  ? 62  ARG A NH1 1 
ATOM   452  N NH2 . ARG A 1 63  ? -11.635 -9.064  -8.435  1.00 61.52  ? 62  ARG A NH2 1 
ATOM   453  N N   . ALA A 1 64  ? -9.332  -7.350  -0.143  1.00 53.38  ? 63  ALA A N   1 
ATOM   454  C CA  . ALA A 1 64  ? -8.345  -7.381  0.918   1.00 45.05  ? 63  ALA A CA  1 
ATOM   455  C C   . ALA A 1 64  ? -8.593  -8.654  1.717   1.00 55.73  ? 63  ALA A C   1 
ATOM   456  O O   . ALA A 1 64  ? -9.695  -9.228  1.677   1.00 51.10  ? 63  ALA A O   1 
ATOM   457  C CB  . ALA A 1 64  ? -8.492  -6.174  1.794   1.00 43.76  ? 63  ALA A CB  1 
ATOM   458  N N   . LEU A 1 65  ? -7.583  -9.109  2.450   1.00 50.11  ? 64  LEU A N   1 
ATOM   459  C CA  . LEU A 1 65  ? -7.778  -10.318 3.241   1.00 55.64  ? 64  LEU A CA  1 
ATOM   460  C C   . LEU A 1 65  ? -8.381  -10.023 4.632   1.00 61.93  ? 64  LEU A C   1 
ATOM   461  O O   . LEU A 1 65  ? -9.026  -10.890 5.234   1.00 68.92  ? 64  LEU A O   1 
ATOM   462  C CB  . LEU A 1 65  ? -6.489  -11.152 3.313   1.00 51.76  ? 64  LEU A CB  1 
ATOM   463  C CG  . LEU A 1 65  ? -5.933  -11.633 1.964   1.00 56.03  ? 64  LEU A CG  1 
ATOM   464  C CD1 . LEU A 1 65  ? -4.656  -12.441 2.150   1.00 52.07  ? 64  LEU A CD1 1 
ATOM   465  C CD2 . LEU A 1 65  ? -6.968  -12.436 1.165   1.00 55.59  ? 64  LEU A CD2 1 
ATOM   466  N N   . PHE A 1 66  ? -8.200  -8.799  5.127   1.00 56.34  ? 65  PHE A N   1 
ATOM   467  C CA  . PHE A 1 66  ? -8.778  -8.404  6.412   1.00 58.48  ? 65  PHE A CA  1 
ATOM   468  C C   . PHE A 1 66  ? -9.074  -6.908  6.409   1.00 53.10  ? 65  PHE A C   1 
ATOM   469  O O   . PHE A 1 66  ? -8.981  -6.255  5.368   1.00 53.96  ? 65  PHE A O   1 
ATOM   470  C CB  . PHE A 1 66  ? -7.855  -8.776  7.580   1.00 53.18  ? 65  PHE A CB  1 
ATOM   471  C CG  . PHE A 1 66  ? -6.592  -7.975  7.624   1.00 55.13  ? 65  PHE A CG  1 
ATOM   472  C CD1 . PHE A 1 66  ? -5.549  -8.244  6.742   1.00 54.87  ? 65  PHE A CD1 1 
ATOM   473  C CD2 . PHE A 1 66  ? -6.442  -6.946  8.533   1.00 48.68  ? 65  PHE A CD2 1 
ATOM   474  C CE1 . PHE A 1 66  ? -4.380  -7.497  6.770   1.00 50.92  ? 65  PHE A CE1 1 
ATOM   475  C CE2 . PHE A 1 66  ? -5.277  -6.201  8.570   1.00 44.40  ? 65  PHE A CE2 1 
ATOM   476  C CZ  . PHE A 1 66  ? -4.244  -6.481  7.689   1.00 49.69  ? 65  PHE A CZ  1 
ATOM   477  N N   . GLY A 1 67  ? -9.471  -6.380  7.562   1.00 50.63  ? 66  GLY A N   1 
ATOM   478  C CA  . GLY A 1 67  ? -9.630  -4.949  7.729   1.00 47.08  ? 66  GLY A CA  1 
ATOM   479  C C   . GLY A 1 67  ? -11.027 -4.376  7.590   1.00 49.74  ? 66  GLY A C   1 
ATOM   480  O O   . GLY A 1 67  ? -11.839 -4.819  6.762   1.00 49.81  ? 66  GLY A O   1 
ATOM   481  N N   . ALA A 1 68  ? -11.304 -3.365  8.407   1.00 48.30  ? 67  ALA A N   1 
ATOM   482  C CA  . ALA A 1 68  ? -12.609 -2.704  8.407   1.00 51.54  ? 67  ALA A CA  1 
ATOM   483  C C   . ALA A 1 68  ? -12.506 -1.247  7.965   1.00 52.46  ? 67  ALA A C   1 
ATOM   484  O O   . ALA A 1 68  ? -13.318 -0.772  7.161   1.00 54.13  ? 67  ALA A O   1 
ATOM   485  C CB  . ALA A 1 68  ? -13.262 -2.797  9.793   1.00 49.59  ? 67  ALA A CB  1 
ATOM   486  N N   . ARG A 1 69  ? -11.501 -0.552  8.494   1.00 50.94  ? 68  ARG A N   1 
ATOM   487  C CA  . ARG A 1 69  ? -11.282 0.866   8.207   1.00 54.94  ? 68  ARG A CA  1 
ATOM   488  C C   . ARG A 1 69  ? -10.160 1.125   7.173   1.00 52.65  ? 68  ARG A C   1 
ATOM   489  O O   . ARG A 1 69  ? -10.214 2.108   6.437   1.00 52.39  ? 68  ARG A O   1 
ATOM   490  C CB  . ARG A 1 69  ? -11.060 1.665   9.525   1.00 60.41  ? 68  ARG A CB  1 
ATOM   491  C CG  . ARG A 1 69  ? -10.480 0.858   10.746  1.00 68.61  ? 68  ARG A CG  1 
ATOM   492  C CD  . ARG A 1 69  ? -11.156 1.206   12.153  1.00 71.90  ? 68  ARG A CD  1 
ATOM   493  N NE  . ARG A 1 69  ? -10.431 0.688   13.338  1.00 61.09  ? 68  ARG A NE  1 
ATOM   494  C CZ  . ARG A 1 69  ? -9.706  1.445   14.181  1.00 62.95  ? 68  ARG A CZ  1 
ATOM   495  N NH1 . ARG A 1 69  ? -9.610  2.758   13.991  1.00 66.88  ? 68  ARG A NH1 1 
ATOM   496  N NH2 . ARG A 1 69  ? -9.079  0.905   15.223  1.00 51.73  ? 68  ARG A NH2 1 
ATOM   497  N N   . GLU A 1 70  ? -9.164  0.239   7.128   1.00 46.45  ? 69  GLU A N   1 
ATOM   498  C CA  . GLU A 1 70  ? -8.003  0.369   6.242   1.00 48.48  ? 69  GLU A CA  1 
ATOM   499  C C   . GLU A 1 70  ? -7.614  -1.012  5.677   1.00 47.12  ? 69  GLU A C   1 
ATOM   500  O O   . GLU A 1 70  ? -7.947  -2.067  6.256   1.00 46.41  ? 69  GLU A O   1 
ATOM   501  C CB  . GLU A 1 70  ? -6.818  1.036   6.967   1.00 45.56  ? 69  GLU A CB  1 
ATOM   502  C CG  . GLU A 1 70  ? -6.202  0.201   8.098   1.00 44.23  ? 69  GLU A CG  1 
ATOM   503  C CD  . GLU A 1 70  ? -4.874  0.765   8.610   1.00 51.64  ? 69  GLU A CD  1 
ATOM   504  O OE1 . GLU A 1 70  ? -4.148  0.036   9.373   1.00 43.87  ? 69  GLU A OE1 1 
ATOM   505  O OE2 . GLU A 1 70  ? -4.575  1.934   8.237   1.00 43.12  ? 69  GLU A OE2 1 
ATOM   506  N N   . TRP A 1 71  ? -6.939  -1.016  4.535   1.00 38.75  ? 70  TRP A N   1 
ATOM   507  C CA  . TRP A 1 71  ? -6.652  -2.283  3.852   1.00 44.90  ? 70  TRP A CA  1 
ATOM   508  C C   . TRP A 1 71  ? -5.250  -2.331  3.249   1.00 42.96  ? 70  TRP A C   1 
ATOM   509  O O   . TRP A 1 71  ? -4.696  -1.303  2.846   1.00 45.77  ? 70  TRP A O   1 
ATOM   510  C CB  . TRP A 1 71  ? -7.725  -2.611  2.802   1.00 40.50  ? 70  TRP A CB  1 
ATOM   511  C CG  . TRP A 1 71  ? -9.091  -2.543  3.373   1.00 47.92  ? 70  TRP A CG  1 
ATOM   512  C CD1 . TRP A 1 71  ? -9.771  -3.549  4.020   1.00 52.73  ? 70  TRP A CD1 1 
ATOM   513  C CD2 . TRP A 1 71  ? -9.954  -1.397  3.398   1.00 46.25  ? 70  TRP A CD2 1 
ATOM   514  N NE1 . TRP A 1 71  ? -11.009 -3.094  4.433   1.00 46.66  ? 70  TRP A NE1 1 
ATOM   515  C CE2 . TRP A 1 71  ? -11.144 -1.781  4.064   1.00 48.26  ? 70  TRP A CE2 1 
ATOM   516  C CE3 . TRP A 1 71  ? -9.839  -0.084  2.918   1.00 47.01  ? 70  TRP A CE3 1 
ATOM   517  C CZ2 . TRP A 1 71  ? -12.213 -0.895  4.257   1.00 46.88  ? 70  TRP A CZ2 1 
ATOM   518  C CZ3 . TRP A 1 71  ? -10.900 0.793   3.108   1.00 51.05  ? 70  TRP A CZ3 1 
ATOM   519  C CH2 . TRP A 1 71  ? -12.075 0.382   3.775   1.00 47.74  ? 70  TRP A CH2 1 
ATOM   520  N N   . TYR A 1 72  ? -4.690  -3.536  3.191   1.00 41.24  ? 71  TYR A N   1 
ATOM   521  C CA  . TYR A 1 72  ? -3.298  -3.742  2.796   1.00 44.20  ? 71  TYR A CA  1 
ATOM   522  C C   . TYR A 1 72  ? -3.130  -4.693  1.612   1.00 43.37  ? 71  TYR A C   1 
ATOM   523  O O   . TYR A 1 72  ? -3.533  -5.852  1.703   1.00 43.63  ? 71  TYR A O   1 
ATOM   524  C CB  . TYR A 1 72  ? -2.523  -4.290  3.992   1.00 39.95  ? 71  TYR A CB  1 
ATOM   525  C CG  . TYR A 1 72  ? -2.314  -3.268  5.090   1.00 41.32  ? 71  TYR A CG  1 
ATOM   526  C CD1 . TYR A 1 72  ? -3.212  -3.156  6.145   1.00 38.37  ? 71  TYR A CD1 1 
ATOM   527  C CD2 . TYR A 1 72  ? -1.219  -2.408  5.057   1.00 36.42  ? 71  TYR A CD2 1 
ATOM   528  C CE1 . TYR A 1 72  ? -3.014  -2.239  7.145   1.00 38.16  ? 71  TYR A CE1 1 
ATOM   529  C CE2 . TYR A 1 72  ? -1.018  -1.463  6.045   1.00 39.79  ? 71  TYR A CE2 1 
ATOM   530  C CZ  . TYR A 1 72  ? -1.906  -1.384  7.101   1.00 44.98  ? 71  TYR A CZ  1 
ATOM   531  O OH  . TYR A 1 72  ? -1.684  -0.440  8.101   1.00 45.74  ? 71  TYR A OH  1 
ATOM   532  N N   . PHE A 1 73  ? -2.527  -4.211  0.519   1.00 39.97  ? 72  PHE A N   1 
ATOM   533  C CA  . PHE A 1 73  ? -2.302  -5.047  -0.669  1.00 37.08  ? 72  PHE A CA  1 
ATOM   534  C C   . PHE A 1 73  ? -0.842  -5.062  -1.140  1.00 44.98  ? 72  PHE A C   1 
ATOM   535  O O   . PHE A 1 73  ? -0.150  -4.037  -1.086  1.00 43.98  ? 72  PHE A O   1 
ATOM   536  C CB  . PHE A 1 73  ? -3.131  -4.555  -1.854  1.00 40.75  ? 72  PHE A CB  1 
ATOM   537  C CG  . PHE A 1 73  ? -4.568  -4.312  -1.545  1.00 45.59  ? 72  PHE A CG  1 
ATOM   538  C CD1 . PHE A 1 73  ? -5.538  -5.243  -1.915  1.00 44.01  ? 72  PHE A CD1 1 
ATOM   539  C CD2 . PHE A 1 73  ? -4.962  -3.141  -0.904  1.00 41.77  ? 72  PHE A CD2 1 
ATOM   540  C CE1 . PHE A 1 73  ? -6.869  -5.016  -1.628  1.00 48.08  ? 72  PHE A CE1 1 
ATOM   541  C CE2 . PHE A 1 73  ? -6.289  -2.900  -0.623  1.00 40.02  ? 72  PHE A CE2 1 
ATOM   542  C CZ  . PHE A 1 73  ? -7.249  -3.840  -0.979  1.00 47.09  ? 72  PHE A CZ  1 
ATOM   543  N N   . PHE A 1 74  ? -0.386  -6.215  -1.636  1.00 44.22  ? 73  PHE A N   1 
ATOM   544  C CA  . PHE A 1 74  ? 0.819   -6.284  -2.456  1.00 36.50  ? 73  PHE A CA  1 
ATOM   545  C C   . PHE A 1 74  ? 0.411   -6.149  -3.923  1.00 37.55  ? 73  PHE A C   1 
ATOM   546  O O   . PHE A 1 74  ? -0.395  -6.926  -4.401  1.00 42.37  ? 73  PHE A O   1 
ATOM   547  C CB  . PHE A 1 74  ? 1.503   -7.616  -2.254  1.00 35.73  ? 73  PHE A CB  1 
ATOM   548  C CG  . PHE A 1 74  ? 2.460   -7.646  -1.096  1.00 40.14  ? 73  PHE A CG  1 
ATOM   549  C CD1 . PHE A 1 74  ? 3.515   -6.750  -1.017  1.00 40.75  ? 73  PHE A CD1 1 
ATOM   550  C CD2 . PHE A 1 74  ? 2.326   -8.596  -0.098  1.00 37.86  ? 73  PHE A CD2 1 
ATOM   551  C CE1 . PHE A 1 74  ? 4.398   -6.792  0.059   1.00 37.20  ? 73  PHE A CE1 1 
ATOM   552  C CE2 . PHE A 1 74  ? 3.207   -8.645  0.953   1.00 38.82  ? 73  PHE A CE2 1 
ATOM   553  C CZ  . PHE A 1 74  ? 4.247   -7.742  1.033   1.00 35.85  ? 73  PHE A CZ  1 
ATOM   554  N N   . THR A 1 75  ? 0.930   -5.154  -4.635  1.00 39.38  ? 74  THR A N   1 
ATOM   555  C CA  . THR A 1 75  ? 0.616   -5.002  -6.064  1.00 38.54  ? 74  THR A CA  1 
ATOM   556  C C   . THR A 1 75  ? 1.877   -4.842  -6.888  1.00 38.55  ? 74  THR A C   1 
ATOM   557  O O   . THR A 1 75  ? 2.941   -4.558  -6.350  1.00 39.48  ? 74  THR A O   1 
ATOM   558  C CB  . THR A 1 75  ? -0.324  -3.811  -6.368  1.00 40.61  ? 74  THR A CB  1 
ATOM   559  O OG1 . THR A 1 75  ? -0.377  -3.596  -7.791  1.00 43.46  ? 74  THR A OG1 1 
ATOM   560  C CG2 . THR A 1 75  ? 0.138   -2.529  -5.649  1.00 34.72  ? 74  THR A CG2 1 
ATOM   561  N N   . PRO A 1 76  ? 1.779   -5.091  -8.194  1.00 45.84  ? 75  PRO A N   1 
ATOM   562  C CA  . PRO A 1 76  ? 2.950   -4.789  -9.032  1.00 45.83  ? 75  PRO A CA  1 
ATOM   563  C C   . PRO A 1 76  ? 3.055   -3.287  -9.312  1.00 51.03  ? 75  PRO A C   1 
ATOM   564  O O   . PRO A 1 76  ? 2.024   -2.606  -9.269  1.00 52.39  ? 75  PRO A O   1 
ATOM   565  C CB  . PRO A 1 76  ? 2.653   -5.542  -10.331 1.00 35.63  ? 75  PRO A CB  1 
ATOM   566  C CG  . PRO A 1 76  ? 1.145   -5.846  -10.291 1.00 45.17  ? 75  PRO A CG  1 
ATOM   567  C CD  . PRO A 1 76  ? 0.832   -6.022  -8.844  1.00 42.44  ? 75  PRO A CD  1 
ATOM   568  N N   . ARG A 1 77  ? 4.269   -2.788  -9.551  1.00 55.60  ? 76  ARG A N   1 
ATOM   569  C CA  . ARG A 1 77  ? 4.476   -1.468  -10.162 1.00 60.94  ? 76  ARG A CA  1 
ATOM   570  C C   . ARG A 1 77  ? 5.799   -0.757  -9.822  1.00 74.20  ? 76  ARG A C   1 
ATOM   571  O O   . ARG A 1 77  ? 6.880   -1.197  -10.227 1.00 81.48  ? 76  ARG A O   1 
ATOM   572  C CB  . ARG A 1 77  ? 3.310   -0.533  -9.871  1.00 64.98  ? 76  ARG A CB  1 
ATOM   573  C CG  . ARG A 1 77  ? 2.537   -0.130  -11.085 1.00 62.50  ? 76  ARG A CG  1 
ATOM   574  C CD  . ARG A 1 77  ? 3.372   0.750   -11.978 1.00 71.43  ? 76  ARG A CD  1 
ATOM   575  N NE  . ARG A 1 77  ? 2.571   1.267   -13.079 1.00 74.66  ? 76  ARG A NE  1 
ATOM   576  C CZ  . ARG A 1 77  ? 1.705   2.269   -12.951 1.00 80.85  ? 76  ARG A CZ  1 
ATOM   577  N NH1 . ARG A 1 77  ? 1.543   2.861   -11.769 1.00 69.41  ? 76  ARG A NH1 1 
ATOM   578  N NH2 . ARG A 1 77  ? 1.005   2.688   -14.002 1.00 83.56  ? 76  ARG A NH2 1 
ATOM   579  N N   . ASP A 1 78  ? 5.695   0.335   -9.063  1.00 78.27  ? 77  ASP A N   1 
ATOM   580  C CA  . ASP A 1 78  ? 6.716   1.409   -9.022  1.00 81.92  ? 77  ASP A CA  1 
ATOM   581  C C   . ASP A 1 78  ? 8.177   1.096   -8.608  1.00 81.03  ? 77  ASP A C   1 
ATOM   582  O O   . ASP A 1 78  ? 8.482   0.022   -8.078  1.00 82.69  ? 77  ASP A O   1 
ATOM   583  C CB  . ASP A 1 78  ? 6.187   2.614   -8.228  1.00 72.36  ? 77  ASP A CB  1 
ATOM   584  C CG  . ASP A 1 78  ? 6.252   3.898   -9.023  1.00 78.07  ? 77  ASP A CG  1 
ATOM   585  O OD1 . ASP A 1 78  ? 6.106   3.830   -10.267 1.00 77.90  ? 77  ASP A OD1 1 
ATOM   586  O OD2 . ASP A 1 78  ? 6.460   4.968   -8.404  1.00 80.92  ? 77  ASP A OD2 1 
ATOM   587  N N   . ARG A 1 79  ? 9.059   2.071   -8.847  1.00 79.09  ? 78  ARG A N   1 
ATOM   588  C CA  . ARG A 1 79  ? 10.507  1.877   -8.733  1.00 85.51  ? 78  ARG A CA  1 
ATOM   589  C C   . ARG A 1 79  ? 11.260  3.149   -8.264  1.00 85.67  ? 78  ARG A C   1 
ATOM   590  O O   . ARG A 1 79  ? 11.716  3.220   -7.109  1.00 79.26  ? 78  ARG A O   1 
ATOM   591  C CB  . ARG A 1 79  ? 11.065  1.386   -10.087 1.00 91.20  ? 78  ARG A CB  1 
ATOM   592  C CG  . ARG A 1 79  ? 12.230  0.388   -10.020 1.00 87.81  ? 78  ARG A CG  1 
ATOM   593  C CD  . ARG A 1 79  ? 13.539  1.001   -10.527 1.00 92.14  ? 78  ARG A CD  1 
ATOM   594  N NE  . ARG A 1 79  ? 14.230  1.744   -9.473  1.00 98.01  ? 78  ARG A NE  1 
ATOM   595  C CZ  . ARG A 1 79  ? 15.343  2.454   -9.650  1.00 94.69  ? 78  ARG A CZ  1 
ATOM   596  N NH1 . ARG A 1 79  ? 15.906  2.529   -10.854 1.00 87.20  ? 78  ARG A NH1 1 
ATOM   597  N NH2 . ARG A 1 79  ? 15.890  3.091   -8.616  1.00 85.56  ? 78  ARG A NH2 1 
ATOM   598  N N   . SER A 1 85  ? 8.935   6.861   -8.031  1.00 76.11  ? 84  SER A N   1 
ATOM   599  C CA  . SER A 1 85  ? 9.022   8.312   -7.901  1.00 74.12  ? 84  SER A CA  1 
ATOM   600  C C   . SER A 1 85  ? 8.377   8.925   -9.116  1.00 80.53  ? 84  SER A C   1 
ATOM   601  O O   . SER A 1 85  ? 8.837   8.739   -10.246 1.00 84.89  ? 84  SER A O   1 
ATOM   602  C CB  . SER A 1 85  ? 10.476  8.790   -7.789  1.00 72.41  ? 84  SER A CB  1 
ATOM   603  O OG  . SER A 1 85  ? 10.534  10.198  -7.555  1.00 70.14  ? 84  SER A OG  1 
ATOM   604  N N   . ARG A 1 86  ? 7.309   9.662   -8.863  1.00 76.91  ? 85  ARG A N   1 
ATOM   605  C CA  . ARG A 1 86  ? 6.443   10.162  -9.904  1.00 77.38  ? 85  ARG A CA  1 
ATOM   606  C C   . ARG A 1 86  ? 5.317   10.805  -9.149  1.00 78.87  ? 85  ARG A C   1 
ATOM   607  O O   . ARG A 1 86  ? 4.804   10.238  -8.180  1.00 75.81  ? 85  ARG A O   1 
ATOM   608  C CB  . ARG A 1 86  ? 5.868   9.010   -10.747 1.00 83.59  ? 85  ARG A CB  1 
ATOM   609  C CG  . ARG A 1 86  ? 6.339   8.955   -12.203 1.00 82.01  ? 85  ARG A CG  1 
ATOM   610  C CD  . ARG A 1 86  ? 6.651   7.520   -12.621 1.00 82.98  ? 85  ARG A CD  1 
ATOM   611  N NE  . ARG A 1 86  ? 7.518   6.842   -11.649 1.00 87.70  ? 85  ARG A NE  1 
ATOM   612  C CZ  . ARG A 1 86  ? 8.669   6.229   -11.937 1.00 88.42  ? 85  ARG A CZ  1 
ATOM   613  N NH1 . ARG A 1 86  ? 9.132   6.182   -13.182 1.00 80.61  ? 85  ARG A NH1 1 
ATOM   614  N NH2 . ARG A 1 86  ? 9.359   5.654   -10.962 1.00 87.54  ? 85  ARG A NH2 1 
ATOM   615  N N   . PRO A 1 87  ? 4.956   12.019  -9.554  1.00 80.77  ? 86  PRO A N   1 
ATOM   616  C CA  . PRO A 1 87  ? 3.659   12.577  -9.171  1.00 80.73  ? 86  PRO A CA  1 
ATOM   617  C C   . PRO A 1 87  ? 2.577   11.893  -10.016 1.00 82.58  ? 86  PRO A C   1 
ATOM   618  O O   . PRO A 1 87  ? 2.578   12.043  -11.256 1.00 82.58  ? 86  PRO A O   1 
ATOM   619  C CB  . PRO A 1 87  ? 3.790   14.053  -9.555  1.00 74.62  ? 86  PRO A CB  1 
ATOM   620  C CG  . PRO A 1 87  ? 4.791   14.057  -10.674 1.00 79.23  ? 86  PRO A CG  1 
ATOM   621  C CD  . PRO A 1 87  ? 5.775   12.966  -10.329 1.00 75.64  ? 86  PRO A CD  1 
ATOM   622  N N   . ASN A 1 88  ? 1.702   11.133  -9.356  1.00 68.44  ? 87  ASN A N   1 
ATOM   623  C CA  . ASN A 1 88  ? 0.603   10.425  -10.018 1.00 67.60  ? 87  ASN A CA  1 
ATOM   624  C C   . ASN A 1 88  ? 0.857   8.939   -10.274 1.00 70.74  ? 87  ASN A C   1 
ATOM   625  O O   . ASN A 1 88  ? 1.985   8.437   -10.162 1.00 72.92  ? 87  ASN A O   1 
ATOM   626  C CB  . ASN A 1 88  ? 0.168   11.110  -11.329 1.00 67.57  ? 87  ASN A CB  1 
ATOM   627  C CG  . ASN A 1 88  ? -0.619  12.387  -11.096 1.00 69.73  ? 87  ASN A CG  1 
ATOM   628  O OD1 . ASN A 1 88  ? -0.401  13.106  -10.113 1.00 65.85  ? 87  ASN A OD1 1 
ATOM   629  N ND2 . ASN A 1 88  ? -1.549  12.676  -12.006 1.00 68.38  ? 87  ASN A ND2 1 
ATOM   630  N N   . ARG A 1 89  ? -0.225  8.260   -10.642 1.00 72.11  ? 88  ARG A N   1 
ATOM   631  C CA  . ARG A 1 89  ? -0.250  6.828   -10.898 1.00 63.57  ? 88  ARG A CA  1 
ATOM   632  C C   . ARG A 1 89  ? -1.634  6.523   -11.473 1.00 62.25  ? 88  ARG A C   1 
ATOM   633  O O   . ARG A 1 89  ? -2.639  6.551   -10.755 1.00 64.30  ? 88  ARG A O   1 
ATOM   634  C CB  . ARG A 1 89  ? 0.005   6.051   -9.593  1.00 60.11  ? 88  ARG A CB  1 
ATOM   635  C CG  . ARG A 1 89  ? 1.339   5.287   -9.558  1.00 60.87  ? 88  ARG A CG  1 
ATOM   636  C CD  . ARG A 1 89  ? 2.068   5.390   -8.222  1.00 53.58  ? 88  ARG A CD  1 
ATOM   637  N NE  . ARG A 1 89  ? 2.843   6.623   -8.116  1.00 59.59  ? 88  ARG A NE  1 
ATOM   638  C CZ  . ARG A 1 89  ? 4.031   6.712   -7.520  1.00 61.25  ? 88  ARG A CZ  1 
ATOM   639  N NH1 . ARG A 1 89  ? 4.582   5.641   -6.969  1.00 53.88  ? 88  ARG A NH1 1 
ATOM   640  N NH2 . ARG A 1 89  ? 4.673   7.874   -7.475  1.00 66.28  ? 88  ARG A NH2 1 
ATOM   641  N N   . ALA A 1 90  ? -1.702  6.281   -12.777 1.00 63.88  ? 89  ALA A N   1 
ATOM   642  C CA  . ALA A 1 90  ? -2.985  5.990   -13.413 1.00 66.85  ? 89  ALA A CA  1 
ATOM   643  C C   . ALA A 1 90  ? -3.584  4.692   -12.863 1.00 60.05  ? 89  ALA A C   1 
ATOM   644  O O   . ALA A 1 90  ? -2.856  3.749   -12.552 1.00 59.41  ? 89  ALA A O   1 
ATOM   645  C CB  . ALA A 1 90  ? -2.824  5.920   -14.931 1.00 65.37  ? 89  ALA A CB  1 
ATOM   646  N N   . ALA A 1 91  ? -4.907  4.646   -12.742 1.00 61.75  ? 90  ALA A N   1 
ATOM   647  C CA  . ALA A 1 91  ? -5.573  3.457   -12.201 1.00 62.40  ? 90  ALA A CA  1 
ATOM   648  C C   . ALA A 1 91  ? -7.090  3.432   -12.421 1.00 60.30  ? 90  ALA A C   1 
ATOM   649  O O   . ALA A 1 91  ? -7.768  4.433   -12.227 1.00 65.90  ? 90  ALA A O   1 
ATOM   650  C CB  . ALA A 1 91  ? -5.253  3.294   -10.715 1.00 61.94  ? 90  ALA A CB  1 
ATOM   651  N N   . GLY A 1 92  ? -7.611  2.273   -12.815 1.00 63.94  ? 91  GLY A N   1 
ATOM   652  C CA  . GLY A 1 92  ? -9.039  2.073   -13.020 1.00 63.65  ? 91  GLY A CA  1 
ATOM   653  C C   . GLY A 1 92  ? -9.681  3.005   -14.035 1.00 73.80  ? 91  GLY A C   1 
ATOM   654  O O   . GLY A 1 92  ? -9.214  3.140   -15.186 1.00 71.89  ? 91  GLY A O   1 
ATOM   655  N N   . ASN A 1 93  ? -10.774 3.631   -13.605 1.00 67.46  ? 92  ASN A N   1 
ATOM   656  C CA  . ASN A 1 93  ? -11.438 4.670   -14.383 1.00 70.12  ? 92  ASN A CA  1 
ATOM   657  C C   . ASN A 1 93  ? -11.152 6.024   -13.748 1.00 70.08  ? 92  ASN A C   1 
ATOM   658  O O   . ASN A 1 93  ? -12.064 6.819   -13.490 1.00 68.69  ? 92  ASN A O   1 
ATOM   659  C CB  . ASN A 1 93  ? -12.946 4.428   -14.441 1.00 72.33  ? 92  ASN A CB  1 
ATOM   660  C CG  . ASN A 1 93  ? -13.296 3.075   -15.017 1.00 78.02  ? 92  ASN A CG  1 
ATOM   661  O OD1 . ASN A 1 93  ? -13.019 2.798   -16.183 1.00 86.31  ? 92  ASN A OD1 1 
ATOM   662  N ND2 . ASN A 1 93  ? -13.909 2.223   -14.202 1.00 76.37  ? 92  ASN A ND2 1 
ATOM   663  N N   . GLY A 1 94  ? -9.872  6.263   -13.486 1.00 67.74  ? 93  GLY A N   1 
ATOM   664  C CA  . GLY A 1 94  ? -9.424  7.462   -12.810 1.00 64.03  ? 93  GLY A CA  1 
ATOM   665  C C   . GLY A 1 94  ? -7.917  7.466   -12.682 1.00 63.23  ? 93  GLY A C   1 
ATOM   666  O O   . GLY A 1 94  ? -7.210  6.841   -13.476 1.00 66.08  ? 93  GLY A O   1 
ATOM   667  N N   . TYR A 1 95  ? -7.419  8.182   -11.685 1.00 64.15  ? 94  TYR A N   1 
ATOM   668  C CA  . TYR A 1 95  ? -5.986  8.213   -11.420 1.00 68.24  ? 94  TYR A CA  1 
ATOM   669  C C   . TYR A 1 95  ? -5.729  8.614   -9.976  1.00 58.97  ? 94  TYR A C   1 
ATOM   670  O O   . TYR A 1 95  ? -6.571  9.235   -9.348  1.00 54.10  ? 94  TYR A O   1 
ATOM   671  C CB  . TYR A 1 95  ? -5.257  9.166   -12.386 1.00 64.62  ? 94  TYR A CB  1 
ATOM   672  C CG  . TYR A 1 95  ? -5.733  10.599  -12.321 1.00 66.07  ? 94  TYR A CG  1 
ATOM   673  C CD1 . TYR A 1 95  ? -6.776  11.045  -13.126 1.00 67.00  ? 94  TYR A CD1 1 
ATOM   674  C CD2 . TYR A 1 95  ? -5.150  11.509  -11.446 1.00 67.59  ? 94  TYR A CD2 1 
ATOM   675  C CE1 . TYR A 1 95  ? -7.224  12.360  -13.065 1.00 69.22  ? 94  TYR A CE1 1 
ATOM   676  C CE2 . TYR A 1 95  ? -5.592  12.835  -11.383 1.00 68.56  ? 94  TYR A CE2 1 
ATOM   677  C CZ  . TYR A 1 95  ? -6.626  13.250  -12.194 1.00 68.73  ? 94  TYR A CZ  1 
ATOM   678  O OH  . TYR A 1 95  ? -7.065  14.556  -12.127 1.00 72.11  ? 94  TYR A OH  1 
ATOM   679  N N   . TRP A 1 96  ? -4.562  8.233   -9.467  1.00 59.57  ? 95  TRP A N   1 
ATOM   680  C CA  . TRP A 1 96  ? -4.082  8.660   -8.160  1.00 57.75  ? 95  TRP A CA  1 
ATOM   681  C C   . TRP A 1 96  ? -3.159  9.867   -8.305  1.00 62.01  ? 95  TRP A C   1 
ATOM   682  O O   . TRP A 1 96  ? -2.353  9.936   -9.239  1.00 61.19  ? 95  TRP A O   1 
ATOM   683  C CB  . TRP A 1 96  ? -3.298  7.529   -7.508  1.00 57.43  ? 95  TRP A CB  1 
ATOM   684  C CG  . TRP A 1 96  ? -4.133  6.364   -7.192  1.00 56.36  ? 95  TRP A CG  1 
ATOM   685  C CD1 . TRP A 1 96  ? -4.321  5.246   -7.963  1.00 56.23  ? 95  TRP A CD1 1 
ATOM   686  C CD2 . TRP A 1 96  ? -4.910  6.182   -6.012  1.00 50.33  ? 95  TRP A CD2 1 
ATOM   687  N NE1 . TRP A 1 96  ? -5.169  4.376   -7.324  1.00 53.44  ? 95  TRP A NE1 1 
ATOM   688  C CE2 . TRP A 1 96  ? -5.545  4.927   -6.119  1.00 55.44  ? 95  TRP A CE2 1 
ATOM   689  C CE3 . TRP A 1 96  ? -5.121  6.951   -4.860  1.00 52.11  ? 95  TRP A CE3 1 
ATOM   690  C CZ2 . TRP A 1 96  ? -6.393  4.425   -5.118  1.00 50.15  ? 95  TRP A CZ2 1 
ATOM   691  C CZ3 . TRP A 1 96  ? -5.968  6.447   -3.857  1.00 51.34  ? 95  TRP A CZ3 1 
ATOM   692  C CH2 . TRP A 1 96  ? -6.587  5.198   -3.998  1.00 48.11  ? 95  TRP A CH2 1 
ATOM   693  N N   . LYS A 1 97  ? -3.267  10.811  -7.377  1.00 57.99  ? 96  LYS A N   1 
ATOM   694  C CA  . LYS A 1 97  ? -2.448  12.010  -7.435  1.00 58.95  ? 96  LYS A CA  1 
ATOM   695  C C   . LYS A 1 97  ? -1.602  12.111  -6.183  1.00 58.58  ? 96  LYS A C   1 
ATOM   696  O O   . LYS A 1 97  ? -2.103  11.956  -5.065  1.00 58.56  ? 96  LYS A O   1 
ATOM   697  C CB  . LYS A 1 97  ? -3.327  13.251  -7.593  1.00 62.10  ? 96  LYS A CB  1 
ATOM   698  C CG  . LYS A 1 97  ? -2.597  14.571  -7.407  1.00 67.98  ? 96  LYS A CG  1 
ATOM   699  C CD  . LYS A 1 97  ? -3.527  15.764  -7.656  1.00 72.75  ? 96  LYS A CD  1 
ATOM   700  C CE  . LYS A 1 97  ? -3.944  15.872  -9.132  1.00 71.11  ? 96  LYS A CE  1 
ATOM   701  N NZ  . LYS A 1 97  ? -2.799  16.240  -10.029 1.00 76.25  ? 96  LYS A NZ  1 
ATOM   702  N N   . ALA A 1 98  ? -0.311  12.355  -6.369  1.00 55.57  ? 97  ALA A N   1 
ATOM   703  C CA  . ALA A 1 98  ? 0.604   12.437  -5.239  1.00 57.04  ? 97  ALA A CA  1 
ATOM   704  C C   . ALA A 1 98  ? 0.211   13.569  -4.284  1.00 60.32  ? 97  ALA A C   1 
ATOM   705  O O   . ALA A 1 98  ? -0.043  14.700  -4.723  1.00 64.89  ? 97  ALA A O   1 
ATOM   706  C CB  . ALA A 1 98  ? 2.048   12.604  -5.733  1.00 63.83  ? 97  ALA A CB  1 
ATOM   707  N N   . THR A 1 99  ? 0.155   13.264  -2.986  1.00 56.77  ? 98  THR A N   1 
ATOM   708  C CA  . THR A 1 99  ? -0.299  14.228  -1.967  1.00 56.09  ? 98  THR A CA  1 
ATOM   709  C C   . THR A 1 99  ? 0.868   14.821  -1.179  1.00 62.41  ? 98  THR A C   1 
ATOM   710  O O   . THR A 1 99  ? 0.691   15.707  -0.331  1.00 64.49  ? 98  THR A O   1 
ATOM   711  C CB  . THR A 1 99  ? -1.296  13.580  -0.974  1.00 52.04  ? 98  THR A CB  1 
ATOM   712  O OG1 . THR A 1 99  ? -2.550  14.259  -1.045  1.00 52.40  ? 98  THR A OG1 1 
ATOM   713  C CG2 . THR A 1 99  ? -0.774  13.626  0.448   1.00 48.30  ? 98  THR A CG2 1 
ATOM   714  N N   . GLY A 1 100 ? 2.065   14.326  -1.471  1.00 56.94  ? 99  GLY A N   1 
ATOM   715  C CA  . GLY A 1 100 ? 3.256   14.783  -0.794  1.00 48.10  ? 99  GLY A CA  1 
ATOM   716  C C   . GLY A 1 100 ? 4.490   14.227  -1.467  1.00 54.61  ? 99  GLY A C   1 
ATOM   717  O O   . GLY A 1 100 ? 4.454   13.764  -2.611  1.00 66.06  ? 99  GLY A O   1 
ATOM   718  N N   . ALA A 1 101 ? 5.596   14.264  -0.749  1.00 47.24  ? 100 ALA A N   1 
ATOM   719  C CA  . ALA A 1 101 ? 6.858   13.876  -1.313  1.00 47.32  ? 100 ALA A CA  1 
ATOM   720  C C   . ALA A 1 101 ? 7.180   12.469  -0.852  1.00 44.62  ? 100 ALA A C   1 
ATOM   721  O O   . ALA A 1 101 ? 6.708   12.048  0.193   1.00 47.03  ? 100 ALA A O   1 
ATOM   722  C CB  . ALA A 1 101 ? 7.951   14.866  -0.869  1.00 44.01  ? 100 ALA A CB  1 
ATOM   723  N N   . ASP A 1 102 ? 7.985   11.743  -1.625  1.00 46.48  ? 101 ASP A N   1 
ATOM   724  C CA  . ASP A 1 102 ? 8.465   10.458  -1.163  1.00 41.68  ? 101 ASP A CA  1 
ATOM   725  C C   . ASP A 1 102 ? 9.018   10.683  0.229   1.00 39.87  ? 101 ASP A C   1 
ATOM   726  O O   . ASP A 1 102 ? 9.712   11.647  0.473   1.00 45.28  ? 101 ASP A O   1 
ATOM   727  C CB  . ASP A 1 102 ? 9.563   9.896   -2.071  1.00 40.65  ? 101 ASP A CB  1 
ATOM   728  C CG  . ASP A 1 102 ? 9.123   9.752   -3.529  1.00 46.95  ? 101 ASP A CG  1 
ATOM   729  O OD1 . ASP A 1 102 ? 7.907   9.676   -3.819  1.00 47.67  ? 101 ASP A OD1 1 
ATOM   730  O OD2 . ASP A 1 102 ? 10.015  9.715   -4.398  1.00 42.39  ? 101 ASP A OD2 1 
ATOM   731  N N   . LYS A 1 103 ? 8.711   9.788   1.149   1.00 40.79  ? 102 LYS A N   1 
ATOM   732  C CA  . LYS A 1 103 ? 9.216   9.911   2.493   1.00 45.02  ? 102 LYS A CA  1 
ATOM   733  C C   . LYS A 1 103 ? 10.118  8.732   2.807   1.00 44.07  ? 102 LYS A C   1 
ATOM   734  O O   . LYS A 1 103 ? 9.682   7.589   2.808   1.00 45.63  ? 102 LYS A O   1 
ATOM   735  C CB  . LYS A 1 103 ? 8.042   9.968   3.480   1.00 49.27  ? 102 LYS A CB  1 
ATOM   736  C CG  . LYS A 1 103 ? 8.430   9.893   4.936   1.00 44.27  ? 102 LYS A CG  1 
ATOM   737  C CD  . LYS A 1 103 ? 7.229   10.133  5.836   1.00 63.44  ? 102 LYS A CD  1 
ATOM   738  C CE  . LYS A 1 103 ? 6.650   11.543  5.661   1.00 73.89  ? 102 LYS A CE  1 
ATOM   739  N NZ  . LYS A 1 103 ? 6.195   11.830  4.257   1.00 71.82  ? 102 LYS A NZ  1 
ATOM   740  N N   . PRO A 1 104 ? 11.388  9.012   3.076   1.00 44.13  ? 103 PRO A N   1 
ATOM   741  C CA  . PRO A 1 104 ? 12.341  7.960   3.419   1.00 43.98  ? 103 PRO A CA  1 
ATOM   742  C C   . PRO A 1 104 ? 11.867  7.144   4.606   1.00 45.57  ? 103 PRO A C   1 
ATOM   743  O O   . PRO A 1 104 ? 11.374  7.694   5.598   1.00 48.23  ? 103 PRO A O   1 
ATOM   744  C CB  . PRO A 1 104 ? 13.600  8.744   3.794   1.00 47.04  ? 103 PRO A CB  1 
ATOM   745  C CG  . PRO A 1 104 ? 13.117  10.147  4.102   1.00 42.70  ? 103 PRO A CG  1 
ATOM   746  C CD  . PRO A 1 104 ? 11.981  10.355  3.166   1.00 44.79  ? 103 PRO A CD  1 
ATOM   747  N N   . VAL A 1 105 ? 12.006  5.827   4.490   1.00 46.43  ? 104 VAL A N   1 
ATOM   748  C CA  . VAL A 1 105 ? 11.704  4.904   5.574   1.00 45.06  ? 104 VAL A CA  1 
ATOM   749  C C   . VAL A 1 105 ? 12.926  4.038   5.683   1.00 45.18  ? 104 VAL A C   1 
ATOM   750  O O   . VAL A 1 105 ? 13.253  3.293   4.744   1.00 47.08  ? 104 VAL A O   1 
ATOM   751  C CB  . VAL A 1 105 ? 10.462  4.024   5.265   1.00 43.55  ? 104 VAL A CB  1 
ATOM   752  C CG1 . VAL A 1 105 ? 10.210  3.034   6.392   1.00 36.27  ? 104 VAL A CG1 1 
ATOM   753  C CG2 . VAL A 1 105 ? 9.246   4.899   5.010   1.00 39.41  ? 104 VAL A CG2 1 
ATOM   754  N N   . ALA A 1 106 ? 13.612  4.151   6.818   1.00 46.80  ? 105 ALA A N   1 
ATOM   755  C CA  . ALA A 1 106 ? 14.970  3.628   6.924   1.00 50.39  ? 105 ALA A CA  1 
ATOM   756  C C   . ALA A 1 106 ? 15.140  2.687   8.099   1.00 55.44  ? 105 ALA A C   1 
ATOM   757  O O   . ALA A 1 106 ? 15.641  3.076   9.146   1.00 58.30  ? 105 ALA A O   1 
ATOM   758  C CB  . ALA A 1 106 ? 15.981  4.762   6.983   1.00 38.89  ? 105 ALA A CB  1 
ATOM   759  N N   . PRO A 1 107 ? 14.722  1.428   7.913   1.00 61.42  ? 106 PRO A N   1 
ATOM   760  C CA  . PRO A 1 107 ? 14.930  0.361   8.892   1.00 60.31  ? 106 PRO A CA  1 
ATOM   761  C C   . PRO A 1 107 ? 16.416  0.192   9.206   1.00 63.62  ? 106 PRO A C   1 
ATOM   762  O O   . PRO A 1 107 ? 17.232  1.029   8.819   1.00 60.79  ? 106 PRO A O   1 
ATOM   763  C CB  . PRO A 1 107 ? 14.390  -0.883  8.170   1.00 60.17  ? 106 PRO A CB  1 
ATOM   764  C CG  . PRO A 1 107 ? 13.384  -0.336  7.194   1.00 53.87  ? 106 PRO A CG  1 
ATOM   765  C CD  . PRO A 1 107 ? 13.989  0.952   6.724   1.00 56.50  ? 106 PRO A CD  1 
ATOM   766  N N   . ARG A 1 108 ? 16.750  -0.906  9.872   1.00 66.26  ? 107 ARG A N   1 
ATOM   767  C CA  . ARG A 1 108 ? 18.048  -1.067  10.509  1.00 66.83  ? 107 ARG A CA  1 
ATOM   768  C C   . ARG A 1 108 ? 19.199  -1.228  9.536   1.00 62.94  ? 107 ARG A C   1 
ATOM   769  O O   . ARG A 1 108 ? 20.250  -0.612  9.704   1.00 66.74  ? 107 ARG A O   1 
ATOM   770  C CB  . ARG A 1 108 ? 18.009  -2.266  11.459  1.00 76.59  ? 107 ARG A CB  1 
ATOM   771  C CG  . ARG A 1 108 ? 17.132  -2.066  12.689  1.00 77.77  ? 107 ARG A CG  1 
ATOM   772  C CD  . ARG A 1 108 ? 16.330  -3.330  13.020  1.00 83.02  ? 107 ARG A CD  1 
ATOM   773  N NE  . ARG A 1 108 ? 16.332  -3.645  14.452  1.00 86.68  ? 107 ARG A NE  1 
ATOM   774  C CZ  . ARG A 1 108 ? 15.530  -3.078  15.354  1.00 95.92  ? 107 ARG A CZ  1 
ATOM   775  N NH1 . ARG A 1 108 ? 15.603  -3.434  16.636  1.00 95.03  ? 107 ARG A NH1 1 
ATOM   776  N NH2 . ARG A 1 108 ? 14.653  -2.146  14.984  1.00 90.47  ? 107 ARG A NH2 1 
ATOM   777  N N   . GLY A 1 109 ? 19.011  -2.069  8.532   1.00 60.01  ? 108 GLY A N   1 
ATOM   778  C CA  . GLY A 1 109 ? 20.086  -2.354  7.600   1.00 72.61  ? 108 GLY A CA  1 
ATOM   779  C C   . GLY A 1 109 ? 20.425  -1.214  6.643   1.00 66.79  ? 108 GLY A C   1 
ATOM   780  O O   . GLY A 1 109 ? 20.227  -0.028  6.955   1.00 59.31  ? 108 GLY A O   1 
ATOM   781  N N   . ARG A 1 110 ? 20.959  -1.583  5.478   1.00 64.64  ? 109 ARG A N   1 
ATOM   782  C CA  . ARG A 1 110 ? 21.123  -0.637  4.386   1.00 62.01  ? 109 ARG A CA  1 
ATOM   783  C C   . ARG A 1 110 ? 19.796  -0.601  3.646   1.00 58.44  ? 109 ARG A C   1 
ATOM   784  O O   . ARG A 1 110 ? 19.669  0.029   2.595   1.00 53.37  ? 109 ARG A O   1 
ATOM   785  C CB  . ARG A 1 110 ? 22.291  -1.029  3.471   1.00 63.82  ? 109 ARG A CB  1 
ATOM   786  C CG  . ARG A 1 110 ? 22.402  -2.507  3.155   1.00 65.98  ? 109 ARG A CG  1 
ATOM   787  C CD  . ARG A 1 110 ? 23.609  -3.142  3.844   1.00 72.37  ? 109 ARG A CD  1 
ATOM   788  N NE  . ARG A 1 110 ? 23.390  -3.405  5.274   1.00 81.34  ? 109 ARG A NE  1 
ATOM   789  C CZ  . ARG A 1 110 ? 22.717  -4.450  5.764   1.00 78.35  ? 109 ARG A CZ  1 
ATOM   790  N NH1 . ARG A 1 110 ? 22.165  -5.339  4.948   1.00 78.02  ? 109 ARG A NH1 1 
ATOM   791  N NH2 . ARG A 1 110 ? 22.586  -4.603  7.074   1.00 81.18  ? 109 ARG A NH2 1 
ATOM   792  N N   . THR A 1 111 ? 18.812  -1.277  4.244   1.00 59.85  ? 110 THR A N   1 
ATOM   793  C CA  . THR A 1 111 ? 17.430  -1.287  3.777   1.00 60.30  ? 110 THR A CA  1 
ATOM   794  C C   . THR A 1 111 ? 16.898  0.127   3.711   1.00 52.61  ? 110 THR A C   1 
ATOM   795  O O   . THR A 1 111 ? 17.045  0.891   4.661   1.00 54.10  ? 110 THR A O   1 
ATOM   796  C CB  . THR A 1 111 ? 16.501  -2.084  4.729   1.00 63.66  ? 110 THR A CB  1 
ATOM   797  O OG1 . THR A 1 111 ? 17.082  -3.358  5.037   1.00 66.58  ? 110 THR A OG1 1 
ATOM   798  C CG2 . THR A 1 111 ? 15.103  -2.276  4.101   1.00 53.04  ? 110 THR A CG2 1 
ATOM   799  N N   . LEU A 1 112 ? 16.276  0.471   2.591   1.00 44.97  ? 111 LEU A N   1 
ATOM   800  C CA  . LEU A 1 112 ? 15.678  1.777   2.460   1.00 48.25  ? 111 LEU A CA  1 
ATOM   801  C C   . LEU A 1 112 ? 14.325  1.687   1.764   1.00 47.87  ? 111 LEU A C   1 
ATOM   802  O O   . LEU A 1 112 ? 14.234  1.278   0.612   1.00 50.22  ? 111 LEU A O   1 
ATOM   803  C CB  . LEU A 1 112 ? 16.629  2.736   1.723   1.00 48.81  ? 111 LEU A CB  1 
ATOM   804  C CG  . LEU A 1 112 ? 16.380  4.258   1.691   1.00 45.64  ? 111 LEU A CG  1 
ATOM   805  C CD1 . LEU A 1 112 ? 15.810  4.737   0.366   1.00 41.45  ? 111 LEU A CD1 1 
ATOM   806  C CD2 . LEU A 1 112 ? 15.508  4.744   2.862   1.00 42.82  ? 111 LEU A CD2 1 
ATOM   807  N N   . GLY A 1 113 ? 13.265  2.072   2.468   1.00 46.02  ? 112 GLY A N   1 
ATOM   808  C CA  . GLY A 1 113 ? 11.956  2.140   1.843   1.00 44.81  ? 112 GLY A CA  1 
ATOM   809  C C   . GLY A 1 113 ? 11.604  3.557   1.441   1.00 44.16  ? 112 GLY A C   1 
ATOM   810  O O   . GLY A 1 113 ? 12.325  4.493   1.774   1.00 47.02  ? 112 GLY A O   1 
ATOM   811  N N   . ILE A 1 114 ? 10.500  3.708   0.717   1.00 41.51  ? 113 ILE A N   1 
ATOM   812  C CA  . ILE A 1 114 ? 9.960   5.015   0.387   1.00 41.72  ? 113 ILE A CA  1 
ATOM   813  C C   . ILE A 1 114 ? 8.436   4.994   0.406   1.00 41.62  ? 113 ILE A C   1 
ATOM   814  O O   . ILE A 1 114 ? 7.819   4.322   -0.409  1.00 47.07  ? 113 ILE A O   1 
ATOM   815  C CB  . ILE A 1 114 ? 10.432  5.482   -1.011  1.00 46.67  ? 113 ILE A CB  1 
ATOM   816  C CG1 . ILE A 1 114 ? 11.927  5.809   -0.965  1.00 48.22  ? 113 ILE A CG1 1 
ATOM   817  C CG2 . ILE A 1 114 ? 9.593   6.673   -1.507  1.00 36.65  ? 113 ILE A CG2 1 
ATOM   818  C CD1 . ILE A 1 114 ? 12.475  6.381   -2.232  1.00 47.36  ? 113 ILE A CD1 1 
ATOM   819  N N   . LYS A 1 115 ? 7.813   5.736   1.314   1.00 41.37  ? 114 LYS A N   1 
ATOM   820  C CA  . LYS A 1 115 ? 6.358   5.859   1.263   1.00 42.90  ? 114 LYS A CA  1 
ATOM   821  C C   . LYS A 1 115 ? 5.930   7.155   0.555   1.00 42.09  ? 114 LYS A C   1 
ATOM   822  O O   . LYS A 1 115 ? 6.552   8.199   0.706   1.00 44.72  ? 114 LYS A O   1 
ATOM   823  C CB  . LYS A 1 115 ? 5.728   5.735   2.668   1.00 44.86  ? 114 LYS A CB  1 
ATOM   824  C CG  . LYS A 1 115 ? 5.221   7.038   3.267   1.00 45.61  ? 114 LYS A CG  1 
ATOM   825  C CD  . LYS A 1 115 ? 3.920   6.869   4.024   1.00 46.79  ? 114 LYS A CD  1 
ATOM   826  C CE  . LYS A 1 115 ? 4.117   7.005   5.542   1.00 51.25  ? 114 LYS A CE  1 
ATOM   827  N NZ  . LYS A 1 115 ? 2.806   7.019   6.254   1.00 50.10  ? 114 LYS A NZ  1 
ATOM   828  N N   . LYS A 1 116 ? 4.882   7.077   -0.239  1.00 38.71  ? 115 LYS A N   1 
ATOM   829  C CA  . LYS A 1 116 ? 4.309   8.272   -0.824  1.00 45.98  ? 115 LYS A CA  1 
ATOM   830  C C   . LYS A 1 116 ? 2.767   8.237   -0.663  1.00 45.74  ? 115 LYS A C   1 
ATOM   831  O O   . LYS A 1 116 ? 2.178   7.162   -0.628  1.00 48.02  ? 115 LYS A O   1 
ATOM   832  C CB  . LYS A 1 116 ? 4.757   8.398   -2.284  1.00 49.00  ? 115 LYS A CB  1 
ATOM   833  C CG  . LYS A 1 116 ? 3.767   9.087   -3.202  1.00 50.03  ? 115 LYS A CG  1 
ATOM   834  C CD  . LYS A 1 116 ? 4.202   10.474  -3.612  1.00 52.39  ? 115 LYS A CD  1 
ATOM   835  C CE  . LYS A 1 116 ? 4.765   10.470  -5.040  1.00 65.89  ? 115 LYS A CE  1 
ATOM   836  N NZ  . LYS A 1 116 ? 6.125   9.842   -5.151  1.00 59.83  ? 115 LYS A NZ  1 
ATOM   837  N N   . ALA A 1 117 ? 2.128   9.400   -0.541  1.00 47.55  ? 116 ALA A N   1 
ATOM   838  C CA  . ALA A 1 117 ? 0.678   9.470   -0.299  1.00 49.71  ? 116 ALA A CA  1 
ATOM   839  C C   . ALA A 1 117 ? -0.099  9.991   -1.508  1.00 49.04  ? 116 ALA A C   1 
ATOM   840  O O   . ALA A 1 117 ? 0.309   10.948  -2.164  1.00 47.71  ? 116 ALA A O   1 
ATOM   841  C CB  . ALA A 1 117 ? 0.356   10.306  0.971   1.00 41.79  ? 116 ALA A CB  1 
ATOM   842  N N   . LEU A 1 118 ? -1.223  9.342   -1.799  1.00 52.13  ? 117 LEU A N   1 
ATOM   843  C CA  . LEU A 1 118 ? -1.969  9.618   -3.020  1.00 51.35  ? 117 LEU A CA  1 
ATOM   844  C C   . LEU A 1 118 ? -3.441  9.848   -2.716  1.00 52.12  ? 117 LEU A C   1 
ATOM   845  O O   . LEU A 1 118 ? -3.935  9.451   -1.659  1.00 51.02  ? 117 LEU A O   1 
ATOM   846  C CB  . LEU A 1 118 ? -1.814  8.443   -3.992  1.00 50.32  ? 117 LEU A CB  1 
ATOM   847  C CG  . LEU A 1 118 ? -0.376  8.062   -4.360  1.00 48.08  ? 117 LEU A CG  1 
ATOM   848  C CD1 . LEU A 1 118 ? -0.197  6.550   -4.504  1.00 55.81  ? 117 LEU A CD1 1 
ATOM   849  C CD2 . LEU A 1 118 ? 0.058   8.761   -5.620  1.00 52.70  ? 117 LEU A CD2 1 
ATOM   850  N N   . VAL A 1 119 ? -4.134  10.495  -3.644  1.00 52.60  ? 118 VAL A N   1 
ATOM   851  C CA  . VAL A 1 119 ? -5.574  10.670  -3.553  1.00 49.81  ? 118 VAL A CA  1 
ATOM   852  C C   . VAL A 1 119 ? -6.151  10.284  -4.889  1.00 55.03  ? 118 VAL A C   1 
ATOM   853  O O   . VAL A 1 119 ? -5.638  10.695  -5.941  1.00 53.79  ? 118 VAL A O   1 
ATOM   854  C CB  . VAL A 1 119 ? -5.996  12.129  -3.288  1.00 55.54  ? 118 VAL A CB  1 
ATOM   855  C CG1 . VAL A 1 119 ? -7.069  12.162  -2.219  1.00 57.77  ? 118 VAL A CG1 1 
ATOM   856  C CG2 . VAL A 1 119 ? -4.801  12.993  -2.877  1.00 61.04  ? 118 VAL A CG2 1 
ATOM   857  N N   . PHE A 1 120 ? -7.218  9.494   -4.858  1.00 53.91  ? 119 PHE A N   1 
ATOM   858  C CA  . PHE A 1 120 ? -7.841  9.090   -6.098  1.00 52.56  ? 119 PHE A CA  1 
ATOM   859  C C   . PHE A 1 120 ? -8.728  10.197  -6.643  1.00 57.43  ? 119 PHE A C   1 
ATOM   860  O O   . PHE A 1 120 ? -9.375  10.932  -5.895  1.00 60.75  ? 119 PHE A O   1 
ATOM   861  C CB  . PHE A 1 120 ? -8.618  7.785   -5.936  1.00 51.68  ? 119 PHE A CB  1 
ATOM   862  C CG  . PHE A 1 120 ? -9.099  7.199   -7.238  1.00 49.11  ? 119 PHE A CG  1 
ATOM   863  C CD1 . PHE A 1 120 ? -8.244  6.463   -8.046  1.00 55.50  ? 119 PHE A CD1 1 
ATOM   864  C CD2 . PHE A 1 120 ? -10.409 7.372   -7.650  1.00 55.14  ? 119 PHE A CD2 1 
ATOM   865  C CE1 . PHE A 1 120 ? -8.684  5.914   -9.247  1.00 55.89  ? 119 PHE A CE1 1 
ATOM   866  C CE2 . PHE A 1 120 ? -10.856 6.829   -8.850  1.00 61.17  ? 119 PHE A CE2 1 
ATOM   867  C CZ  . PHE A 1 120 ? -9.987  6.097   -9.652  1.00 59.53  ? 119 PHE A CZ  1 
ATOM   868  N N   . TYR A 1 121 ? -8.722  10.313  -7.963  1.00 60.14  ? 120 TYR A N   1 
ATOM   869  C CA  . TYR A 1 121 ? -9.615  11.178  -8.705  1.00 61.12  ? 120 TYR A CA  1 
ATOM   870  C C   . TYR A 1 121 ? -10.333 10.289  -9.692  1.00 63.54  ? 120 TYR A C   1 
ATOM   871  O O   . TYR A 1 121 ? -9.690  9.682   -10.551 1.00 66.48  ? 120 TYR A O   1 
ATOM   872  C CB  . TYR A 1 121 ? -8.793  12.200  -9.487  1.00 65.89  ? 120 TYR A CB  1 
ATOM   873  C CG  . TYR A 1 121 ? -8.255  13.304  -8.628  1.00 65.46  ? 120 TYR A CG  1 
ATOM   874  C CD1 . TYR A 1 121 ? -7.121  13.122  -7.849  1.00 63.57  ? 120 TYR A CD1 1 
ATOM   875  C CD2 . TYR A 1 121 ? -8.898  14.528  -8.577  1.00 69.61  ? 120 TYR A CD2 1 
ATOM   876  C CE1 . TYR A 1 121 ? -6.644  14.147  -7.040  1.00 67.97  ? 120 TYR A CE1 1 
ATOM   877  C CE2 . TYR A 1 121 ? -8.432  15.550  -7.784  1.00 70.59  ? 120 TYR A CE2 1 
ATOM   878  C CZ  . TYR A 1 121 ? -7.311  15.364  -7.019  1.00 69.58  ? 120 TYR A CZ  1 
ATOM   879  O OH  . TYR A 1 121 ? -6.872  16.411  -6.241  1.00 69.42  ? 120 TYR A OH  1 
ATOM   880  N N   . ALA A 1 122 ? -11.652 10.187  -9.576  1.00 66.32  ? 121 ALA A N   1 
ATOM   881  C CA  . ALA A 1 122 ? -12.415 9.388   -10.531 1.00 63.35  ? 121 ALA A CA  1 
ATOM   882  C C   . ALA A 1 122 ? -12.673 10.214  -11.780 1.00 65.97  ? 121 ALA A C   1 
ATOM   883  O O   . ALA A 1 122 ? -13.254 11.292  -11.709 1.00 74.71  ? 121 ALA A O   1 
ATOM   884  C CB  . ALA A 1 122 ? -13.720 8.902   -9.912  1.00 61.67  ? 121 ALA A CB  1 
ATOM   885  N N   . GLY A 1 123 ? -12.223 9.712   -12.924 1.00 66.70  ? 122 GLY A N   1 
ATOM   886  C CA  . GLY A 1 123 ? -12.278 10.462  -14.165 1.00 68.59  ? 122 GLY A CA  1 
ATOM   887  C C   . GLY A 1 123 ? -10.909 10.523  -14.828 1.00 72.53  ? 122 GLY A C   1 
ATOM   888  O O   . GLY A 1 123 ? -9.882  10.269  -14.188 1.00 67.51  ? 122 GLY A O   1 
ATOM   889  N N   . LYS A 1 124 ? -10.878 10.852  -16.114 1.00 73.11  ? 123 LYS A N   1 
ATOM   890  C CA  . LYS A 1 124 ? -9.597  10.974  -16.794 1.00 76.79  ? 123 LYS A CA  1 
ATOM   891  C C   . LYS A 1 124 ? -9.005  12.359  -16.576 1.00 74.61  ? 123 LYS A C   1 
ATOM   892  O O   . LYS A 1 124 ? -9.728  13.345  -16.534 1.00 77.49  ? 123 LYS A O   1 
ATOM   893  C CB  . LYS A 1 124 ? -9.730  10.688  -18.287 1.00 78.22  ? 123 LYS A CB  1 
ATOM   894  C CG  . LYS A 1 124 ? -8.388  10.477  -18.969 1.00 83.14  ? 123 LYS A CG  1 
ATOM   895  C CD  . LYS A 1 124 ? -8.407  11.030  -20.387 1.00 89.33  ? 123 LYS A CD  1 
ATOM   896  C CE  . LYS A 1 124 ? -8.752  12.517  -20.394 1.00 81.80  ? 123 LYS A CE  1 
ATOM   897  N NZ  . LYS A 1 124 ? -9.377  12.936  -21.682 1.00 70.51  ? 123 LYS A NZ  1 
ATOM   898  N N   . ALA A 1 125 ? -7.688  12.426  -16.435 1.00 74.25  ? 124 ALA A N   1 
ATOM   899  C CA  . ALA A 1 125 ? -7.010  13.697  -16.185 1.00 79.44  ? 124 ALA A CA  1 
ATOM   900  C C   . ALA A 1 125 ? -7.178  14.711  -17.332 1.00 84.87  ? 124 ALA A C   1 
ATOM   901  O O   . ALA A 1 125 ? -7.367  14.324  -18.489 1.00 80.04  ? 124 ALA A O   1 
ATOM   902  C CB  . ALA A 1 125 ? -5.528  13.455  -15.899 1.00 74.28  ? 124 ALA A CB  1 
ATOM   903  N N   . PRO A 1 126 ? -7.140  16.018  -17.004 1.00 89.32  ? 125 PRO A N   1 
ATOM   904  C CA  . PRO A 1 126 ? -7.134  16.488  -15.614 1.00 83.08  ? 125 PRO A CA  1 
ATOM   905  C C   . PRO A 1 126 ? -8.557  16.794  -15.167 1.00 82.37  ? 125 PRO A C   1 
ATOM   906  O O   . PRO A 1 126 ? -8.750  17.431  -14.131 1.00 84.82  ? 125 PRO A O   1 
ATOM   907  C CB  . PRO A 1 126 ? -6.314  17.777  -15.694 1.00 80.67  ? 125 PRO A CB  1 
ATOM   908  C CG  . PRO A 1 126 ? -6.671  18.337  -17.040 1.00 84.63  ? 125 PRO A CG  1 
ATOM   909  C CD  . PRO A 1 126 ? -6.921  17.130  -17.953 1.00 87.29  ? 125 PRO A CD  1 
ATOM   910  N N   . ARG A 1 127 ? -9.539  16.346  -15.948 1.00 81.94  ? 126 ARG A N   1 
ATOM   911  C CA  . ARG A 1 127 ? -10.946 16.508  -15.582 1.00 82.84  ? 126 ARG A CA  1 
ATOM   912  C C   . ARG A 1 127 ? -11.414 15.363  -14.667 1.00 82.52  ? 126 ARG A C   1 
ATOM   913  O O   . ARG A 1 127 ? -12.453 14.745  -14.908 1.00 82.09  ? 126 ARG A O   1 
ATOM   914  C CB  . ARG A 1 127 ? -11.838 16.602  -16.832 1.00 83.01  ? 126 ARG A CB  1 
ATOM   915  C CG  . ARG A 1 127 ? -11.908 15.311  -17.657 1.00 86.17  ? 126 ARG A CG  1 
ATOM   916  C CD  . ARG A 1 127 ? -13.200 15.194  -18.476 1.00 81.65  ? 126 ARG A CD  1 
ATOM   917  N NE  . ARG A 1 127 ? -13.263 16.164  -19.569 1.00 83.38  ? 126 ARG A NE  1 
ATOM   918  C CZ  . ARG A 1 127 ? -12.370 16.256  -20.553 1.00 87.69  ? 126 ARG A CZ  1 
ATOM   919  N NH1 . ARG A 1 127 ? -11.318 15.439  -20.590 1.00 87.64  ? 126 ARG A NH1 1 
ATOM   920  N NH2 . ARG A 1 127 ? -12.525 17.177  -21.501 1.00 85.17  ? 126 ARG A NH2 1 
ATOM   921  N N   . GLY A 1 128 ? -10.630 15.079  -13.629 1.00 80.28  ? 127 GLY A N   1 
ATOM   922  C CA  . GLY A 1 128 ? -11.007 14.096  -12.626 1.00 76.21  ? 127 GLY A CA  1 
ATOM   923  C C   . GLY A 1 128 ? -11.476 14.782  -11.351 1.00 76.92  ? 127 GLY A C   1 
ATOM   924  O O   . GLY A 1 128 ? -11.099 15.928  -11.090 1.00 73.47  ? 127 GLY A O   1 
ATOM   925  N N   . VAL A 1 129 ? -12.294 14.091  -10.556 1.00 72.77  ? 128 VAL A N   1 
ATOM   926  C CA  . VAL A 1 129 ? -12.848 14.678  -9.330  1.00 71.94  ? 128 VAL A CA  1 
ATOM   927  C C   . VAL A 1 129 ? -12.398 13.970  -8.050  1.00 67.93  ? 128 VAL A C   1 
ATOM   928  O O   . VAL A 1 129 ? -12.565 12.757  -7.901  1.00 70.48  ? 128 VAL A O   1 
ATOM   929  C CB  . VAL A 1 129 ? -14.398 14.749  -9.360  1.00 71.90  ? 128 VAL A CB  1 
ATOM   930  C CG1 . VAL A 1 129 ? -14.993 13.440  -9.879  1.00 67.37  ? 128 VAL A CG1 1 
ATOM   931  C CG2 . VAL A 1 129 ? -14.946 15.111  -7.980  1.00 68.88  ? 128 VAL A CG2 1 
ATOM   932  N N   . LYS A 1 130 ? -11.851 14.748  -7.122  1.00 65.24  ? 129 LYS A N   1 
ATOM   933  C CA  . LYS A 1 130 ? -11.264 14.211  -5.901  1.00 62.80  ? 129 LYS A CA  1 
ATOM   934  C C   . LYS A 1 130 ? -12.261 13.389  -5.079  1.00 63.16  ? 129 LYS A C   1 
ATOM   935  O O   . LYS A 1 130 ? -13.389 13.811  -4.833  1.00 67.10  ? 129 LYS A O   1 
ATOM   936  C CB  . LYS A 1 130 ? -10.667 15.342  -5.066  1.00 58.82  ? 129 LYS A CB  1 
ATOM   937  C CG  . LYS A 1 130 ? -9.708  14.886  -3.990  1.00 63.94  ? 129 LYS A CG  1 
ATOM   938  C CD  . LYS A 1 130 ? -8.842  16.044  -3.500  1.00 62.85  ? 129 LYS A CD  1 
ATOM   939  C CE  . LYS A 1 130 ? -7.861  15.596  -2.418  1.00 71.88  ? 129 LYS A CE  1 
ATOM   940  N NZ  . LYS A 1 130 ? -6.668  16.514  -2.275  1.00 75.27  ? 129 LYS A NZ  1 
ATOM   941  N N   . THR A 1 131 ? -11.836 12.200  -4.678  1.00 58.30  ? 130 THR A N   1 
ATOM   942  C CA  . THR A 1 131 ? -12.646 11.332  -3.851  1.00 56.99  ? 130 THR A CA  1 
ATOM   943  C C   . THR A 1 131 ? -12.002 11.374  -2.483  1.00 62.43  ? 130 THR A C   1 
ATOM   944  O O   . THR A 1 131 ? -10.998 12.062  -2.304  1.00 59.30  ? 130 THR A O   1 
ATOM   945  C CB  . THR A 1 131 ? -12.614 9.886   -4.377  1.00 59.05  ? 130 THR A CB  1 
ATOM   946  O OG1 . THR A 1 131 ? -11.285 9.355   -4.265  1.00 60.29  ? 130 THR A OG1 1 
ATOM   947  C CG2 . THR A 1 131 ? -13.033 9.842   -5.826  1.00 56.77  ? 130 THR A CG2 1 
ATOM   948  N N   . ASP A 1 132 ? -12.569 10.650  -1.518  1.00 63.18  ? 131 ASP A N   1 
ATOM   949  C CA  . ASP A 1 132 ? -11.941 10.535  -0.198  1.00 61.53  ? 131 ASP A CA  1 
ATOM   950  C C   . ASP A 1 132 ? -11.120 9.254   -0.023  1.00 62.32  ? 131 ASP A C   1 
ATOM   951  O O   . ASP A 1 132 ? -10.825 8.841   1.099   1.00 59.44  ? 131 ASP A O   1 
ATOM   952  C CB  . ASP A 1 132 ? -13.011 10.610  0.894   1.00 20.00  ? 131 ASP A CB  1 
ATOM   953  C CG  . ASP A 1 132 ? -13.618 11.993  1.020   1.00 20.00  ? 131 ASP A CG  1 
ATOM   954  O OD1 . ASP A 1 132 ? -13.032 12.953  0.478   1.00 20.00  ? 131 ASP A OD1 1 
ATOM   955  O OD2 . ASP A 1 132 ? -14.679 12.216  1.642   1.00 20.00  ? 131 ASP A OD2 1 
ATOM   956  N N   . TRP A 1 133 ? -10.749 8.623   -1.132  1.00 57.91  ? 132 TRP A N   1 
ATOM   957  C CA  . TRP A 1 133 ? -9.906  7.451   -1.037  1.00 53.74  ? 132 TRP A CA  1 
ATOM   958  C C   . TRP A 1 133 ? -8.447  7.850   -0.974  1.00 51.18  ? 132 TRP A C   1 
ATOM   959  O O   . TRP A 1 133 ? -7.946  8.581   -1.822  1.00 54.13  ? 132 TRP A O   1 
ATOM   960  C CB  . TRP A 1 133 ? -10.173 6.489   -2.190  1.00 54.77  ? 132 TRP A CB  1 
ATOM   961  C CG  . TRP A 1 133 ? -11.533 5.844   -2.107  1.00 52.73  ? 132 TRP A CG  1 
ATOM   962  C CD1 . TRP A 1 133 ? -12.668 6.259   -2.725  1.00 50.85  ? 132 TRP A CD1 1 
ATOM   963  C CD2 . TRP A 1 133 ? -11.888 4.673   -1.361  1.00 49.65  ? 132 TRP A CD2 1 
ATOM   964  N NE1 . TRP A 1 133 ? -13.704 5.413   -2.432  1.00 53.59  ? 132 TRP A NE1 1 
ATOM   965  C CE2 . TRP A 1 133 ? -13.253 4.433   -1.590  1.00 48.64  ? 132 TRP A CE2 1 
ATOM   966  C CE3 . TRP A 1 133 ? -11.177 3.797   -0.527  1.00 48.76  ? 132 TRP A CE3 1 
ATOM   967  C CZ2 . TRP A 1 133 ? -13.931 3.366   -1.013  1.00 50.21  ? 132 TRP A CZ2 1 
ATOM   968  C CZ3 . TRP A 1 133 ? -11.848 2.738   0.046   1.00 49.18  ? 132 TRP A CZ3 1 
ATOM   969  C CH2 . TRP A 1 133 ? -13.214 2.530   -0.199  1.00 51.51  ? 132 TRP A CH2 1 
ATOM   970  N N   . ILE A 1 134 ? -7.771  7.375   0.056   1.00 49.37  ? 133 ILE A N   1 
ATOM   971  C CA  . ILE A 1 134 ? -6.361  7.651   0.200   1.00 50.54  ? 133 ILE A CA  1 
ATOM   972  C C   . ILE A 1 134 ? -5.546  6.363   0.112   1.00 53.59  ? 133 ILE A C   1 
ATOM   973  O O   . ILE A 1 134 ? -6.022  5.273   0.446   1.00 51.90  ? 133 ILE A O   1 
ATOM   974  C CB  . ILE A 1 134 ? -6.067  8.345   1.533   1.00 57.92  ? 133 ILE A CB  1 
ATOM   975  C CG1 . ILE A 1 134 ? -7.005  9.536   1.719   1.00 53.81  ? 133 ILE A CG1 1 
ATOM   976  C CG2 . ILE A 1 134 ? -4.598  8.774   1.609   1.00 52.15  ? 133 ILE A CG2 1 
ATOM   977  C CD1 . ILE A 1 134 ? -6.988  10.472  0.555   1.00 55.40  ? 133 ILE A CD1 1 
ATOM   978  N N   . MET A 1 135 ? -4.310  6.503   -0.344  1.00 52.59  ? 134 MET A N   1 
ATOM   979  C CA  . MET A 1 135 ? -3.405  5.379   -0.449  1.00 47.26  ? 134 MET A CA  1 
ATOM   980  C C   . MET A 1 135 ? -1.972  5.784   -0.070  1.00 47.47  ? 134 MET A C   1 
ATOM   981  O O   . MET A 1 135 ? -1.499  6.884   -0.400  1.00 43.85  ? 134 MET A O   1 
ATOM   982  C CB  . MET A 1 135 ? -3.453  4.819   -1.862  1.00 41.55  ? 134 MET A CB  1 
ATOM   983  C CG  . MET A 1 135 ? -2.412  3.765   -2.146  1.00 47.91  ? 134 MET A CG  1 
ATOM   984  S SD  . MET A 1 135 ? -2.773  2.888   -3.667  1.00 44.58  ? 134 MET A SD  1 
ATOM   985  C CE  . MET A 1 135 ? -4.305  2.130   -3.174  1.00 46.62  ? 134 MET A CE  1 
ATOM   986  N N   . HIS A 1 136 ? -1.309  4.904   0.665   1.00 45.42  ? 135 HIS A N   1 
ATOM   987  C CA  . HIS A 1 136 ? 0.104   5.053   0.936   1.00 45.29  ? 135 HIS A CA  1 
ATOM   988  C C   . HIS A 1 136 ? 0.784   3.957   0.151   1.00 46.69  ? 135 HIS A C   1 
ATOM   989  O O   . HIS A 1 136 ? 0.558   2.769   0.412   1.00 45.16  ? 135 HIS A O   1 
ATOM   990  C CB  . HIS A 1 136 ? 0.407   4.897   2.427   1.00 41.90  ? 135 HIS A CB  1 
ATOM   991  C CG  . HIS A 1 136 ? -0.209  5.958   3.281   1.00 47.27  ? 135 HIS A CG  1 
ATOM   992  N ND1 . HIS A 1 136 ? -0.208  5.904   4.658   1.00 52.53  ? 135 HIS A ND1 1 
ATOM   993  C CD2 . HIS A 1 136 ? -0.858  7.103   2.950   1.00 44.72  ? 135 HIS A CD2 1 
ATOM   994  C CE1 . HIS A 1 136 ? -0.828  6.967   5.140   1.00 46.93  ? 135 HIS A CE1 1 
ATOM   995  N NE2 . HIS A 1 136 ? -1.227  7.709   4.127   1.00 44.56  ? 135 HIS A NE2 1 
ATOM   996  N N   . GLU A 1 137 ? 1.599   4.344   -0.826  1.00 47.20  ? 136 GLU A N   1 
ATOM   997  C CA  . GLU A 1 137 ? 2.379   3.365   -1.557  1.00 41.59  ? 136 GLU A CA  1 
ATOM   998  C C   . GLU A 1 137 ? 3.749   3.276   -0.918  1.00 39.58  ? 136 GLU A C   1 
ATOM   999  O O   . GLU A 1 137 ? 4.399   4.297   -0.649  1.00 40.56  ? 136 GLU A O   1 
ATOM   1000 C CB  . GLU A 1 137 ? 2.489   3.733   -3.023  1.00 45.57  ? 136 GLU A CB  1 
ATOM   1001 C CG  . GLU A 1 137 ? 3.018   2.621   -3.900  1.00 44.34  ? 136 GLU A CG  1 
ATOM   1002 C CD  . GLU A 1 137 ? 3.656   3.163   -5.139  1.00 48.90  ? 136 GLU A CD  1 
ATOM   1003 O OE1 . GLU A 1 137 ? 2.988   3.185   -6.204  1.00 53.30  ? 136 GLU A OE1 1 
ATOM   1004 O OE2 . GLU A 1 137 ? 4.828   3.591   -5.030  1.00 49.84  ? 136 GLU A OE2 1 
ATOM   1005 N N   . TYR A 1 138 ? 4.160   2.047   -0.643  1.00 36.78  ? 137 TYR A N   1 
ATOM   1006 C CA  . TYR A 1 138 ? 5.454   1.774   -0.060  1.00 40.09  ? 137 TYR A CA  1 
ATOM   1007 C C   . TYR A 1 138 ? 6.271   0.987   -1.079  1.00 37.55  ? 137 TYR A C   1 
ATOM   1008 O O   . TYR A 1 138 ? 5.890   -0.104  -1.486  1.00 39.17  ? 137 TYR A O   1 
ATOM   1009 C CB  . TYR A 1 138 ? 5.287   0.964   1.231   1.00 38.59  ? 137 TYR A CB  1 
ATOM   1010 C CG  . TYR A 1 138 ? 4.679   1.700   2.427   1.00 43.34  ? 137 TYR A CG  1 
ATOM   1011 C CD1 . TYR A 1 138 ? 3.304   1.823   2.576   1.00 41.85  ? 137 TYR A CD1 1 
ATOM   1012 C CD2 . TYR A 1 138 ? 5.490   2.242   3.423   1.00 42.03  ? 137 TYR A CD2 1 
ATOM   1013 C CE1 . TYR A 1 138 ? 2.754   2.462   3.671   1.00 44.34  ? 137 TYR A CE1 1 
ATOM   1014 C CE2 . TYR A 1 138 ? 4.954   2.877   4.513   1.00 42.23  ? 137 TYR A CE2 1 
ATOM   1015 C CZ  . TYR A 1 138 ? 3.582   2.990   4.645   1.00 44.40  ? 137 TYR A CZ  1 
ATOM   1016 O OH  . TYR A 1 138 ? 3.049   3.632   5.758   1.00 34.77  ? 137 TYR A OH  1 
ATOM   1017 N N   . ARG A 1 139 ? 7.386   1.540   -1.522  1.00 40.06  ? 138 ARG A N   1 
ATOM   1018 C CA  . ARG A 1 139 ? 8.203   0.827   -2.512  1.00 46.93  ? 138 ARG A CA  1 
ATOM   1019 C C   . ARG A 1 139 ? 9.601   0.624   -1.965  1.00 47.44  ? 138 ARG A C   1 
ATOM   1020 O O   . ARG A 1 139 ? 10.033  1.393   -1.102  1.00 46.73  ? 138 ARG A O   1 
ATOM   1021 C CB  . ARG A 1 139 ? 8.243   1.553   -3.857  1.00 41.66  ? 138 ARG A CB  1 
ATOM   1022 C CG  . ARG A 1 139 ? 9.005   2.844   -3.861  1.00 41.79  ? 138 ARG A CG  1 
ATOM   1023 C CD  . ARG A 1 139 ? 8.900   3.489   -5.213  1.00 44.48  ? 138 ARG A CD  1 
ATOM   1024 N NE  . ARG A 1 139 ? 9.855   4.574   -5.358  1.00 47.13  ? 138 ARG A NE  1 
ATOM   1025 C CZ  . ARG A 1 139 ? 9.569   5.859   -5.171  1.00 56.53  ? 138 ARG A CZ  1 
ATOM   1026 N NH1 . ARG A 1 139 ? 8.331   6.248   -4.826  1.00 54.44  ? 138 ARG A NH1 1 
ATOM   1027 N NH2 . ARG A 1 139 ? 10.530  6.763   -5.326  1.00 50.33  ? 138 ARG A NH2 1 
ATOM   1028 N N   . LEU A 1 140 ? 10.277  -0.445  -2.399  1.00 47.01  ? 139 LEU A N   1 
ATOM   1029 C CA  . LEU A 1 140 ? 11.686  -0.606  -2.049  1.00 48.55  ? 139 LEU A CA  1 
ATOM   1030 C C   . LEU A 1 140 ? 12.435  0.318   -2.957  1.00 51.85  ? 139 LEU A C   1 
ATOM   1031 O O   . LEU A 1 140 ? 12.327  0.255   -4.181  1.00 53.91  ? 139 LEU A O   1 
ATOM   1032 C CB  . LEU A 1 140 ? 12.192  -2.023  -2.227  1.00 49.35  ? 139 LEU A CB  1 
ATOM   1033 C CG  . LEU A 1 140 ? 11.925  -2.924  -1.039  1.00 51.61  ? 139 LEU A CG  1 
ATOM   1034 C CD1 . LEU A 1 140 ? 12.504  -4.303  -1.336  1.00 49.04  ? 139 LEU A CD1 1 
ATOM   1035 C CD2 . LEU A 1 140 ? 12.513  -2.297  0.236   1.00 46.78  ? 139 LEU A CD2 1 
ATOM   1036 N N   . ALA A 1 141 ? 13.184  1.210   -2.354  1.00 51.64  ? 140 ALA A N   1 
ATOM   1037 C CA  . ALA A 1 141 ? 13.747  2.263   -3.141  1.00 59.12  ? 140 ALA A CA  1 
ATOM   1038 C C   . ALA A 1 141 ? 15.210  2.047   -3.071  1.00 64.09  ? 140 ALA A C   1 
ATOM   1039 O O   . ALA A 1 141 ? 15.888  2.714   -2.293  1.00 68.54  ? 140 ALA A O   1 
ATOM   1040 C CB  . ALA A 1 141 ? 13.391  3.586   -2.557  1.00 61.67  ? 140 ALA A CB  1 
ATOM   1041 N N   . ASP A 1 142 ? 15.682  1.081   -3.859  1.00 64.69  ? 141 ASP A N   1 
ATOM   1042 C CA  . ASP A 1 142 ? 17.093  0.730   -3.909  1.00 64.52  ? 141 ASP A CA  1 
ATOM   1043 C C   . ASP A 1 142 ? 17.620  0.289   -2.496  1.00 72.09  ? 141 ASP A C   1 
ATOM   1044 O O   . ASP A 1 142 ? 18.715  0.709   -2.061  1.00 73.41  ? 141 ASP A O   1 
ATOM   1045 C CB  . ASP A 1 142 ? 17.912  1.893   -4.554  1.00 69.12  ? 141 ASP A CB  1 
ATOM   1046 C CG  . ASP A 1 142 ? 17.245  2.489   -5.860  1.00 76.67  ? 141 ASP A CG  1 
ATOM   1047 O OD1 . ASP A 1 142 ? 15.987  2.513   -5.990  1.00 70.99  ? 141 ASP A OD1 1 
ATOM   1048 O OD2 . ASP A 1 142 ? 17.993  2.962   -6.755  1.00 69.23  ? 141 ASP A OD2 1 
ATOM   1049 N N   . ALA A 1 143 ? 16.835  -0.562  -1.808  1.00 63.14  ? 142 ALA A N   1 
ATOM   1050 C CA  . ALA A 1 143 ? 17.111  -1.046  -0.433  1.00 58.92  ? 142 ALA A CA  1 
ATOM   1051 C C   . ALA A 1 143 ? 18.200  -2.139  -0.279  1.00 71.98  ? 142 ALA A C   1 
ATOM   1052 O O   . ALA A 1 143 ? 19.406  -1.868  -0.414  1.00 72.18  ? 142 ALA A O   1 
ATOM   1053 N N   . GLY A 1 144 ? 17.771  -3.365  0.024   1.00 71.84  ? 143 GLY A N   1 
ATOM   1054 C CA  . GLY A 1 144 ? 18.707  -4.484  0.217   1.00 77.76  ? 143 GLY A CA  1 
ATOM   1055 C C   . GLY A 1 144 ? 19.575  -4.324  1.469   1.00 79.65  ? 143 GLY A C   1 
ATOM   1056 O O   . GLY A 1 144 ? 20.722  -4.784  1.507   1.00 82.40  ? 143 GLY A O   1 
ATOM   1057 N N   . ARG A 1 156 ? 13.707  -6.372  -2.395  1.00 65.02  ? 155 ARG A N   1 
ATOM   1058 C CA  . ARG A 1 156 ? 15.055  -6.329  -2.951  1.00 81.87  ? 155 ARG A CA  1 
ATOM   1059 C C   . ARG A 1 156 ? 15.025  -6.353  -4.473  1.00 87.41  ? 155 ARG A C   1 
ATOM   1060 O O   . ARG A 1 156 ? 16.044  -6.596  -5.118  1.00 95.93  ? 155 ARG A O   1 
ATOM   1061 C CB  . ARG A 1 156 ? 15.889  -7.498  -2.424  1.00 20.00  ? 155 ARG A CB  1 
ATOM   1062 C CG  . ARG A 1 156 ? 16.695  -8.216  -3.493  1.00 20.00  ? 155 ARG A CG  1 
ATOM   1063 C CD  . ARG A 1 156 ? 16.270  -9.669  -3.622  1.00 20.00  ? 155 ARG A CD  1 
ATOM   1064 N NE  . ARG A 1 156 ? 17.415  -10.575 -3.648  1.00 20.00  ? 155 ARG A NE  1 
ATOM   1065 C CZ  . ARG A 1 156 ? 17.320  -11.897 -3.746  1.00 20.00  ? 155 ARG A CZ  1 
ATOM   1066 N NH1 . ARG A 1 156 ? 16.130  -12.475 -3.830  1.00 20.00  ? 155 ARG A NH1 1 
ATOM   1067 N NH2 . ARG A 1 156 ? 18.416  -12.644 -3.761  1.00 20.00  ? 155 ARG A NH2 1 
ATOM   1068 N N   . LEU A 1 157 ? 13.852  -6.101  -5.044  1.00 82.27  ? 156 LEU A N   1 
ATOM   1069 C CA  . LEU A 1 157 ? 13.695  -6.112  -6.494  1.00 84.85  ? 156 LEU A CA  1 
ATOM   1070 C C   . LEU A 1 157 ? 12.951  -4.883  -7.006  1.00 85.69  ? 156 LEU A C   1 
ATOM   1071 O O   . LEU A 1 157 ? 13.167  -3.771  -6.527  1.00 75.20  ? 156 LEU A O   1 
ATOM   1072 C CB  . LEU A 1 157 ? 12.990  -7.389  -6.954  1.00 83.41  ? 156 LEU A CB  1 
ATOM   1073 C CG  . LEU A 1 157 ? 13.764  -8.247  -7.957  1.00 81.54  ? 156 LEU A CG  1 
ATOM   1074 C CD1 . LEU A 1 157 ? 13.235  -8.037  -9.367  1.00 80.76  ? 156 LEU A CD1 1 
ATOM   1075 C CD2 . LEU A 1 157 ? 15.253  -7.945  -7.890  1.00 68.97  ? 156 LEU A CD2 1 
ATOM   1076 N N   . ASP A 1 158 ? 12.077  -5.094  -7.984  1.00 84.43  ? 157 ASP A N   1 
ATOM   1077 C CA  . ASP A 1 158 ? 11.398  -3.985  -8.664  1.00 81.55  ? 157 ASP A CA  1 
ATOM   1078 C C   . ASP A 1 158 ? 10.113  -3.379  -8.097  1.00 68.76  ? 157 ASP A C   1 
ATOM   1079 O O   . ASP A 1 158 ? 10.215  -2.312  -7.501  1.00 75.26  ? 157 ASP A O   1 
ATOM   1080 C CB  . ASP A 1 158 ? 11.334  -4.187  -10.188 1.00 85.87  ? 157 ASP A CB  1 
ATOM   1081 C CG  . ASP A 1 158 ? 12.215  -3.195  -10.931 1.00 87.27  ? 157 ASP A CG  1 
ATOM   1082 O OD1 . ASP A 1 158 ? 13.089  -2.577  -10.284 1.00 90.69  ? 157 ASP A OD1 1 
ATOM   1083 O OD2 . ASP A 1 158 ? 12.033  -3.022  -12.153 1.00 93.80  ? 157 ASP A OD2 1 
ATOM   1084 N N   . ASP A 1 159 ? 8.913   -3.949  -8.251  1.00 65.68  ? 158 ASP A N   1 
ATOM   1085 C CA  . ASP A 1 159 ? 8.486   -5.251  -8.791  1.00 62.93  ? 158 ASP A CA  1 
ATOM   1086 C C   . ASP A 1 159 ? 7.197   -5.449  -7.969  1.00 53.06  ? 158 ASP A C   1 
ATOM   1087 O O   . ASP A 1 159 ? 6.101   -5.605  -8.498  1.00 47.81  ? 158 ASP A O   1 
ATOM   1088 C CB  . ASP A 1 159 ? 9.467   -6.403  -8.536  1.00 64.14  ? 158 ASP A CB  1 
ATOM   1089 C CG  . ASP A 1 159 ? 9.514   -7.408  -9.705  1.00 66.64  ? 158 ASP A CG  1 
ATOM   1090 O OD1 . ASP A 1 159 ? 9.096   -7.031  -10.820 1.00 62.16  ? 158 ASP A OD1 1 
ATOM   1091 O OD2 . ASP A 1 159 ? 9.975   -8.561  -9.522  1.00 62.22  ? 158 ASP A OD2 1 
ATOM   1092 N N   . TRP A 1 160 ? 7.363   -5.368  -6.654  1.00 44.08  ? 159 TRP A N   1 
ATOM   1093 C CA  . TRP A 1 160 ? 6.274   -5.319  -5.707  1.00 44.65  ? 159 TRP A CA  1 
ATOM   1094 C C   . TRP A 1 160 ? 6.286   -3.981  -4.969  1.00 48.16  ? 159 TRP A C   1 
ATOM   1095 O O   . TRP A 1 160 ? 7.337   -3.495  -4.532  1.00 41.69  ? 159 TRP A O   1 
ATOM   1096 C CB  . TRP A 1 160 ? 6.393   -6.440  -4.658  1.00 43.31  ? 159 TRP A CB  1 
ATOM   1097 C CG  . TRP A 1 160 ? 6.109   -7.806  -5.176  1.00 43.27  ? 159 TRP A CG  1 
ATOM   1098 C CD1 . TRP A 1 160 ? 7.016   -8.804  -5.416  1.00 40.64  ? 159 TRP A CD1 1 
ATOM   1099 C CD2 . TRP A 1 160 ? 4.826   -8.335  -5.523  1.00 43.03  ? 159 TRP A CD2 1 
ATOM   1100 N NE1 . TRP A 1 160 ? 6.372   -9.922  -5.899  1.00 37.77  ? 159 TRP A NE1 1 
ATOM   1101 C CE2 . TRP A 1 160 ? 5.029   -9.663  -5.976  1.00 44.81  ? 159 TRP A CE2 1 
ATOM   1102 C CE3 . TRP A 1 160 ? 3.528   -7.817  -5.504  1.00 36.85  ? 159 TRP A CE3 1 
ATOM   1103 C CZ2 . TRP A 1 160 ? 3.973   -10.483 -6.402  1.00 40.16  ? 159 TRP A CZ2 1 
ATOM   1104 C CZ3 . TRP A 1 160 ? 2.484   -8.631  -5.923  1.00 40.45  ? 159 TRP A CZ3 1 
ATOM   1105 C CH2 . TRP A 1 160 ? 2.716   -9.949  -6.370  1.00 40.36  ? 159 TRP A CH2 1 
ATOM   1106 N N   . VAL A 1 161 ? 5.109   -3.386  -4.825  1.00 38.75  ? 160 VAL A N   1 
ATOM   1107 C CA  . VAL A 1 161 ? 4.955   -2.365  -3.822  1.00 42.55  ? 160 VAL A CA  1 
ATOM   1108 C C   . VAL A 1 161 ? 3.937   -2.874  -2.777  1.00 43.40  ? 160 VAL A C   1 
ATOM   1109 O O   . VAL A 1 161 ? 3.306   -3.929  -2.957  1.00 39.89  ? 160 VAL A O   1 
ATOM   1110 C CB  . VAL A 1 161 ? 4.628   -0.950  -4.410  1.00 41.34  ? 160 VAL A CB  1 
ATOM   1111 C CG1 . VAL A 1 161 ? 5.729   -0.521  -5.354  1.00 43.25  ? 160 VAL A CG1 1 
ATOM   1112 C CG2 . VAL A 1 161 ? 3.267   -0.904  -5.111  1.00 37.87  ? 160 VAL A CG2 1 
ATOM   1113 N N   . LEU A 1 162 ? 3.811   -2.144  -1.680  1.00 39.30  ? 161 LEU A N   1 
ATOM   1114 C CA  . LEU A 1 162 ? 2.913   -2.523  -0.623  1.00 38.39  ? 161 LEU A CA  1 
ATOM   1115 C C   . LEU A 1 162 ? 2.101   -1.289  -0.307  1.00 39.29  ? 161 LEU A C   1 
ATOM   1116 O O   . LEU A 1 162 ? 2.657   -0.269  0.051   1.00 43.12  ? 161 LEU A O   1 
ATOM   1117 C CB  . LEU A 1 162 ? 3.720   -3.017  0.574   1.00 40.18  ? 161 LEU A CB  1 
ATOM   1118 C CG  . LEU A 1 162 ? 3.102   -3.109  1.964   1.00 42.43  ? 161 LEU A CG  1 
ATOM   1119 C CD1 . LEU A 1 162 ? 1.617   -3.434  1.939   1.00 43.15  ? 161 LEU A CD1 1 
ATOM   1120 C CD2 . LEU A 1 162 ? 3.879   -4.120  2.796   1.00 37.97  ? 161 LEU A CD2 1 
ATOM   1121 N N   . CYS A 1 163 ? 0.787   -1.394  -0.472  1.00 41.42  ? 162 CYS A N   1 
ATOM   1122 C CA  . CYS A 1 163 ? -0.141  -0.275  -0.362  1.00 40.36  ? 162 CYS A CA  1 
ATOM   1123 C C   . CYS A 1 163 ? -1.138  -0.410  0.808   1.00 45.30  ? 162 CYS A C   1 
ATOM   1124 O O   . CYS A 1 163 ? -1.699  -1.500  1.065   1.00 41.24  ? 162 CYS A O   1 
ATOM   1125 C CB  . CYS A 1 163 ? -0.941  -0.150  -1.666  1.00 39.16  ? 162 CYS A CB  1 
ATOM   1126 S SG  . CYS A 1 163 ? 0.027   0.372   -3.119  1.00 40.88  ? 162 CYS A SG  1 
ATOM   1127 N N   . ARG A 1 164 ? -1.377  0.707   1.487   1.00 44.36  ? 163 ARG A N   1 
ATOM   1128 C CA  . ARG A 1 164 ? -2.410  0.790   2.508   1.00 46.96  ? 163 ARG A CA  1 
ATOM   1129 C C   . ARG A 1 164 ? -3.510  1.726   2.021   1.00 47.66  ? 163 ARG A C   1 
ATOM   1130 O O   . ARG A 1 164 ? -3.264  2.904   1.773   1.00 48.14  ? 163 ARG A O   1 
ATOM   1131 C CB  . ARG A 1 164 ? -1.832  1.301   3.826   1.00 49.05  ? 163 ARG A CB  1 
ATOM   1132 C CG  . ARG A 1 164 ? -2.885  1.733   4.834   1.00 46.67  ? 163 ARG A CG  1 
ATOM   1133 C CD  . ARG A 1 164 ? -2.353  2.812   5.760   1.00 45.99  ? 163 ARG A CD  1 
ATOM   1134 N NE  . ARG A 1 164 ? -1.451  2.267   6.769   1.00 47.40  ? 163 ARG A NE  1 
ATOM   1135 C CZ  . ARG A 1 164 ? -0.199  2.674   6.947   1.00 44.37  ? 163 ARG A CZ  1 
ATOM   1136 N NH1 . ARG A 1 164 ? 0.304   3.633   6.184   1.00 44.03  ? 163 ARG A NH1 1 
ATOM   1137 N NH2 . ARG A 1 164 ? 0.551   2.120   7.890   1.00 43.86  ? 163 ARG A NH2 1 
ATOM   1138 N N   . LEU A 1 165 ? -4.720  1.198   1.876   1.00 47.38  ? 164 LEU A N   1 
ATOM   1139 C CA  . LEU A 1 165 ? -5.834  1.978   1.354   1.00 46.10  ? 164 LEU A CA  1 
ATOM   1140 C C   . LEU A 1 165 ? -6.874  2.283   2.425   1.00 48.96  ? 164 LEU A C   1 
ATOM   1141 O O   . LEU A 1 165 ? -7.002  1.551   3.405   1.00 51.16  ? 164 LEU A O   1 
ATOM   1142 C CB  . LEU A 1 165 ? -6.490  1.243   0.184   1.00 20.00  ? 164 LEU A CB  1 
ATOM   1143 C CG  . LEU A 1 165 ? -7.805  1.818   -0.338  1.00 20.00  ? 164 LEU A CG  1 
ATOM   1144 C CD1 . LEU A 1 165 ? -7.545  2.857   -1.413  1.00 20.00  ? 164 LEU A CD1 1 
ATOM   1145 C CD2 . LEU A 1 165 ? -8.697  0.710   -0.867  1.00 20.00  ? 164 LEU A CD2 1 
ATOM   1146 N N   . TYR A 1 166 ? -7.616  3.369   2.232   1.00 51.64  ? 165 TYR A N   1 
ATOM   1147 C CA  . TYR A 1 166 ? -8.668  3.750   3.166   1.00 54.91  ? 165 TYR A CA  1 
ATOM   1148 C C   . TYR A 1 166 ? -9.376  5.035   2.745   1.00 55.83  ? 165 TYR A C   1 
ATOM   1149 O O   . TYR A 1 166 ? -8.806  5.871   2.048   1.00 50.57  ? 165 TYR A O   1 
ATOM   1150 C CB  . TYR A 1 166 ? -8.105  3.892   4.583   1.00 56.27  ? 165 TYR A CB  1 
ATOM   1151 C CG  . TYR A 1 166 ? -7.237  5.112   4.788   1.00 59.19  ? 165 TYR A CG  1 
ATOM   1152 C CD1 . TYR A 1 166 ? -5.853  5.015   4.754   1.00 59.50  ? 165 TYR A CD1 1 
ATOM   1153 C CD2 . TYR A 1 166 ? -7.799  6.358   5.023   1.00 59.51  ? 165 TYR A CD2 1 
ATOM   1154 C CE1 . TYR A 1 166 ? -5.054  6.126   4.944   1.00 56.81  ? 165 TYR A CE1 1 
ATOM   1155 C CE2 . TYR A 1 166 ? -7.010  7.473   5.214   1.00 60.48  ? 165 TYR A CE2 1 
ATOM   1156 C CZ  . TYR A 1 166 ? -5.637  7.352   5.173   1.00 64.73  ? 165 TYR A CZ  1 
ATOM   1157 O OH  . TYR A 1 166 ? -4.846  8.459   5.362   1.00 64.62  ? 165 TYR A OH  1 
ATOM   1158 N N   . ASN A 1 167 ? -10.625 5.178   3.176   1.00 58.66  ? 166 ASN A N   1 
ATOM   1159 C CA  . ASN A 1 167 ? -11.417 6.366   2.883   1.00 60.24  ? 166 ASN A CA  1 
ATOM   1160 C C   . ASN A 1 167 ? -11.361 7.352   4.044   1.00 64.55  ? 166 ASN A C   1 
ATOM   1161 O O   . ASN A 1 167 ? -11.412 6.951   5.205   1.00 67.33  ? 166 ASN A O   1 
ATOM   1162 C CB  . ASN A 1 167 ? -12.866 5.979   2.590   1.00 20.00  ? 166 ASN A CB  1 
ATOM   1163 C CG  . ASN A 1 167 ? -13.580 6.999   1.729   1.00 20.00  ? 166 ASN A CG  1 
ATOM   1164 O OD1 . ASN A 1 167 ? -14.185 7.942   2.237   1.00 20.00  ? 166 ASN A OD1 1 
ATOM   1165 N ND2 . ASN A 1 167 ? -13.514 6.815   0.416   1.00 20.00  ? 166 ASN A ND2 1 
ATOM   1166 N N   . LYS A 1 168 ? -11.252 8.640   3.732   1.00 67.16  ? 167 LYS A N   1 
ATOM   1167 C CA  . LYS A 1 168 ? -11.121 9.659   4.784   1.00 71.21  ? 167 LYS A CA  1 
ATOM   1168 C C   . LYS A 1 168 ? -12.344 9.741   5.694   1.00 76.42  ? 167 LYS A C   1 
ATOM   1169 O O   . LYS A 1 168 ? -12.216 9.750   6.917   1.00 82.68  ? 167 LYS A O   1 
ATOM   1170 C CB  . LYS A 1 168 ? -10.826 11.043  4.192   1.00 71.30  ? 167 LYS A CB  1 
ATOM   1171 C CG  . LYS A 1 168 ? -9.351  11.321  3.995   1.00 65.91  ? 167 LYS A CG  1 
ATOM   1172 C CD  . LYS A 1 168 ? -9.077  12.804  3.820   1.00 71.15  ? 167 LYS A CD  1 
ATOM   1173 C CE  . LYS A 1 168 ? -9.434  13.571  5.086   1.00 77.79  ? 167 LYS A CE  1 
ATOM   1174 N NZ  . LYS A 1 168 ? -8.945  14.981  5.047   1.00 82.58  ? 167 LYS A NZ  1 
ATOM   1175 N N   . LYS A 1 169 ? -13.524 9.828   5.094   1.00 78.17  ? 168 LYS A N   1 
ATOM   1176 C CA  . LYS A 1 169 ? -14.750 9.665   5.852   1.00 81.81  ? 168 LYS A CA  1 
ATOM   1177 C C   . LYS A 1 169 ? -14.989 8.168   5.941   1.00 88.60  ? 168 LYS A C   1 
ATOM   1178 O O   . LYS A 1 169 ? -15.731 7.605   5.133   1.00 92.79  ? 168 LYS A O   1 
ATOM   1179 C CB  . LYS A 1 169 ? -15.928 10.382  5.190   1.00 20.00  ? 168 LYS A CB  1 
ATOM   1180 C CG  . LYS A 1 169 ? -15.838 11.899  5.237   1.00 20.00  ? 168 LYS A CG  1 
ATOM   1181 C CD  . LYS A 1 169 ? -17.024 12.545  4.544   1.00 20.00  ? 168 LYS A CD  1 
ATOM   1182 C CE  . LYS A 1 169 ? -16.947 14.061  4.611   1.00 20.00  ? 168 LYS A CE  1 
ATOM   1183 N NZ  . LYS A 1 169 ? -18.092 14.708  3.912   1.00 20.00  ? 168 LYS A NZ  1 
ATOM   1184 N N   . ASN A 1 170 ? -14.350 7.530   6.915   1.00 92.15  ? 169 ASN A N   1 
ATOM   1185 C CA  . ASN A 1 170 ? -14.467 6.090   7.105   1.00 91.21  ? 169 ASN A CA  1 
ATOM   1186 C C   . ASN A 1 170 ? -15.909 5.605   7.015   1.00 96.00  ? 169 ASN A C   1 
ATOM   1187 O O   . ASN A 1 170 ? -16.249 4.796   6.152   1.00 94.33  ? 169 ASN A O   1 
ATOM   1188 C CB  . ASN A 1 170 ? -13.854 5.681   8.446   1.00 20.00  ? 169 ASN A CB  1 
ATOM   1189 C CG  . ASN A 1 170 ? -13.040 6.794   9.078   1.00 20.00  ? 169 ASN A CG  1 
ATOM   1190 O OD1 . ASN A 1 170 ? -11.957 6.559   9.613   1.00 20.00  ? 169 ASN A OD1 1 
ATOM   1191 N ND2 . ASN A 1 170 ? -13.560 8.015   9.020   1.00 20.00  ? 169 ASN A ND2 1 
HETATM 1192 O O   . HOH B 2 .   ? 18.246  1.290   6.464   1.00 47.59  ? 175 HOH A O   1 
HETATM 1193 O O   . HOH B 2 .   ? -6.293  -6.325  11.967  1.00 45.10  ? 176 HOH A O   1 
HETATM 1194 O O   . HOH B 2 .   ? -9.560  -1.859  10.338  1.00 43.42  ? 177 HOH A O   1 
HETATM 1195 O O   . HOH B 2 .   ? 5.535   5.055   11.326  1.00 35.94  ? 178 HOH A O   1 
HETATM 1196 O O   . HOH B 2 .   ? 14.529  -1.007  11.979  1.00 63.43  ? 179 HOH A O   1 
HETATM 1197 O O   . HOH B 2 .   ? -16.146 0.084   -0.835  1.00 49.09  ? 180 HOH A O   1 
HETATM 1198 O O   . HOH B 2 .   ? -13.582 -5.701  4.610   1.00 53.49  ? 181 HOH A O   1 
HETATM 1199 O O   . HOH B 2 .   ? -3.020  3.548   10.110  1.00 58.32  ? 182 HOH A O   1 
HETATM 1200 O O   . HOH B 2 .   ? -18.246 -2.638  -4.234  1.00 57.89  ? 183 HOH A O   1 
HETATM 1201 O O   . HOH B 2 .   ? 6.277   4.822   -3.160  1.00 38.47  ? 184 HOH A O   1 
HETATM 1202 O O   . HOH B 2 .   ? -7.884  -16.537 17.567  1.00 74.49  ? 185 HOH A O   1 
HETATM 1203 O O   . HOH B 2 .   ? 7.199   2.491   -13.321 1.00 76.65  ? 186 HOH A O   1 
HETATM 1204 O O   . HOH B 2 .   ? 7.603   -7.908  -13.372 1.00 55.75  ? 187 HOH A O   1 
HETATM 1205 O O   . HOH B 2 .   ? 5.692   0.588   -13.949 1.00 72.34  ? 188 HOH A O   1 
HETATM 1206 O O   . HOH B 2 .   ? -8.257  -12.577 -2.126  1.00 60.52  ? 189 HOH A O   1 
HETATM 1207 O O   . HOH B 2 .   ? -12.337 -7.713  4.925   1.00 46.68  ? 190 HOH A O   1 
HETATM 1208 O O   . HOH B 2 .   ? -12.851 4.465   11.625  1.00 71.13  ? 191 HOH A O   1 
HETATM 1209 O O   . HOH B 2 .   ? 9.538   2.933   -12.365 1.00 74.40  ? 192 HOH A O   1 
HETATM 1210 O O   . HOH B 2 .   ? -6.121  14.887  0.931   1.00 51.30  ? 193 HOH A O   1 
HETATM 1211 O O   . HOH B 2 .   ? -13.967 -0.151  13.427  1.00 59.44  ? 194 HOH A O   1 
HETATM 1212 O O   . HOH B 2 .   ? 16.294  -14.864 0.484   1.00 59.41  ? 195 HOH A O   1 
HETATM 1213 O O   . HOH B 2 .   ? -14.161 11.808  9.093   1.00 79.35  ? 196 HOH A O   1 
HETATM 1214 O O   . HOH B 2 .   ? 7.787   -14.412 -0.191  1.00 47.11  ? 197 HOH A O   1 
HETATM 1215 O O   . HOH B 2 .   ? 6.736   -17.249 9.148   1.00 60.00  ? 198 HOH A O   1 
HETATM 1216 O O   . HOH B 2 .   ? 14.728  -11.492 -5.990  1.00 54.46  ? 199 HOH A O   1 
HETATM 1217 O O   . HOH B 2 .   ? -12.514 -10.879 4.252   1.00 68.38  ? 200 HOH A O   1 
HETATM 1218 O O   . HOH B 2 .   ? 14.640  -0.120  16.406  1.00 62.55  ? 201 HOH A O   1 
HETATM 1219 O O   . HOH B 2 .   ? -15.052 5.622   -12.465 1.00 75.20  ? 202 HOH A O   1 
HETATM 1220 O O   . HOH B 2 .   ? 2.885   -13.316 0.701   1.00 52.57  ? 203 HOH A O   1 
HETATM 1221 O O   . HOH B 2 .   ? -6.305  1.555   -7.523  1.00 43.27  ? 204 HOH A O   1 
HETATM 1222 O O   . HOH B 2 .   ? -5.016  -7.880  2.867   1.00 44.92  ? 205 HOH A O   1 
HETATM 1223 O O   . HOH B 2 .   ? 9.108   -13.312 11.982  1.00 65.66  ? 206 HOH A O   1 
HETATM 1224 O O   . HOH B 2 .   ? -5.939  16.247  -11.204 1.00 67.49  ? 207 HOH A O   1 
HETATM 1225 O O   . HOH B 2 .   ? -2.127  10.600  -14.069 1.00 60.43  ? 208 HOH A O   1 
HETATM 1226 O O   . HOH B 2 .   ? -8.718  -7.869  14.479  1.00 52.83  ? 209 HOH A O   1 
HETATM 1227 O O   . HOH B 2 .   ? 8.601   3.982   11.707  1.00 44.98  ? 210 HOH A O   1 
HETATM 1228 O O   . HOH B 2 .   ? 14.366  -17.092 -1.331  1.00 55.15  ? 211 HOH A O   1 
HETATM 1229 O O   . HOH B 2 .   ? -16.344 2.785   2.539   1.00 53.30  ? 212 HOH A O   1 
HETATM 1230 O O   . HOH B 2 .   ? -11.344 -3.768  -12.294 1.00 57.86  ? 213 HOH A O   1 
HETATM 1231 O O   . HOH B 2 .   ? -8.473  7.541   -17.267 1.00 62.36  ? 214 HOH A O   1 
HETATM 1232 O O   . HOH B 2 .   ? 4.502   15.585  5.953   1.00 59.65  ? 215 HOH A O   1 
HETATM 1233 O O   . HOH B 2 .   ? 1.855   17.823  -3.849  1.00 54.55  ? 216 HOH A O   1 
HETATM 1234 O O   . HOH B 2 .   ? 25.364  -5.891  4.884   1.00 73.21  ? 217 HOH A O   1 
HETATM 1235 O O   . HOH B 2 .   ? 1.433   3.855   13.177  1.00 39.95  ? 218 HOH A O   1 
HETATM 1236 O O   . HOH B 2 .   ? -0.346  18.918  -10.899 1.00 59.36  ? 219 HOH A O   1 
HETATM 1237 O O   . HOH B 2 .   ? -14.521 -6.771  6.782   1.00 50.43  ? 220 HOH A O   1 
HETATM 1238 O O   . HOH B 2 .   ? 2.182   12.185  -13.421 1.00 70.80  ? 221 HOH A O   1 
HETATM 1239 O O   . HOH B 2 .   ? -3.186  -13.125 12.570  1.00 55.07  ? 222 HOH A O   1 
HETATM 1240 O O   . HOH B 2 .   ? -16.845 5.613   -2.443  1.00 51.09  ? 223 HOH A O   1 
HETATM 1241 O O   . HOH B 2 .   ? 9.592   6.932   8.301   1.00 48.56  ? 224 HOH A O   1 
# 
loop_
_pdbx_poly_seq_scheme.asym_id 
_pdbx_poly_seq_scheme.entity_id 
_pdbx_poly_seq_scheme.seq_id 
_pdbx_poly_seq_scheme.mon_id 
_pdbx_poly_seq_scheme.ndb_seq_num 
_pdbx_poly_seq_scheme.pdb_seq_num 
_pdbx_poly_seq_scheme.auth_seq_num 
_pdbx_poly_seq_scheme.pdb_mon_id 
_pdbx_poly_seq_scheme.auth_mon_id 
_pdbx_poly_seq_scheme.pdb_strand_id 
_pdbx_poly_seq_scheme.pdb_ins_code 
_pdbx_poly_seq_scheme.hetero 
A 1 1   MET 1   0   ?   ?   ?   A . n 
A 1 2   GLY 2   1   ?   ?   ?   A . n 
A 1 3   MET 3   2   ?   ?   ?   A . n 
A 1 4   ARG 4   3   ?   ?   ?   A . n 
A 1 5   ARG 5   4   ?   ?   ?   A . n 
A 1 6   GLU 6   5   ?   ?   ?   A . n 
A 1 7   ARG 7   6   ?   ?   ?   A . n 
A 1 8   ASP 8   7   ?   ?   ?   A . n 
A 1 9   ALA 9   8   8   ALA ALA A . n 
A 1 10  GLU 10  9   9   GLU GLU A . n 
A 1 11  ALA 11  10  10  ALA ALA A . n 
A 1 12  GLU 12  11  11  GLU GLU A . n 
A 1 13  LEU 13  12  12  LEU LEU A . n 
A 1 14  ASN 14  13  13  ASN ASN A . n 
A 1 15  LEU 15  14  14  LEU LEU A . n 
A 1 16  PRO 16  15  15  PRO PRO A . n 
A 1 17  PRO 17  16  16  PRO PRO A . n 
A 1 18  GLY 18  17  17  GLY GLY A . n 
A 1 19  PHE 19  18  18  PHE PHE A . n 
A 1 20  ARG 20  19  19  ARG ARG A . n 
A 1 21  PHE 21  20  20  PHE PHE A . n 
A 1 22  HIS 22  21  21  HIS HIS A . n 
A 1 23  PRO 23  22  22  PRO PRO A . n 
A 1 24  THR 24  23  23  THR THR A . n 
A 1 25  ASP 25  24  24  ASP ASP A . n 
A 1 26  ASP 26  25  25  ASP ASP A . n 
A 1 27  GLU 27  26  26  GLU GLU A . n 
A 1 28  LEU 28  27  27  LEU LEU A . n 
A 1 29  VAL 29  28  28  VAL VAL A . n 
A 1 30  GLU 30  29  29  GLU GLU A . n 
A 1 31  HIS 31  30  30  HIS HIS A . n 
A 1 32  TYR 32  31  31  TYR TYR A . n 
A 1 33  LEU 33  32  32  LEU LEU A . n 
A 1 34  CYS 34  33  33  CYS CYS A . n 
A 1 35  ARG 35  34  34  ARG ARG A . n 
A 1 36  LYS 36  35  35  LYS LYS A . n 
A 1 37  ALA 37  36  36  ALA ALA A . n 
A 1 38  ALA 38  37  37  ALA ALA A . n 
A 1 39  GLY 39  38  38  GLY GLY A . n 
A 1 40  GLN 40  39  39  GLN GLN A . n 
A 1 41  ARG 41  40  40  ARG ARG A . n 
A 1 42  LEU 42  41  41  LEU LEU A . n 
A 1 43  PRO 43  42  42  PRO PRO A . n 
A 1 44  VAL 44  43  43  VAL VAL A . n 
A 1 45  PRO 45  44  44  PRO PRO A . n 
A 1 46  ILE 46  45  45  ILE ILE A . n 
A 1 47  ILE 47  46  46  ILE ILE A . n 
A 1 48  ALA 48  47  47  ALA ALA A . n 
A 1 49  GLU 49  48  48  GLU GLU A . n 
A 1 50  VAL 50  49  49  VAL VAL A . n 
A 1 51  ASP 51  50  50  ASP ASP A . n 
A 1 52  LEU 52  51  51  LEU LEU A . n 
A 1 53  TYR 53  52  52  TYR TYR A . n 
A 1 54  LYS 54  53  53  LYS LYS A . n 
A 1 55  PHE 55  54  54  PHE PHE A . n 
A 1 56  ASP 56  55  55  ASP ASP A . n 
A 1 57  PRO 57  56  56  PRO PRO A . n 
A 1 58  TRP 58  57  57  TRP TRP A . n 
A 1 59  ASP 59  58  58  ASP ASP A . n 
A 1 60  LEU 60  59  59  LEU LEU A . n 
A 1 61  PRO 61  60  60  PRO PRO A . n 
A 1 62  GLU 62  61  61  GLU GLU A . n 
A 1 63  ARG 63  62  62  ARG ARG A . n 
A 1 64  ALA 64  63  63  ALA ALA A . n 
A 1 65  LEU 65  64  64  LEU LEU A . n 
A 1 66  PHE 66  65  65  PHE PHE A . n 
A 1 67  GLY 67  66  66  GLY GLY A . n 
A 1 68  ALA 68  67  67  ALA ALA A . n 
A 1 69  ARG 69  68  68  ARG ARG A . n 
A 1 70  GLU 70  69  69  GLU GLU A . n 
A 1 71  TRP 71  70  70  TRP TRP A . n 
A 1 72  TYR 72  71  71  TYR TYR A . n 
A 1 73  PHE 73  72  72  PHE PHE A . n 
A 1 74  PHE 74  73  73  PHE PHE A . n 
A 1 75  THR 75  74  74  THR THR A . n 
A 1 76  PRO 76  75  75  PRO PRO A . n 
A 1 77  ARG 77  76  76  ARG ARG A . n 
A 1 78  ASP 78  77  77  ASP ASP A . n 
A 1 79  ARG 79  78  78  ARG ARG A . n 
A 1 80  LYS 80  79  ?   ?   ?   A . n 
A 1 81  TYR 81  80  ?   ?   ?   A . n 
A 1 82  PRO 82  81  ?   ?   ?   A . n 
A 1 83  ASN 83  82  ?   ?   ?   A . n 
A 1 84  GLY 84  83  ?   ?   ?   A . n 
A 1 85  SER 85  84  84  SER SER A . n 
A 1 86  ARG 86  85  85  ARG ARG A . n 
A 1 87  PRO 87  86  86  PRO PRO A . n 
A 1 88  ASN 88  87  87  ASN ASN A . n 
A 1 89  ARG 89  88  88  ARG ARG A . n 
A 1 90  ALA 90  89  89  ALA ALA A . n 
A 1 91  ALA 91  90  90  ALA ALA A . n 
A 1 92  GLY 92  91  91  GLY GLY A . n 
A 1 93  ASN 93  92  92  ASN ASN A . n 
A 1 94  GLY 94  93  93  GLY GLY A . n 
A 1 95  TYR 95  94  94  TYR TYR A . n 
A 1 96  TRP 96  95  95  TRP TRP A . n 
A 1 97  LYS 97  96  96  LYS LYS A . n 
A 1 98  ALA 98  97  97  ALA ALA A . n 
A 1 99  THR 99  98  98  THR THR A . n 
A 1 100 GLY 100 99  99  GLY GLY A . n 
A 1 101 ALA 101 100 100 ALA ALA A . n 
A 1 102 ASP 102 101 101 ASP ASP A . n 
A 1 103 LYS 103 102 102 LYS LYS A . n 
A 1 104 PRO 104 103 103 PRO PRO A . n 
A 1 105 VAL 105 104 104 VAL VAL A . n 
A 1 106 ALA 106 105 105 ALA ALA A . n 
A 1 107 PRO 107 106 106 PRO PRO A . n 
A 1 108 ARG 108 107 107 ARG ARG A . n 
A 1 109 GLY 109 108 108 GLY GLY A . n 
A 1 110 ARG 110 109 109 ARG ARG A . n 
A 1 111 THR 111 110 110 THR THR A . n 
A 1 112 LEU 112 111 111 LEU LEU A . n 
A 1 113 GLY 113 112 112 GLY GLY A . n 
A 1 114 ILE 114 113 113 ILE ILE A . n 
A 1 115 LYS 115 114 114 LYS LYS A . n 
A 1 116 LYS 116 115 115 LYS LYS A . n 
A 1 117 ALA 117 116 116 ALA ALA A . n 
A 1 118 LEU 118 117 117 LEU LEU A . n 
A 1 119 VAL 119 118 118 VAL VAL A . n 
A 1 120 PHE 120 119 119 PHE PHE A . n 
A 1 121 TYR 121 120 120 TYR TYR A . n 
A 1 122 ALA 122 121 121 ALA ALA A . n 
A 1 123 GLY 123 122 122 GLY GLY A . n 
A 1 124 LYS 124 123 123 LYS LYS A . n 
A 1 125 ALA 125 124 124 ALA ALA A . n 
A 1 126 PRO 126 125 125 PRO PRO A . n 
A 1 127 ARG 127 126 126 ARG ARG A . n 
A 1 128 GLY 128 127 127 GLY GLY A . n 
A 1 129 VAL 129 128 128 VAL VAL A . n 
A 1 130 LYS 130 129 129 LYS LYS A . n 
A 1 131 THR 131 130 130 THR THR A . n 
A 1 132 ASP 132 131 131 ASP ASP A . n 
A 1 133 TRP 133 132 132 TRP TRP A . n 
A 1 134 ILE 134 133 133 ILE ILE A . n 
A 1 135 MET 135 134 134 MET MET A . n 
A 1 136 HIS 136 135 135 HIS HIS A . n 
A 1 137 GLU 137 136 136 GLU GLU A . n 
A 1 138 TYR 138 137 137 TYR TYR A . n 
A 1 139 ARG 139 138 138 ARG ARG A . n 
A 1 140 LEU 140 139 139 LEU LEU A . n 
A 1 141 ALA 141 140 140 ALA ALA A . n 
A 1 142 ASP 142 141 141 ASP ASP A . n 
A 1 143 ALA 143 142 142 ALA GLY A . n 
A 1 144 GLY 144 143 143 GLY ALA A . n 
A 1 145 ARG 145 144 ?   ?   ?   A . n 
A 1 146 ALA 146 145 ?   ?   ?   A . n 
A 1 147 ALA 147 146 ?   ?   ?   A . n 
A 1 148 ALA 148 147 ?   ?   ?   A . n 
A 1 149 GLY 149 148 ?   ?   ?   A . n 
A 1 150 ALA 150 149 ?   ?   ?   A . n 
A 1 151 LYS 151 150 ?   ?   ?   A . n 
A 1 152 LYS 152 151 ?   ?   ?   A . n 
A 1 153 GLY 153 152 ?   ?   ?   A . n 
A 1 154 SER 154 153 ?   ?   ?   A . n 
A 1 155 LEU 155 154 ?   ?   ?   A . n 
A 1 156 ARG 156 155 156 ARG ARG A . n 
A 1 157 LEU 157 156 157 LEU LEU A . n 
A 1 158 ASP 158 157 158 ASP ASP A . n 
A 1 159 ASP 159 158 159 ASP ASP A . n 
A 1 160 TRP 160 159 160 TRP TRP A . n 
A 1 161 VAL 161 160 161 VAL VAL A . n 
A 1 162 LEU 162 161 162 LEU LEU A . n 
A 1 163 CYS 163 162 163 CYS CYS A . n 
A 1 164 ARG 164 163 164 ARG ARG A . n 
A 1 165 LEU 165 164 165 LEU LEU A . n 
A 1 166 TYR 166 165 166 TYR TYR A . n 
A 1 167 ASN 167 166 167 ASN ASN A . n 
A 1 168 LYS 168 167 168 LYS LYS A . n 
A 1 169 LYS 169 168 169 LYS LYS A . n 
A 1 170 ASN 170 169 170 ASN ASN A . n 
A 1 171 GLU 171 170 ?   ?   ?   A . n 
A 1 172 TRP 172 171 ?   ?   ?   A . n 
A 1 173 GLU 173 172 ?   ?   ?   A . n 
A 1 174 LYS 174 173 ?   ?   ?   A . n 
# 
loop_
_pdbx_nonpoly_scheme.asym_id 
_pdbx_nonpoly_scheme.entity_id 
_pdbx_nonpoly_scheme.mon_id 
_pdbx_nonpoly_scheme.ndb_seq_num 
_pdbx_nonpoly_scheme.pdb_seq_num 
_pdbx_nonpoly_scheme.auth_seq_num 
_pdbx_nonpoly_scheme.pdb_mon_id 
_pdbx_nonpoly_scheme.auth_mon_id 
_pdbx_nonpoly_scheme.pdb_strand_id 
_pdbx_nonpoly_scheme.pdb_ins_code 
B 2 HOH 1  175 1  HOH HOH A . 
B 2 HOH 2  176 2  HOH HOH A . 
B 2 HOH 3  177 3  HOH HOH A . 
B 2 HOH 4  178 4  HOH HOH A . 
B 2 HOH 5  179 5  HOH HOH A . 
B 2 HOH 6  180 6  HOH HOH A . 
B 2 HOH 7  181 7  HOH HOH A . 
B 2 HOH 8  182 8  HOH HOH A . 
B 2 HOH 9  183 9  HOH HOH A . 
B 2 HOH 10 184 10 HOH HOH A . 
B 2 HOH 11 185 11 HOH HOH A . 
B 2 HOH 12 186 12 HOH HOH A . 
B 2 HOH 13 187 13 HOH HOH A . 
B 2 HOH 14 188 14 HOH HOH A . 
B 2 HOH 15 189 15 HOH HOH A . 
B 2 HOH 16 190 16 HOH HOH A . 
B 2 HOH 17 191 17 HOH HOH A . 
B 2 HOH 18 192 18 HOH HOH A . 
B 2 HOH 19 193 19 HOH HOH A . 
B 2 HOH 20 194 20 HOH HOH A . 
B 2 HOH 21 195 21 HOH HOH A . 
B 2 HOH 22 196 22 HOH HOH A . 
B 2 HOH 23 197 23 HOH HOH A . 
B 2 HOH 24 198 24 HOH HOH A . 
B 2 HOH 25 199 25 HOH HOH A . 
B 2 HOH 26 200 26 HOH HOH A . 
B 2 HOH 27 201 27 HOH HOH A . 
B 2 HOH 28 202 28 HOH HOH A . 
B 2 HOH 29 203 29 HOH HOH A . 
B 2 HOH 30 204 30 HOH HOH A . 
B 2 HOH 31 205 31 HOH HOH A . 
B 2 HOH 32 206 32 HOH HOH A . 
B 2 HOH 33 207 33 HOH HOH A . 
B 2 HOH 34 208 34 HOH HOH A . 
B 2 HOH 35 209 35 HOH HOH A . 
B 2 HOH 36 210 36 HOH HOH A . 
B 2 HOH 37 211 37 HOH HOH A . 
B 2 HOH 38 212 38 HOH HOH A . 
B 2 HOH 39 213 39 HOH HOH A . 
B 2 HOH 40 214 40 HOH HOH A . 
B 2 HOH 41 215 41 HOH HOH A . 
B 2 HOH 42 216 42 HOH HOH A . 
B 2 HOH 43 217 43 HOH HOH A . 
B 2 HOH 44 218 44 HOH HOH A . 
B 2 HOH 45 219 45 HOH HOH A . 
B 2 HOH 46 220 46 HOH HOH A . 
B 2 HOH 47 221 47 HOH HOH A . 
B 2 HOH 48 222 48 HOH HOH A . 
B 2 HOH 49 223 49 HOH HOH A . 
B 2 HOH 50 224 50 HOH HOH A . 
# 
_pdbx_struct_assembly.id                   1 
_pdbx_struct_assembly.details              author_and_software_defined_assembly 
_pdbx_struct_assembly.method_details       PISA 
_pdbx_struct_assembly.oligomeric_details   dimeric 
_pdbx_struct_assembly.oligomeric_count     2 
# 
_pdbx_struct_assembly_gen.assembly_id       1 
_pdbx_struct_assembly_gen.oper_expression   1,2 
_pdbx_struct_assembly_gen.asym_id_list      A,B 
# 
loop_
_pdbx_struct_assembly_prop.biol_id 
_pdbx_struct_assembly_prop.type 
_pdbx_struct_assembly_prop.value 
_pdbx_struct_assembly_prop.details 
1 'ABSA (A^2)' 1620  ? 
1 MORE         -9    ? 
1 'SSA (A^2)'  14920 ? 
# 
loop_
_pdbx_struct_oper_list.id 
_pdbx_struct_oper_list.type 
_pdbx_struct_oper_list.name 
_pdbx_struct_oper_list.symmetry_operation 
_pdbx_struct_oper_list.matrix[1][1] 
_pdbx_struct_oper_list.matrix[1][2] 
_pdbx_struct_oper_list.matrix[1][3] 
_pdbx_struct_oper_list.vector[1] 
_pdbx_struct_oper_list.matrix[2][1] 
_pdbx_struct_oper_list.matrix[2][2] 
_pdbx_struct_oper_list.matrix[2][3] 
_pdbx_struct_oper_list.vector[2] 
_pdbx_struct_oper_list.matrix[3][1] 
_pdbx_struct_oper_list.matrix[3][2] 
_pdbx_struct_oper_list.matrix[3][3] 
_pdbx_struct_oper_list.vector[3] 
1 'identity operation'         1_555 x,y,z  1.0000000000  0.0000000000  0.0000000000 0.0000000000  0.0000000000  1.0000000000 0.0000000000  0.0000000000 0.0000000000 0.0000000000  1.0000000000  0.0000000000  
2 'crystal symmetry operation' 7_555 y,x,-z -0.9701165577 -0.2346097218 0.0619043048 -6.8436692529 -0.2346097218 0.8418802284 -0.4859999583 7.0099676453 0.0619043048 -0.4859999583 -0.8717636707 29.8706036882 
# 
loop_
_pdbx_audit_revision_history.ordinal 
_pdbx_audit_revision_history.data_content_type 
_pdbx_audit_revision_history.major_revision 
_pdbx_audit_revision_history.minor_revision 
_pdbx_audit_revision_history.revision_date 
1 'Structure model' 1 0 2011-12-28 
2 'Structure model' 1 1 2023-11-01 
# 
_pdbx_audit_revision_details.ordinal             1 
_pdbx_audit_revision_details.revision_ordinal    1 
_pdbx_audit_revision_details.data_content_type   'Structure model' 
_pdbx_audit_revision_details.provider            repository 
_pdbx_audit_revision_details.type                'Initial release' 
_pdbx_audit_revision_details.description         ? 
_pdbx_audit_revision_details.details             ? 
# 
loop_
_pdbx_audit_revision_group.ordinal 
_pdbx_audit_revision_group.revision_ordinal 
_pdbx_audit_revision_group.data_content_type 
_pdbx_audit_revision_group.group 
1 2 'Structure model' 'Data collection'        
2 2 'Structure model' 'Database references'    
3 2 'Structure model' 'Refinement description' 
# 
loop_
_pdbx_audit_revision_category.ordinal 
_pdbx_audit_revision_category.revision_ordinal 
_pdbx_audit_revision_category.data_content_type 
_pdbx_audit_revision_category.category 
1 2 'Structure model' chem_comp_atom                
2 2 'Structure model' chem_comp_bond                
3 2 'Structure model' database_2                    
4 2 'Structure model' pdbx_initial_refinement_model 
# 
loop_
_pdbx_audit_revision_item.ordinal 
_pdbx_audit_revision_item.revision_ordinal 
_pdbx_audit_revision_item.data_content_type 
_pdbx_audit_revision_item.item 
1 2 'Structure model' '_database_2.pdbx_DOI'                
2 2 'Structure model' '_database_2.pdbx_database_accession' 
# 
loop_
_software.name 
_software.classification 
_software.version 
_software.citation_id 
_software.pdbx_ordinal 
ADSC     'data collection' Quantum                      ? 1 
PHASER   phasing           .                            ? 2 
PHENIX   refinement        '(phenix.refine: 1.7.1_743)' ? 3 
HKL-2000 'data reduction'  .                            ? 4 
HKL-2000 'data scaling'    .                            ? 5 
# 
loop_
_pdbx_validate_torsion.id 
_pdbx_validate_torsion.PDB_model_num 
_pdbx_validate_torsion.auth_comp_id 
_pdbx_validate_torsion.auth_asym_id 
_pdbx_validate_torsion.auth_seq_id 
_pdbx_validate_torsion.PDB_ins_code 
_pdbx_validate_torsion.label_alt_id 
_pdbx_validate_torsion.phi 
_pdbx_validate_torsion.psi 
1  1 GLU A 9   ? ? 155.81  -3.92   
2  1 LEU A 12  ? ? -83.00  41.79   
3  1 ASN A 13  ? ? -177.66 -39.04  
4  1 HIS A 21  ? ? -156.21 72.53   
5  1 ARG A 62  ? ? 127.11  -49.91  
6  1 ARG A 76  ? ? 153.52  -111.43 
7  1 ARG A 85  ? ? 174.39  132.99  
8  1 ASN A 87  ? ? 100.06  168.17  
9  1 ARG A 88  ? ? -172.38 105.39  
10 1 ASN A 92  ? ? -106.28 49.69   
11 1 PRO A 106 ? ? -57.18  -167.23 
12 1 ARG A 126 ? ? -85.48  48.54   
13 1 ALA A 140 ? ? -115.45 78.23   
14 1 ALA A 142 ? ? -76.44  -108.19 
15 1 LEU A 156 ? ? -132.14 -140.02 
16 1 ASP A 157 ? ? -85.70  -79.27  
17 1 ASP A 158 ? ? 151.23  -54.63  
18 1 TYR A 165 ? ? 179.55  154.05  
# 
loop_
_pdbx_validate_peptide_omega.id 
_pdbx_validate_peptide_omega.PDB_model_num 
_pdbx_validate_peptide_omega.auth_comp_id_1 
_pdbx_validate_peptide_omega.auth_asym_id_1 
_pdbx_validate_peptide_omega.auth_seq_id_1 
_pdbx_validate_peptide_omega.PDB_ins_code_1 
_pdbx_validate_peptide_omega.label_alt_id_1 
_pdbx_validate_peptide_omega.auth_comp_id_2 
_pdbx_validate_peptide_omega.auth_asym_id_2 
_pdbx_validate_peptide_omega.auth_seq_id_2 
_pdbx_validate_peptide_omega.PDB_ins_code_2 
_pdbx_validate_peptide_omega.label_alt_id_2 
_pdbx_validate_peptide_omega.omega 
1 1 GLU A 9  ? ? ALA A 10 ? ? 143.43  
2 1 ASN A 13 ? ? LEU A 14 ? ? -148.55 
# 
_pdbx_unobs_or_zero_occ_atoms.id               1 
_pdbx_unobs_or_zero_occ_atoms.PDB_model_num    1 
_pdbx_unobs_or_zero_occ_atoms.polymer_flag     Y 
_pdbx_unobs_or_zero_occ_atoms.occupancy_flag   1 
_pdbx_unobs_or_zero_occ_atoms.auth_asym_id     A 
_pdbx_unobs_or_zero_occ_atoms.auth_comp_id     ALA 
_pdbx_unobs_or_zero_occ_atoms.auth_seq_id      142 
_pdbx_unobs_or_zero_occ_atoms.PDB_ins_code     ? 
_pdbx_unobs_or_zero_occ_atoms.auth_atom_id     CB 
_pdbx_unobs_or_zero_occ_atoms.label_alt_id     ? 
_pdbx_unobs_or_zero_occ_atoms.label_asym_id    A 
_pdbx_unobs_or_zero_occ_atoms.label_comp_id    ALA 
_pdbx_unobs_or_zero_occ_atoms.label_seq_id     143 
_pdbx_unobs_or_zero_occ_atoms.label_atom_id    CB 
# 
loop_
_pdbx_unobs_or_zero_occ_residues.id 
_pdbx_unobs_or_zero_occ_residues.PDB_model_num 
_pdbx_unobs_or_zero_occ_residues.polymer_flag 
_pdbx_unobs_or_zero_occ_residues.occupancy_flag 
_pdbx_unobs_or_zero_occ_residues.auth_asym_id 
_pdbx_unobs_or_zero_occ_residues.auth_comp_id 
_pdbx_unobs_or_zero_occ_residues.auth_seq_id 
_pdbx_unobs_or_zero_occ_residues.PDB_ins_code 
_pdbx_unobs_or_zero_occ_residues.label_asym_id 
_pdbx_unobs_or_zero_occ_residues.label_comp_id 
_pdbx_unobs_or_zero_occ_residues.label_seq_id 
1  1 Y 1 A MET 0   ? A MET 1   
2  1 Y 1 A GLY 1   ? A GLY 2   
3  1 Y 1 A MET 2   ? A MET 3   
4  1 Y 1 A ARG 3   ? A ARG 4   
5  1 Y 1 A ARG 4   ? A ARG 5   
6  1 Y 1 A GLU 5   ? A GLU 6   
7  1 Y 1 A ARG 6   ? A ARG 7   
8  1 Y 1 A ASP 7   ? A ASP 8   
9  1 Y 1 A LYS 79  ? A LYS 80  
10 1 Y 1 A TYR 80  ? A TYR 81  
11 1 Y 1 A PRO 81  ? A PRO 82  
12 1 Y 1 A ASN 82  ? A ASN 83  
13 1 Y 1 A GLY 83  ? A GLY 84  
14 1 Y 1 A ARG 144 ? A ARG 145 
15 1 Y 1 A ALA 145 ? A ALA 146 
16 1 Y 1 A ALA 146 ? A ALA 147 
17 1 Y 1 A ALA 147 ? A ALA 148 
18 1 Y 1 A GLY 148 ? A GLY 149 
19 1 Y 1 A ALA 149 ? A ALA 150 
20 1 Y 1 A LYS 150 ? A LYS 151 
21 1 Y 1 A LYS 151 ? A LYS 152 
22 1 Y 1 A GLY 152 ? A GLY 153 
23 1 Y 1 A SER 153 ? A SER 154 
24 1 Y 1 A LEU 154 ? A LEU 155 
25 1 Y 1 A GLU 170 ? A GLU 171 
26 1 Y 1 A TRP 171 ? A TRP 172 
27 1 Y 1 A GLU 172 ? A GLU 173 
28 1 Y 1 A LYS 173 ? A LYS 174 
# 
loop_
_chem_comp_atom.comp_id 
_chem_comp_atom.atom_id 
_chem_comp_atom.type_symbol 
_chem_comp_atom.pdbx_aromatic_flag 
_chem_comp_atom.pdbx_stereo_config 
_chem_comp_atom.pdbx_ordinal 
ALA N    N N N 1   
ALA CA   C N S 2   
ALA C    C N N 3   
ALA O    O N N 4   
ALA CB   C N N 5   
ALA OXT  O N N 6   
ALA H    H N N 7   
ALA H2   H N N 8   
ALA HA   H N N 9   
ALA HB1  H N N 10  
ALA HB2  H N N 11  
ALA HB3  H N N 12  
ALA HXT  H N N 13  
ARG N    N N N 14  
ARG CA   C N S 15  
ARG C    C N N 16  
ARG O    O N N 17  
ARG CB   C N N 18  
ARG CG   C N N 19  
ARG CD   C N N 20  
ARG NE   N N N 21  
ARG CZ   C N N 22  
ARG NH1  N N N 23  
ARG NH2  N N N 24  
ARG OXT  O N N 25  
ARG H    H N N 26  
ARG H2   H N N 27  
ARG HA   H N N 28  
ARG HB2  H N N 29  
ARG HB3  H N N 30  
ARG HG2  H N N 31  
ARG HG3  H N N 32  
ARG HD2  H N N 33  
ARG HD3  H N N 34  
ARG HE   H N N 35  
ARG HH11 H N N 36  
ARG HH12 H N N 37  
ARG HH21 H N N 38  
ARG HH22 H N N 39  
ARG HXT  H N N 40  
ASN N    N N N 41  
ASN CA   C N S 42  
ASN C    C N N 43  
ASN O    O N N 44  
ASN CB   C N N 45  
ASN CG   C N N 46  
ASN OD1  O N N 47  
ASN ND2  N N N 48  
ASN OXT  O N N 49  
ASN H    H N N 50  
ASN H2   H N N 51  
ASN HA   H N N 52  
ASN HB2  H N N 53  
ASN HB3  H N N 54  
ASN HD21 H N N 55  
ASN HD22 H N N 56  
ASN HXT  H N N 57  
ASP N    N N N 58  
ASP CA   C N S 59  
ASP C    C N N 60  
ASP O    O N N 61  
ASP CB   C N N 62  
ASP CG   C N N 63  
ASP OD1  O N N 64  
ASP OD2  O N N 65  
ASP OXT  O N N 66  
ASP H    H N N 67  
ASP H2   H N N 68  
ASP HA   H N N 69  
ASP HB2  H N N 70  
ASP HB3  H N N 71  
ASP HD2  H N N 72  
ASP HXT  H N N 73  
CYS N    N N N 74  
CYS CA   C N R 75  
CYS C    C N N 76  
CYS O    O N N 77  
CYS CB   C N N 78  
CYS SG   S N N 79  
CYS OXT  O N N 80  
CYS H    H N N 81  
CYS H2   H N N 82  
CYS HA   H N N 83  
CYS HB2  H N N 84  
CYS HB3  H N N 85  
CYS HG   H N N 86  
CYS HXT  H N N 87  
GLN N    N N N 88  
GLN CA   C N S 89  
GLN C    C N N 90  
GLN O    O N N 91  
GLN CB   C N N 92  
GLN CG   C N N 93  
GLN CD   C N N 94  
GLN OE1  O N N 95  
GLN NE2  N N N 96  
GLN OXT  O N N 97  
GLN H    H N N 98  
GLN H2   H N N 99  
GLN HA   H N N 100 
GLN HB2  H N N 101 
GLN HB3  H N N 102 
GLN HG2  H N N 103 
GLN HG3  H N N 104 
GLN HE21 H N N 105 
GLN HE22 H N N 106 
GLN HXT  H N N 107 
GLU N    N N N 108 
GLU CA   C N S 109 
GLU C    C N N 110 
GLU O    O N N 111 
GLU CB   C N N 112 
GLU CG   C N N 113 
GLU CD   C N N 114 
GLU OE1  O N N 115 
GLU OE2  O N N 116 
GLU OXT  O N N 117 
GLU H    H N N 118 
GLU H2   H N N 119 
GLU HA   H N N 120 
GLU HB2  H N N 121 
GLU HB3  H N N 122 
GLU HG2  H N N 123 
GLU HG3  H N N 124 
GLU HE2  H N N 125 
GLU HXT  H N N 126 
GLY N    N N N 127 
GLY CA   C N N 128 
GLY C    C N N 129 
GLY O    O N N 130 
GLY OXT  O N N 131 
GLY H    H N N 132 
GLY H2   H N N 133 
GLY HA2  H N N 134 
GLY HA3  H N N 135 
GLY HXT  H N N 136 
HIS N    N N N 137 
HIS CA   C N S 138 
HIS C    C N N 139 
HIS O    O N N 140 
HIS CB   C N N 141 
HIS CG   C Y N 142 
HIS ND1  N Y N 143 
HIS CD2  C Y N 144 
HIS CE1  C Y N 145 
HIS NE2  N Y N 146 
HIS OXT  O N N 147 
HIS H    H N N 148 
HIS H2   H N N 149 
HIS HA   H N N 150 
HIS HB2  H N N 151 
HIS HB3  H N N 152 
HIS HD1  H N N 153 
HIS HD2  H N N 154 
HIS HE1  H N N 155 
HIS HE2  H N N 156 
HIS HXT  H N N 157 
HOH O    O N N 158 
HOH H1   H N N 159 
HOH H2   H N N 160 
ILE N    N N N 161 
ILE CA   C N S 162 
ILE C    C N N 163 
ILE O    O N N 164 
ILE CB   C N S 165 
ILE CG1  C N N 166 
ILE CG2  C N N 167 
ILE CD1  C N N 168 
ILE OXT  O N N 169 
ILE H    H N N 170 
ILE H2   H N N 171 
ILE HA   H N N 172 
ILE HB   H N N 173 
ILE HG12 H N N 174 
ILE HG13 H N N 175 
ILE HG21 H N N 176 
ILE HG22 H N N 177 
ILE HG23 H N N 178 
ILE HD11 H N N 179 
ILE HD12 H N N 180 
ILE HD13 H N N 181 
ILE HXT  H N N 182 
LEU N    N N N 183 
LEU CA   C N S 184 
LEU C    C N N 185 
LEU O    O N N 186 
LEU CB   C N N 187 
LEU CG   C N N 188 
LEU CD1  C N N 189 
LEU CD2  C N N 190 
LEU OXT  O N N 191 
LEU H    H N N 192 
LEU H2   H N N 193 
LEU HA   H N N 194 
LEU HB2  H N N 195 
LEU HB3  H N N 196 
LEU HG   H N N 197 
LEU HD11 H N N 198 
LEU HD12 H N N 199 
LEU HD13 H N N 200 
LEU HD21 H N N 201 
LEU HD22 H N N 202 
LEU HD23 H N N 203 
LEU HXT  H N N 204 
LYS N    N N N 205 
LYS CA   C N S 206 
LYS C    C N N 207 
LYS O    O N N 208 
LYS CB   C N N 209 
LYS CG   C N N 210 
LYS CD   C N N 211 
LYS CE   C N N 212 
LYS NZ   N N N 213 
LYS OXT  O N N 214 
LYS H    H N N 215 
LYS H2   H N N 216 
LYS HA   H N N 217 
LYS HB2  H N N 218 
LYS HB3  H N N 219 
LYS HG2  H N N 220 
LYS HG3  H N N 221 
LYS HD2  H N N 222 
LYS HD3  H N N 223 
LYS HE2  H N N 224 
LYS HE3  H N N 225 
LYS HZ1  H N N 226 
LYS HZ2  H N N 227 
LYS HZ3  H N N 228 
LYS HXT  H N N 229 
MET N    N N N 230 
MET CA   C N S 231 
MET C    C N N 232 
MET O    O N N 233 
MET CB   C N N 234 
MET CG   C N N 235 
MET SD   S N N 236 
MET CE   C N N 237 
MET OXT  O N N 238 
MET H    H N N 239 
MET H2   H N N 240 
MET HA   H N N 241 
MET HB2  H N N 242 
MET HB3  H N N 243 
MET HG2  H N N 244 
MET HG3  H N N 245 
MET HE1  H N N 246 
MET HE2  H N N 247 
MET HE3  H N N 248 
MET HXT  H N N 249 
PHE N    N N N 250 
PHE CA   C N S 251 
PHE C    C N N 252 
PHE O    O N N 253 
PHE CB   C N N 254 
PHE CG   C Y N 255 
PHE CD1  C Y N 256 
PHE CD2  C Y N 257 
PHE CE1  C Y N 258 
PHE CE2  C Y N 259 
PHE CZ   C Y N 260 
PHE OXT  O N N 261 
PHE H    H N N 262 
PHE H2   H N N 263 
PHE HA   H N N 264 
PHE HB2  H N N 265 
PHE HB3  H N N 266 
PHE HD1  H N N 267 
PHE HD2  H N N 268 
PHE HE1  H N N 269 
PHE HE2  H N N 270 
PHE HZ   H N N 271 
PHE HXT  H N N 272 
PRO N    N N N 273 
PRO CA   C N S 274 
PRO C    C N N 275 
PRO O    O N N 276 
PRO CB   C N N 277 
PRO CG   C N N 278 
PRO CD   C N N 279 
PRO OXT  O N N 280 
PRO H    H N N 281 
PRO HA   H N N 282 
PRO HB2  H N N 283 
PRO HB3  H N N 284 
PRO HG2  H N N 285 
PRO HG3  H N N 286 
PRO HD2  H N N 287 
PRO HD3  H N N 288 
PRO HXT  H N N 289 
SER N    N N N 290 
SER CA   C N S 291 
SER C    C N N 292 
SER O    O N N 293 
SER CB   C N N 294 
SER OG   O N N 295 
SER OXT  O N N 296 
SER H    H N N 297 
SER H2   H N N 298 
SER HA   H N N 299 
SER HB2  H N N 300 
SER HB3  H N N 301 
SER HG   H N N 302 
SER HXT  H N N 303 
THR N    N N N 304 
THR CA   C N S 305 
THR C    C N N 306 
THR O    O N N 307 
THR CB   C N R 308 
THR OG1  O N N 309 
THR CG2  C N N 310 
THR OXT  O N N 311 
THR H    H N N 312 
THR H2   H N N 313 
THR HA   H N N 314 
THR HB   H N N 315 
THR HG1  H N N 316 
THR HG21 H N N 317 
THR HG22 H N N 318 
THR HG23 H N N 319 
THR HXT  H N N 320 
TRP N    N N N 321 
TRP CA   C N S 322 
TRP C    C N N 323 
TRP O    O N N 324 
TRP CB   C N N 325 
TRP CG   C Y N 326 
TRP CD1  C Y N 327 
TRP CD2  C Y N 328 
TRP NE1  N Y N 329 
TRP CE2  C Y N 330 
TRP CE3  C Y N 331 
TRP CZ2  C Y N 332 
TRP CZ3  C Y N 333 
TRP CH2  C Y N 334 
TRP OXT  O N N 335 
TRP H    H N N 336 
TRP H2   H N N 337 
TRP HA   H N N 338 
TRP HB2  H N N 339 
TRP HB3  H N N 340 
TRP HD1  H N N 341 
TRP HE1  H N N 342 
TRP HE3  H N N 343 
TRP HZ2  H N N 344 
TRP HZ3  H N N 345 
TRP HH2  H N N 346 
TRP HXT  H N N 347 
TYR N    N N N 348 
TYR CA   C N S 349 
TYR C    C N N 350 
TYR O    O N N 351 
TYR CB   C N N 352 
TYR CG   C Y N 353 
TYR CD1  C Y N 354 
TYR CD2  C Y N 355 
TYR CE1  C Y N 356 
TYR CE2  C Y N 357 
TYR CZ   C Y N 358 
TYR OH   O N N 359 
TYR OXT  O N N 360 
TYR H    H N N 361 
TYR H2   H N N 362 
TYR HA   H N N 363 
TYR HB2  H N N 364 
TYR HB3  H N N 365 
TYR HD1  H N N 366 
TYR HD2  H N N 367 
TYR HE1  H N N 368 
TYR HE2  H N N 369 
TYR HH   H N N 370 
TYR HXT  H N N 371 
VAL N    N N N 372 
VAL CA   C N S 373 
VAL C    C N N 374 
VAL O    O N N 375 
VAL CB   C N N 376 
VAL CG1  C N N 377 
VAL CG2  C N N 378 
VAL OXT  O N N 379 
VAL H    H N N 380 
VAL H2   H N N 381 
VAL HA   H N N 382 
VAL HB   H N N 383 
VAL HG11 H N N 384 
VAL HG12 H N N 385 
VAL HG13 H N N 386 
VAL HG21 H N N 387 
VAL HG22 H N N 388 
VAL HG23 H N N 389 
VAL HXT  H N N 390 
# 
loop_
_chem_comp_bond.comp_id 
_chem_comp_bond.atom_id_1 
_chem_comp_bond.atom_id_2 
_chem_comp_bond.value_order 
_chem_comp_bond.pdbx_aromatic_flag 
_chem_comp_bond.pdbx_stereo_config 
_chem_comp_bond.pdbx_ordinal 
ALA N   CA   sing N N 1   
ALA N   H    sing N N 2   
ALA N   H2   sing N N 3   
ALA CA  C    sing N N 4   
ALA CA  CB   sing N N 5   
ALA CA  HA   sing N N 6   
ALA C   O    doub N N 7   
ALA C   OXT  sing N N 8   
ALA CB  HB1  sing N N 9   
ALA CB  HB2  sing N N 10  
ALA CB  HB3  sing N N 11  
ALA OXT HXT  sing N N 12  
ARG N   CA   sing N N 13  
ARG N   H    sing N N 14  
ARG N   H2   sing N N 15  
ARG CA  C    sing N N 16  
ARG CA  CB   sing N N 17  
ARG CA  HA   sing N N 18  
ARG C   O    doub N N 19  
ARG C   OXT  sing N N 20  
ARG CB  CG   sing N N 21  
ARG CB  HB2  sing N N 22  
ARG CB  HB3  sing N N 23  
ARG CG  CD   sing N N 24  
ARG CG  HG2  sing N N 25  
ARG CG  HG3  sing N N 26  
ARG CD  NE   sing N N 27  
ARG CD  HD2  sing N N 28  
ARG CD  HD3  sing N N 29  
ARG NE  CZ   sing N N 30  
ARG NE  HE   sing N N 31  
ARG CZ  NH1  sing N N 32  
ARG CZ  NH2  doub N N 33  
ARG NH1 HH11 sing N N 34  
ARG NH1 HH12 sing N N 35  
ARG NH2 HH21 sing N N 36  
ARG NH2 HH22 sing N N 37  
ARG OXT HXT  sing N N 38  
ASN N   CA   sing N N 39  
ASN N   H    sing N N 40  
ASN N   H2   sing N N 41  
ASN CA  C    sing N N 42  
ASN CA  CB   sing N N 43  
ASN CA  HA   sing N N 44  
ASN C   O    doub N N 45  
ASN C   OXT  sing N N 46  
ASN CB  CG   sing N N 47  
ASN CB  HB2  sing N N 48  
ASN CB  HB3  sing N N 49  
ASN CG  OD1  doub N N 50  
ASN CG  ND2  sing N N 51  
ASN ND2 HD21 sing N N 52  
ASN ND2 HD22 sing N N 53  
ASN OXT HXT  sing N N 54  
ASP N   CA   sing N N 55  
ASP N   H    sing N N 56  
ASP N   H2   sing N N 57  
ASP CA  C    sing N N 58  
ASP CA  CB   sing N N 59  
ASP CA  HA   sing N N 60  
ASP C   O    doub N N 61  
ASP C   OXT  sing N N 62  
ASP CB  CG   sing N N 63  
ASP CB  HB2  sing N N 64  
ASP CB  HB3  sing N N 65  
ASP CG  OD1  doub N N 66  
ASP CG  OD2  sing N N 67  
ASP OD2 HD2  sing N N 68  
ASP OXT HXT  sing N N 69  
CYS N   CA   sing N N 70  
CYS N   H    sing N N 71  
CYS N   H2   sing N N 72  
CYS CA  C    sing N N 73  
CYS CA  CB   sing N N 74  
CYS CA  HA   sing N N 75  
CYS C   O    doub N N 76  
CYS C   OXT  sing N N 77  
CYS CB  SG   sing N N 78  
CYS CB  HB2  sing N N 79  
CYS CB  HB3  sing N N 80  
CYS SG  HG   sing N N 81  
CYS OXT HXT  sing N N 82  
GLN N   CA   sing N N 83  
GLN N   H    sing N N 84  
GLN N   H2   sing N N 85  
GLN CA  C    sing N N 86  
GLN CA  CB   sing N N 87  
GLN CA  HA   sing N N 88  
GLN C   O    doub N N 89  
GLN C   OXT  sing N N 90  
GLN CB  CG   sing N N 91  
GLN CB  HB2  sing N N 92  
GLN CB  HB3  sing N N 93  
GLN CG  CD   sing N N 94  
GLN CG  HG2  sing N N 95  
GLN CG  HG3  sing N N 96  
GLN CD  OE1  doub N N 97  
GLN CD  NE2  sing N N 98  
GLN NE2 HE21 sing N N 99  
GLN NE2 HE22 sing N N 100 
GLN OXT HXT  sing N N 101 
GLU N   CA   sing N N 102 
GLU N   H    sing N N 103 
GLU N   H2   sing N N 104 
GLU CA  C    sing N N 105 
GLU CA  CB   sing N N 106 
GLU CA  HA   sing N N 107 
GLU C   O    doub N N 108 
GLU C   OXT  sing N N 109 
GLU CB  CG   sing N N 110 
GLU CB  HB2  sing N N 111 
GLU CB  HB3  sing N N 112 
GLU CG  CD   sing N N 113 
GLU CG  HG2  sing N N 114 
GLU CG  HG3  sing N N 115 
GLU CD  OE1  doub N N 116 
GLU CD  OE2  sing N N 117 
GLU OE2 HE2  sing N N 118 
GLU OXT HXT  sing N N 119 
GLY N   CA   sing N N 120 
GLY N   H    sing N N 121 
GLY N   H2   sing N N 122 
GLY CA  C    sing N N 123 
GLY CA  HA2  sing N N 124 
GLY CA  HA3  sing N N 125 
GLY C   O    doub N N 126 
GLY C   OXT  sing N N 127 
GLY OXT HXT  sing N N 128 
HIS N   CA   sing N N 129 
HIS N   H    sing N N 130 
HIS N   H2   sing N N 131 
HIS CA  C    sing N N 132 
HIS CA  CB   sing N N 133 
HIS CA  HA   sing N N 134 
HIS C   O    doub N N 135 
HIS C   OXT  sing N N 136 
HIS CB  CG   sing N N 137 
HIS CB  HB2  sing N N 138 
HIS CB  HB3  sing N N 139 
HIS CG  ND1  sing Y N 140 
HIS CG  CD2  doub Y N 141 
HIS ND1 CE1  doub Y N 142 
HIS ND1 HD1  sing N N 143 
HIS CD2 NE2  sing Y N 144 
HIS CD2 HD2  sing N N 145 
HIS CE1 NE2  sing Y N 146 
HIS CE1 HE1  sing N N 147 
HIS NE2 HE2  sing N N 148 
HIS OXT HXT  sing N N 149 
HOH O   H1   sing N N 150 
HOH O   H2   sing N N 151 
ILE N   CA   sing N N 152 
ILE N   H    sing N N 153 
ILE N   H2   sing N N 154 
ILE CA  C    sing N N 155 
ILE CA  CB   sing N N 156 
ILE CA  HA   sing N N 157 
ILE C   O    doub N N 158 
ILE C   OXT  sing N N 159 
ILE CB  CG1  sing N N 160 
ILE CB  CG2  sing N N 161 
ILE CB  HB   sing N N 162 
ILE CG1 CD1  sing N N 163 
ILE CG1 HG12 sing N N 164 
ILE CG1 HG13 sing N N 165 
ILE CG2 HG21 sing N N 166 
ILE CG2 HG22 sing N N 167 
ILE CG2 HG23 sing N N 168 
ILE CD1 HD11 sing N N 169 
ILE CD1 HD12 sing N N 170 
ILE CD1 HD13 sing N N 171 
ILE OXT HXT  sing N N 172 
LEU N   CA   sing N N 173 
LEU N   H    sing N N 174 
LEU N   H2   sing N N 175 
LEU CA  C    sing N N 176 
LEU CA  CB   sing N N 177 
LEU CA  HA   sing N N 178 
LEU C   O    doub N N 179 
LEU C   OXT  sing N N 180 
LEU CB  CG   sing N N 181 
LEU CB  HB2  sing N N 182 
LEU CB  HB3  sing N N 183 
LEU CG  CD1  sing N N 184 
LEU CG  CD2  sing N N 185 
LEU CG  HG   sing N N 186 
LEU CD1 HD11 sing N N 187 
LEU CD1 HD12 sing N N 188 
LEU CD1 HD13 sing N N 189 
LEU CD2 HD21 sing N N 190 
LEU CD2 HD22 sing N N 191 
LEU CD2 HD23 sing N N 192 
LEU OXT HXT  sing N N 193 
LYS N   CA   sing N N 194 
LYS N   H    sing N N 195 
LYS N   H2   sing N N 196 
LYS CA  C    sing N N 197 
LYS CA  CB   sing N N 198 
LYS CA  HA   sing N N 199 
LYS C   O    doub N N 200 
LYS C   OXT  sing N N 201 
LYS CB  CG   sing N N 202 
LYS CB  HB2  sing N N 203 
LYS CB  HB3  sing N N 204 
LYS CG  CD   sing N N 205 
LYS CG  HG2  sing N N 206 
LYS CG  HG3  sing N N 207 
LYS CD  CE   sing N N 208 
LYS CD  HD2  sing N N 209 
LYS CD  HD3  sing N N 210 
LYS CE  NZ   sing N N 211 
LYS CE  HE2  sing N N 212 
LYS CE  HE3  sing N N 213 
LYS NZ  HZ1  sing N N 214 
LYS NZ  HZ2  sing N N 215 
LYS NZ  HZ3  sing N N 216 
LYS OXT HXT  sing N N 217 
MET N   CA   sing N N 218 
MET N   H    sing N N 219 
MET N   H2   sing N N 220 
MET CA  C    sing N N 221 
MET CA  CB   sing N N 222 
MET CA  HA   sing N N 223 
MET C   O    doub N N 224 
MET C   OXT  sing N N 225 
MET CB  CG   sing N N 226 
MET CB  HB2  sing N N 227 
MET CB  HB3  sing N N 228 
MET CG  SD   sing N N 229 
MET CG  HG2  sing N N 230 
MET CG  HG3  sing N N 231 
MET SD  CE   sing N N 232 
MET CE  HE1  sing N N 233 
MET CE  HE2  sing N N 234 
MET CE  HE3  sing N N 235 
MET OXT HXT  sing N N 236 
PHE N   CA   sing N N 237 
PHE N   H    sing N N 238 
PHE N   H2   sing N N 239 
PHE CA  C    sing N N 240 
PHE CA  CB   sing N N 241 
PHE CA  HA   sing N N 242 
PHE C   O    doub N N 243 
PHE C   OXT  sing N N 244 
PHE CB  CG   sing N N 245 
PHE CB  HB2  sing N N 246 
PHE CB  HB3  sing N N 247 
PHE CG  CD1  doub Y N 248 
PHE CG  CD2  sing Y N 249 
PHE CD1 CE1  sing Y N 250 
PHE CD1 HD1  sing N N 251 
PHE CD2 CE2  doub Y N 252 
PHE CD2 HD2  sing N N 253 
PHE CE1 CZ   doub Y N 254 
PHE CE1 HE1  sing N N 255 
PHE CE2 CZ   sing Y N 256 
PHE CE2 HE2  sing N N 257 
PHE CZ  HZ   sing N N 258 
PHE OXT HXT  sing N N 259 
PRO N   CA   sing N N 260 
PRO N   CD   sing N N 261 
PRO N   H    sing N N 262 
PRO CA  C    sing N N 263 
PRO CA  CB   sing N N 264 
PRO CA  HA   sing N N 265 
PRO C   O    doub N N 266 
PRO C   OXT  sing N N 267 
PRO CB  CG   sing N N 268 
PRO CB  HB2  sing N N 269 
PRO CB  HB3  sing N N 270 
PRO CG  CD   sing N N 271 
PRO CG  HG2  sing N N 272 
PRO CG  HG3  sing N N 273 
PRO CD  HD2  sing N N 274 
PRO CD  HD3  sing N N 275 
PRO OXT HXT  sing N N 276 
SER N   CA   sing N N 277 
SER N   H    sing N N 278 
SER N   H2   sing N N 279 
SER CA  C    sing N N 280 
SER CA  CB   sing N N 281 
SER CA  HA   sing N N 282 
SER C   O    doub N N 283 
SER C   OXT  sing N N 284 
SER CB  OG   sing N N 285 
SER CB  HB2  sing N N 286 
SER CB  HB3  sing N N 287 
SER OG  HG   sing N N 288 
SER OXT HXT  sing N N 289 
THR N   CA   sing N N 290 
THR N   H    sing N N 291 
THR N   H2   sing N N 292 
THR CA  C    sing N N 293 
THR CA  CB   sing N N 294 
THR CA  HA   sing N N 295 
THR C   O    doub N N 296 
THR C   OXT  sing N N 297 
THR CB  OG1  sing N N 298 
THR CB  CG2  sing N N 299 
THR CB  HB   sing N N 300 
THR OG1 HG1  sing N N 301 
THR CG2 HG21 sing N N 302 
THR CG2 HG22 sing N N 303 
THR CG2 HG23 sing N N 304 
THR OXT HXT  sing N N 305 
TRP N   CA   sing N N 306 
TRP N   H    sing N N 307 
TRP N   H2   sing N N 308 
TRP CA  C    sing N N 309 
TRP CA  CB   sing N N 310 
TRP CA  HA   sing N N 311 
TRP C   O    doub N N 312 
TRP C   OXT  sing N N 313 
TRP CB  CG   sing N N 314 
TRP CB  HB2  sing N N 315 
TRP CB  HB3  sing N N 316 
TRP CG  CD1  doub Y N 317 
TRP CG  CD2  sing Y N 318 
TRP CD1 NE1  sing Y N 319 
TRP CD1 HD1  sing N N 320 
TRP CD2 CE2  doub Y N 321 
TRP CD2 CE3  sing Y N 322 
TRP NE1 CE2  sing Y N 323 
TRP NE1 HE1  sing N N 324 
TRP CE2 CZ2  sing Y N 325 
TRP CE3 CZ3  doub Y N 326 
TRP CE3 HE3  sing N N 327 
TRP CZ2 CH2  doub Y N 328 
TRP CZ2 HZ2  sing N N 329 
TRP CZ3 CH2  sing Y N 330 
TRP CZ3 HZ3  sing N N 331 
TRP CH2 HH2  sing N N 332 
TRP OXT HXT  sing N N 333 
TYR N   CA   sing N N 334 
TYR N   H    sing N N 335 
TYR N   H2   sing N N 336 
TYR CA  C    sing N N 337 
TYR CA  CB   sing N N 338 
TYR CA  HA   sing N N 339 
TYR C   O    doub N N 340 
TYR C   OXT  sing N N 341 
TYR CB  CG   sing N N 342 
TYR CB  HB2  sing N N 343 
TYR CB  HB3  sing N N 344 
TYR CG  CD1  doub Y N 345 
TYR CG  CD2  sing Y N 346 
TYR CD1 CE1  sing Y N 347 
TYR CD1 HD1  sing N N 348 
TYR CD2 CE2  doub Y N 349 
TYR CD2 HD2  sing N N 350 
TYR CE1 CZ   doub Y N 351 
TYR CE1 HE1  sing N N 352 
TYR CE2 CZ   sing Y N 353 
TYR CE2 HE2  sing N N 354 
TYR CZ  OH   sing N N 355 
TYR OH  HH   sing N N 356 
TYR OXT HXT  sing N N 357 
VAL N   CA   sing N N 358 
VAL N   H    sing N N 359 
VAL N   H2   sing N N 360 
VAL CA  C    sing N N 361 
VAL CA  CB   sing N N 362 
VAL CA  HA   sing N N 363 
VAL C   O    doub N N 364 
VAL C   OXT  sing N N 365 
VAL CB  CG1  sing N N 366 
VAL CB  CG2  sing N N 367 
VAL CB  HB   sing N N 368 
VAL CG1 HG11 sing N N 369 
VAL CG1 HG12 sing N N 370 
VAL CG1 HG13 sing N N 371 
VAL CG2 HG21 sing N N 372 
VAL CG2 HG22 sing N N 373 
VAL CG2 HG23 sing N N 374 
VAL OXT HXT  sing N N 375 
# 
_pdbx_entity_nonpoly.entity_id   2 
_pdbx_entity_nonpoly.name        water 
_pdbx_entity_nonpoly.comp_id     HOH 
# 
_pdbx_initial_refinement_model.id               1 
_pdbx_initial_refinement_model.entity_id_list   ? 
_pdbx_initial_refinement_model.type             'experimental model' 
_pdbx_initial_refinement_model.source_name      PDB 
_pdbx_initial_refinement_model.accession_code   1UT4 
_pdbx_initial_refinement_model.details          'PDB ENTRY 1UT4' 
# 
